data_5X1K
#
_entry.id   5X1K
#
_cell.length_a   104.055
_cell.length_b   118.066
_cell.length_c   132.823
_cell.angle_alpha   90.00
_cell.angle_beta   90.00
_cell.angle_gamma   90.00
#
_symmetry.space_group_name_H-M   'P 21 21 2'
#
loop_
_entity.id
_entity.type
_entity.pdbx_description
1 polymer 'Vanillate/3-O-methylgallate O-demethylase'
2 non-polymer '3-methoxy-4,5-bis(oxidanyl)benzoic acid'
3 non-polymer 2-AMINO-2-HYDROXYMETHYL-PROPANE-1,3-DIOL
4 non-polymer DI(HYDROXYETHYL)ETHER
5 non-polymer 1,2-ETHANEDIOL
6 water water
#
_entity_poly.entity_id   1
_entity_poly.type   'polypeptide(L)'
_entity_poly.pdbx_seq_one_letter_code
;GSSMSAPTNLEQVLAAGGNTVEMLRNSQIGAYVYPVVAPEFSNWRTEQWAWRNSAVLFDQTHHMVDLYIRGKDALKLLSD
TMINSPKGWEPNKAKQYVPVTPYGHVIGDGIIFYLAEEEFVYVGRAPAANWLMYHAQTGGYNVDIVHDDRSPSRPMGKPV
QRISWRFQIQGPKAWDVIEKLHGGTLEKLKFFNMAEMNIAGMKIRTLRHGMAGAPGLEIWGPYETQEKARNAILEAGKEF
GLIPVGSRAYPSNTLESGWIPSPLPAIYTGDKLKAYREWLPANSYEASGAIGGSFVSSNIEDYYVNPYEIGYGPFVKFDH
DFIGRDALEAIDPATQRKKVTLAWNGDDMAKIYASLFDTEADAHYKFFDLPLANYANTNADAVLDAAGNVVGMSMFTGYS
YNEKRALSLATIDHEIPVGTELTVLWGEENGGTRKTTVEPHKQMAVRAVVSPVPYSVTARETYEGGWRKAAVTA
;
_entity_poly.pdbx_strand_id   A,B,C
#
loop_
_chem_comp.id
_chem_comp.type
_chem_comp.name
_chem_comp.formula
7WR non-polymer '3-methoxy-4,5-bis(oxidanyl)benzoic acid' 'C8 H8 O5'
EDO non-polymer 1,2-ETHANEDIOL 'C2 H6 O2'
PEG non-polymer DI(HYDROXYETHYL)ETHER 'C4 H10 O3'
TRS non-polymer 2-AMINO-2-HYDROXYMETHYL-PROPANE-1,3-DIOL 'C4 H12 N O3 1'
#
# COMPACT_ATOMS: atom_id res chain seq x y z
N ALA A 6 15.77 50.31 41.81
CA ALA A 6 15.74 49.67 43.11
C ALA A 6 15.60 48.13 43.03
N PRO A 7 14.57 47.59 42.35
CA PRO A 7 14.36 46.13 42.37
C PRO A 7 15.58 45.33 41.92
N THR A 8 15.99 44.35 42.72
CA THR A 8 17.11 43.49 42.36
C THR A 8 16.69 42.08 41.97
N ASN A 9 15.40 41.75 41.99
CA ASN A 9 15.00 40.38 41.66
C ASN A 9 13.56 40.41 41.18
N LEU A 10 13.07 39.25 40.75
CA LEU A 10 11.72 39.22 40.18
C LEU A 10 10.66 39.49 41.24
N GLU A 11 10.83 38.96 42.46
CA GLU A 11 9.84 39.23 43.50
C GLU A 11 9.65 40.72 43.70
N GLN A 12 10.75 41.45 43.91
CA GLN A 12 10.64 42.90 44.06
C GLN A 12 10.06 43.55 42.81
N VAL A 13 10.39 43.04 41.61
CA VAL A 13 9.80 43.58 40.39
C VAL A 13 8.28 43.42 40.39
N LEU A 14 7.79 42.25 40.79
CA LEU A 14 6.34 42.00 40.78
C LEU A 14 5.63 42.84 41.84
N ALA A 15 6.24 42.96 43.03
CA ALA A 15 5.64 43.74 44.09
C ALA A 15 5.48 45.19 43.67
N ALA A 16 6.45 45.71 42.93
CA ALA A 16 6.45 47.11 42.55
C ALA A 16 5.78 47.37 41.21
N GLY A 17 5.39 46.35 40.47
CA GLY A 17 5.10 46.57 39.05
C GLY A 17 3.66 46.44 38.62
N GLY A 18 2.71 46.48 39.57
CA GLY A 18 1.31 46.35 39.23
C GLY A 18 0.95 44.94 38.75
N ASN A 19 -0.16 44.85 38.01
CA ASN A 19 -0.66 43.59 37.49
C ASN A 19 0.40 42.89 36.63
N THR A 20 0.72 41.65 37.01
CA THR A 20 1.79 40.90 36.34
C THR A 20 1.51 40.71 34.86
N VAL A 21 0.28 40.35 34.49
CA VAL A 21 -0.03 40.21 33.08
C VAL A 21 0.20 41.53 32.35
N GLU A 22 -0.37 42.62 32.88
CA GLU A 22 -0.31 43.90 32.18
C GLU A 22 1.13 44.34 31.98
N MET A 23 1.99 44.02 32.94
CA MET A 23 3.41 44.38 32.84
C MET A 23 4.08 43.58 31.72
N LEU A 24 3.81 42.28 31.63
CA LEU A 24 4.47 41.45 30.61
C LEU A 24 3.91 41.73 29.22
N ARG A 25 2.63 42.05 29.13
CA ARG A 25 1.99 42.36 27.85
C ARG A 25 2.33 43.76 27.35
N ASN A 26 3.04 44.57 28.14
CA ASN A 26 3.48 45.88 27.70
C ASN A 26 4.99 46.06 27.80
N SER A 27 5.74 44.97 27.97
CA SER A 27 7.19 45.05 28.12
C SER A 27 7.83 45.76 26.93
N GLN A 28 8.89 46.51 27.21
CA GLN A 28 9.67 47.22 26.21
C GLN A 28 10.87 46.42 25.70
N ILE A 29 10.87 45.10 25.92
CA ILE A 29 12.02 44.25 25.59
C ILE A 29 12.30 44.23 24.09
N GLY A 30 11.28 44.41 23.27
CA GLY A 30 11.47 44.22 21.85
C GLY A 30 11.30 42.77 21.42
N ALA A 31 11.61 42.55 20.15
CA ALA A 31 11.44 41.22 19.55
C ALA A 31 12.34 40.20 20.23
N TYR A 32 11.91 38.94 20.18
CA TYR A 32 12.75 37.82 20.59
C TYR A 32 13.58 37.44 19.39
N VAL A 33 14.90 37.61 19.50
CA VAL A 33 15.82 37.59 18.37
C VAL A 33 16.57 36.26 18.34
N TYR A 34 16.77 35.73 17.12
CA TYR A 34 17.68 34.61 16.89
C TYR A 34 18.95 35.20 16.32
N PRO A 35 20.01 35.35 17.11
CA PRO A 35 21.07 36.31 16.78
C PRO A 35 22.23 35.74 15.96
N VAL A 36 23.09 36.69 15.53
CA VAL A 36 24.39 36.49 14.92
C VAL A 36 24.34 35.78 13.57
N VAL A 37 23.66 34.63 13.48
CA VAL A 37 23.57 33.95 12.19
C VAL A 37 22.93 34.91 11.19
N ALA A 38 23.47 34.94 9.98
CA ALA A 38 22.98 35.86 8.98
C ALA A 38 21.49 35.61 8.77
N PRO A 39 20.66 36.66 8.65
CA PRO A 39 19.24 36.42 8.42
C PRO A 39 18.98 35.48 7.26
N GLU A 40 19.65 35.69 6.12
CA GLU A 40 19.52 34.79 4.98
C GLU A 40 20.88 34.58 4.32
N PHE A 41 21.06 33.38 3.74
CA PHE A 41 22.21 33.10 2.90
C PHE A 41 21.83 33.11 1.43
N SER A 42 20.70 32.50 1.08
CA SER A 42 20.15 32.65 -0.26
C SER A 42 18.86 33.45 -0.16
N ASN A 43 17.78 32.79 0.22
CA ASN A 43 16.53 33.44 0.57
C ASN A 43 15.72 32.46 1.40
N TRP A 44 14.89 32.98 2.32
CA TRP A 44 14.27 32.08 3.28
C TRP A 44 13.33 31.06 2.63
N ARG A 45 12.74 31.39 1.49
CA ARG A 45 11.85 30.43 0.83
C ARG A 45 12.63 29.21 0.33
N THR A 46 13.72 29.44 -0.41
CA THR A 46 14.60 28.36 -0.85
C THR A 46 15.24 27.65 0.33
N GLU A 47 15.46 28.38 1.43
CA GLU A 47 16.07 27.70 2.58
C GLU A 47 15.07 26.76 3.26
N GLN A 48 13.81 27.19 3.39
CA GLN A 48 12.81 26.26 3.92
C GLN A 48 12.66 25.07 2.99
N TRP A 49 12.76 25.31 1.68
CA TRP A 49 12.54 24.27 0.70
C TRP A 49 13.63 23.20 0.80
N ALA A 50 14.86 23.61 1.13
CA ALA A 50 15.95 22.65 1.08
C ALA A 50 15.87 21.65 2.22
N TRP A 51 15.36 22.04 3.41
CA TRP A 51 15.33 21.04 4.49
C TRP A 51 14.29 19.98 4.23
N ARG A 52 13.34 20.23 3.33
CA ARG A 52 12.45 19.16 2.93
C ARG A 52 12.87 18.47 1.64
N ASN A 53 13.65 19.12 0.77
CA ASN A 53 13.92 18.55 -0.53
C ASN A 53 15.38 18.24 -0.84
N SER A 54 16.35 18.84 -0.14
CA SER A 54 17.74 18.49 -0.41
C SER A 54 18.49 18.27 0.90
N ALA A 55 19.23 19.27 1.36
CA ALA A 55 19.90 19.17 2.66
C ALA A 55 20.25 20.56 3.15
N VAL A 56 20.41 20.69 4.48
CA VAL A 56 20.66 21.99 5.07
C VAL A 56 21.67 21.88 6.20
N LEU A 57 22.41 22.94 6.40
CA LEU A 57 23.22 23.11 7.59
C LEU A 57 22.48 24.12 8.46
N PHE A 58 21.96 23.66 9.61
CA PHE A 58 21.36 24.55 10.62
C PHE A 58 22.46 25.04 11.55
N ASP A 59 22.57 26.35 11.71
CA ASP A 59 23.56 26.89 12.63
C ASP A 59 22.87 27.19 13.95
N GLN A 60 23.09 26.34 14.95
CA GLN A 60 22.43 26.52 16.25
C GLN A 60 23.37 27.12 17.29
N THR A 61 24.46 27.73 16.86
CA THR A 61 25.49 28.13 17.80
C THR A 61 25.08 29.31 18.67
N HIS A 62 24.05 30.06 18.31
CA HIS A 62 23.91 31.35 18.97
C HIS A 62 22.61 31.60 19.74
N HIS A 63 21.53 30.86 19.53
CA HIS A 63 20.24 31.26 20.06
C HIS A 63 19.82 30.51 21.35
N MET A 64 20.69 29.69 21.93
CA MET A 64 20.36 28.86 23.07
C MET A 64 21.36 29.09 24.20
N VAL A 65 20.86 29.12 25.43
CA VAL A 65 21.70 29.10 26.63
C VAL A 65 22.28 27.69 26.82
N ASP A 66 23.56 27.62 27.16
CA ASP A 66 24.23 26.34 27.43
C ASP A 66 24.65 26.32 28.89
N LEU A 67 24.36 25.21 29.57
CA LEU A 67 24.81 24.97 30.94
C LEU A 67 25.69 23.73 30.97
N TYR A 68 26.94 23.90 31.37
CA TYR A 68 27.84 22.77 31.54
C TYR A 68 27.83 22.34 33.01
N ILE A 69 27.34 21.13 33.26
CA ILE A 69 26.99 20.65 34.60
C ILE A 69 27.89 19.45 34.92
N ARG A 70 28.76 19.60 35.90
CA ARG A 70 29.73 18.58 36.26
C ARG A 70 29.69 18.30 37.76
N GLY A 71 29.82 17.03 38.12
CA GLY A 71 30.05 16.70 39.52
C GLY A 71 29.22 15.58 40.10
N LYS A 72 29.48 15.24 41.36
CA LYS A 72 28.93 14.01 41.93
C LYS A 72 27.41 14.03 41.92
N ASP A 73 26.79 15.18 42.18
CA ASP A 73 25.35 15.29 42.31
C ASP A 73 24.68 15.75 41.03
N ALA A 74 25.39 15.76 39.89
CA ALA A 74 24.82 16.30 38.66
C ALA A 74 23.59 15.51 38.25
N LEU A 75 23.70 14.17 38.23
CA LEU A 75 22.58 13.34 37.80
C LEU A 75 21.43 13.42 38.79
N LYS A 76 21.74 13.57 40.07
CA LYS A 76 20.67 13.77 41.06
C LYS A 76 19.98 15.11 40.88
N LEU A 77 20.72 16.17 40.52
CA LEU A 77 20.08 17.46 40.27
C LEU A 77 19.01 17.36 39.20
N LEU A 78 19.31 16.63 38.12
CA LEU A 78 18.37 16.54 36.99
C LEU A 78 17.20 15.61 37.32
N SER A 79 17.50 14.45 37.91
CA SER A 79 16.42 13.56 38.35
C SER A 79 15.48 14.25 39.32
N ASP A 80 16.04 14.97 40.30
CA ASP A 80 15.21 15.69 41.27
C ASP A 80 14.33 16.75 40.62
N THR A 81 14.68 17.26 39.43
CA THR A 81 13.94 18.38 38.85
C THR A 81 13.19 18.04 37.57
N MET A 82 13.35 16.82 37.01
CA MET A 82 12.72 16.52 35.73
C MET A 82 11.56 15.56 35.86
N ILE A 83 10.57 15.72 34.98
CA ILE A 83 9.52 14.73 34.87
C ILE A 83 10.01 13.45 34.21
N ASN A 84 11.11 13.51 33.48
CA ASN A 84 11.62 12.37 32.71
C ASN A 84 12.18 11.28 33.63
N SER A 85 12.15 10.04 33.13
CA SER A 85 12.69 8.96 33.93
C SER A 85 14.22 8.99 33.89
N PRO A 86 14.89 8.88 35.02
CA PRO A 86 16.34 8.63 35.01
C PRO A 86 16.73 7.16 34.93
N LYS A 87 15.79 6.23 35.04
CA LYS A 87 16.15 4.82 35.14
C LYS A 87 16.82 4.37 33.85
N GLY A 88 18.03 3.82 33.99
CA GLY A 88 18.77 3.30 32.86
C GLY A 88 19.63 4.31 32.15
N TRP A 89 19.47 5.60 32.47
CA TRP A 89 20.20 6.66 31.78
C TRP A 89 21.70 6.49 31.97
N GLU A 90 22.43 6.49 30.85
CA GLU A 90 23.87 6.32 30.83
C GLU A 90 24.48 7.28 29.83
N PRO A 91 25.79 7.61 29.97
CA PRO A 91 26.48 8.43 28.97
C PRO A 91 26.17 8.06 27.53
N ASN A 92 26.22 9.10 26.66
CA ASN A 92 25.94 9.06 25.23
C ASN A 92 24.47 8.80 24.94
N LYS A 93 23.60 9.27 25.83
CA LYS A 93 22.17 9.37 25.57
C LYS A 93 21.69 10.77 25.95
N ALA A 94 20.86 11.39 25.10
CA ALA A 94 20.33 12.71 25.44
C ALA A 94 18.85 12.59 25.78
N LYS A 95 18.34 13.58 26.53
CA LYS A 95 16.94 13.63 26.88
C LYS A 95 16.42 15.04 26.69
N GLN A 96 15.12 15.15 26.45
CA GLN A 96 14.48 16.46 26.45
C GLN A 96 13.99 16.76 27.86
N TYR A 97 14.88 17.30 28.67
CA TYR A 97 14.60 17.72 30.04
C TYR A 97 13.40 18.65 30.11
N VAL A 98 12.39 18.26 30.88
CA VAL A 98 11.24 19.14 31.12
C VAL A 98 11.02 19.28 32.61
N PRO A 99 11.22 20.47 33.20
CA PRO A 99 10.91 20.63 34.62
C PRO A 99 9.55 21.27 34.81
N VAL A 100 8.85 20.87 35.88
CA VAL A 100 7.61 21.50 36.32
C VAL A 100 7.79 22.04 37.74
N THR A 101 6.94 23.01 38.08
CA THR A 101 6.88 23.56 39.42
C THR A 101 6.17 22.61 40.38
N PRO A 102 6.22 22.90 41.71
CA PRO A 102 5.40 22.15 42.67
C PRO A 102 3.92 22.10 42.33
N TYR A 103 3.47 23.01 41.46
CA TYR A 103 2.06 23.08 41.12
C TYR A 103 1.73 22.33 39.83
N GLY A 104 2.72 21.62 39.26
CA GLY A 104 2.49 20.81 38.08
C GLY A 104 2.63 21.53 36.75
N HIS A 105 3.19 22.73 36.73
CA HIS A 105 3.21 23.59 35.55
C HIS A 105 4.58 23.62 34.89
N VAL A 106 4.60 23.64 33.55
CA VAL A 106 5.85 23.66 32.82
C VAL A 106 6.61 24.95 33.12
N ILE A 107 7.88 24.80 33.51
CA ILE A 107 8.83 25.91 33.63
C ILE A 107 9.51 26.22 32.31
N GLY A 108 9.94 25.17 31.61
CA GLY A 108 10.64 25.32 30.34
C GLY A 108 11.05 23.95 29.85
N ASP A 109 12.04 23.91 28.96
CA ASP A 109 12.57 22.63 28.52
C ASP A 109 13.86 22.88 27.75
N GLY A 110 14.59 21.80 27.54
CA GLY A 110 15.81 21.89 26.76
C GLY A 110 16.30 20.48 26.55
N ILE A 111 17.48 20.39 25.93
CA ILE A 111 18.12 19.12 25.65
C ILE A 111 19.26 18.95 26.64
N ILE A 112 19.28 17.82 27.34
CA ILE A 112 20.36 17.51 28.27
C ILE A 112 21.13 16.32 27.70
N PHE A 113 22.41 16.53 27.42
CA PHE A 113 23.30 15.49 26.93
C PHE A 113 24.01 14.90 28.12
N TYR A 114 23.95 13.58 28.25
CA TYR A 114 24.75 12.85 29.22
C TYR A 114 26.06 12.55 28.51
N LEU A 115 27.09 13.36 28.76
CA LEU A 115 28.33 13.32 27.99
C LEU A 115 29.35 12.32 28.50
N ALA A 116 29.38 12.08 29.80
CA ALA A 116 30.26 11.13 30.45
C ALA A 116 29.83 11.06 31.90
N GLU A 117 30.55 10.24 32.68
CA GLU A 117 30.27 10.12 34.10
C GLU A 117 30.37 11.48 34.76
N GLU A 118 29.27 11.93 35.36
CA GLU A 118 29.22 13.21 36.10
C GLU A 118 29.41 14.41 35.19
N GLU A 119 29.01 14.30 33.92
CA GLU A 119 29.24 15.37 32.94
C GLU A 119 28.02 15.49 32.03
N PHE A 120 27.29 16.59 32.16
CA PHE A 120 26.12 16.88 31.37
C PHE A 120 26.22 18.29 30.80
N VAL A 121 25.45 18.52 29.75
CA VAL A 121 25.29 19.84 29.14
C VAL A 121 23.81 20.05 28.89
N TYR A 122 23.28 21.20 29.37
CA TYR A 122 21.94 21.66 29.03
C TYR A 122 22.04 22.67 27.88
N VAL A 123 21.11 22.58 26.94
CA VAL A 123 21.08 23.43 25.75
C VAL A 123 19.63 23.79 25.51
N GLY A 124 19.29 25.07 25.57
CA GLY A 124 17.90 25.47 25.45
C GLY A 124 17.70 26.90 25.91
N ARG A 125 16.45 27.31 25.91
CA ARG A 125 16.10 28.67 26.30
C ARG A 125 16.47 28.94 27.76
N ALA A 126 16.38 30.20 28.14
CA ALA A 126 16.76 30.59 29.48
C ALA A 126 15.99 29.94 30.62
N PRO A 127 14.66 29.75 30.56
CA PRO A 127 13.92 29.47 31.83
C PRO A 127 14.38 28.22 32.57
N ALA A 128 14.56 27.08 31.86
CA ALA A 128 14.98 25.85 32.52
C ALA A 128 16.44 25.90 32.93
N ALA A 129 17.28 26.61 32.17
CA ALA A 129 18.62 26.94 32.66
C ALA A 129 18.57 27.65 34.00
N ASN A 130 17.72 28.66 34.11
CA ASN A 130 17.60 29.41 35.36
C ASN A 130 17.17 28.50 36.50
N TRP A 131 16.17 27.65 36.24
CA TRP A 131 15.67 26.73 37.25
C TRP A 131 16.76 25.78 37.75
N LEU A 132 17.60 25.29 36.84
CA LEU A 132 18.66 24.36 37.20
C LEU A 132 19.73 25.03 38.03
N MET A 133 20.16 26.23 37.62
CA MET A 133 21.17 26.96 38.40
C MET A 133 20.66 27.28 39.81
N TYR A 134 19.38 27.60 39.94
CA TYR A 134 18.85 27.96 41.25
C TYR A 134 18.97 26.78 42.22
N HIS A 135 18.55 25.59 41.76
CA HIS A 135 18.61 24.42 42.62
C HIS A 135 20.05 23.97 42.86
N ALA A 136 20.92 24.13 41.86
CA ALA A 136 22.31 23.77 42.05
C ALA A 136 22.97 24.65 43.11
N GLN A 137 22.55 25.92 43.19
CA GLN A 137 23.12 26.90 44.09
C GLN A 137 22.54 26.84 45.51
N THR A 138 21.22 26.62 45.62
CA THR A 138 20.54 26.70 46.90
C THR A 138 20.10 25.36 47.46
N GLY A 139 20.11 24.30 46.66
CA GLY A 139 19.65 23.03 47.19
C GLY A 139 20.72 22.14 47.75
N GLY A 140 21.94 22.65 47.93
CA GLY A 140 22.99 21.81 48.45
C GLY A 140 23.23 20.59 47.57
N TYR A 141 23.55 20.80 46.30
CA TYR A 141 24.02 19.75 45.42
C TYR A 141 25.53 19.90 45.25
N ASN A 142 26.25 18.80 45.28
CA ASN A 142 27.70 18.88 45.05
C ASN A 142 27.92 18.88 43.55
N VAL A 143 27.91 20.07 42.95
CA VAL A 143 27.89 20.21 41.51
C VAL A 143 28.48 21.57 41.14
N ASP A 144 29.14 21.62 39.99
CA ASP A 144 29.69 22.85 39.44
C ASP A 144 29.03 23.14 38.10
N ILE A 145 28.64 24.39 37.88
CA ILE A 145 27.93 24.79 36.67
C ILE A 145 28.65 25.95 36.01
N VAL A 146 28.82 25.85 34.69
CA VAL A 146 29.36 26.93 33.87
C VAL A 146 28.23 27.40 32.98
N HIS A 147 27.82 28.65 33.17
CA HIS A 147 26.72 29.25 32.42
C HIS A 147 27.29 29.97 31.21
N ASP A 148 26.81 29.61 30.01
CA ASP A 148 27.25 30.22 28.75
C ASP A 148 25.99 30.76 28.07
N ASP A 149 25.79 32.07 28.12
CA ASP A 149 24.55 32.66 27.66
C ASP A 149 24.40 32.56 26.13
N ARG A 150 23.15 32.63 25.67
CA ARG A 150 22.92 32.79 24.24
C ARG A 150 23.56 34.11 23.80
N SER A 151 23.80 34.25 22.51
CA SER A 151 24.53 35.42 22.04
C SER A 151 23.68 36.70 22.16
N PRO A 152 24.32 37.85 22.18
CA PRO A 152 23.57 39.11 22.33
C PRO A 152 22.70 39.36 21.11
N SER A 153 21.51 39.91 21.35
CA SER A 153 20.53 40.03 20.28
C SER A 153 21.00 40.98 19.18
N ARG A 154 21.77 42.02 19.53
CA ARG A 154 22.19 43.05 18.59
C ARG A 154 23.66 43.38 18.84
N PRO A 155 24.59 42.54 18.39
CA PRO A 155 26.01 42.75 18.69
C PRO A 155 26.64 43.98 18.04
N MET A 156 26.09 44.49 16.92
CA MET A 156 26.55 45.77 16.34
C MET A 156 28.04 45.75 16.03
N GLY A 157 28.54 44.64 15.48
CA GLY A 157 29.93 44.53 15.15
C GLY A 157 30.86 44.13 16.28
N LYS A 158 30.34 43.95 17.50
CA LYS A 158 31.18 43.42 18.57
C LYS A 158 31.49 41.94 18.31
N PRO A 159 32.66 41.47 18.75
CA PRO A 159 32.97 40.04 18.61
C PRO A 159 32.08 39.20 19.50
N VAL A 160 31.78 37.99 19.03
CA VAL A 160 30.86 37.08 19.72
C VAL A 160 31.56 35.74 19.94
N GLN A 161 31.48 35.24 21.17
CA GLN A 161 32.11 34.00 21.60
C GLN A 161 31.06 33.07 22.19
N ARG A 162 31.16 31.78 21.86
CA ARG A 162 30.50 30.71 22.59
C ARG A 162 31.56 29.73 23.07
N ILE A 163 31.20 28.85 24.01
CA ILE A 163 32.15 27.79 24.36
C ILE A 163 32.16 26.70 23.29
N SER A 164 30.99 26.41 22.71
CA SER A 164 30.82 25.38 21.69
C SER A 164 30.10 25.92 20.47
N TRP A 165 30.45 25.37 19.29
CA TRP A 165 29.58 25.51 18.13
C TRP A 165 28.63 24.32 18.11
N ARG A 166 27.45 24.52 17.56
CA ARG A 166 26.46 23.45 17.46
C ARG A 166 25.73 23.59 16.14
N PHE A 167 25.77 22.53 15.32
CA PHE A 167 25.13 22.45 14.01
C PHE A 167 24.20 21.25 13.95
N GLN A 168 23.22 21.33 13.07
CA GLN A 168 22.48 20.16 12.58
C GLN A 168 22.63 20.07 11.07
N ILE A 169 22.67 18.83 10.55
CA ILE A 169 22.59 18.54 9.13
C ILE A 169 21.32 17.73 8.91
N GLN A 170 20.38 18.29 8.15
CA GLN A 170 19.05 17.71 8.04
C GLN A 170 18.60 17.76 6.59
N GLY A 171 17.57 16.97 6.30
CA GLY A 171 17.00 16.94 4.98
C GLY A 171 17.11 15.56 4.38
N PRO A 172 16.32 15.31 3.34
CA PRO A 172 16.36 13.98 2.68
C PRO A 172 17.76 13.48 2.33
N LYS A 173 18.67 14.36 1.96
CA LYS A 173 20.03 13.97 1.58
C LYS A 173 21.04 14.19 2.69
N ALA A 174 20.60 14.45 3.92
CA ALA A 174 21.55 14.73 5.00
C ALA A 174 22.48 13.55 5.24
N TRP A 175 21.92 12.34 5.33
CA TRP A 175 22.79 11.19 5.63
C TRP A 175 23.85 10.97 4.53
N ASP A 176 23.53 11.28 3.27
CA ASP A 176 24.54 11.22 2.21
C ASP A 176 25.68 12.20 2.47
N VAL A 177 25.34 13.40 2.94
CA VAL A 177 26.37 14.37 3.27
C VAL A 177 27.18 13.87 4.45
N ILE A 178 26.48 13.39 5.48
CA ILE A 178 27.13 12.92 6.70
C ILE A 178 28.12 11.81 6.38
N GLU A 179 27.72 10.88 5.53
CA GLU A 179 28.61 9.76 5.21
C GLU A 179 29.76 10.20 4.30
N LYS A 180 29.52 11.18 3.43
CA LYS A 180 30.64 11.70 2.64
C LYS A 180 31.70 12.31 3.54
N LEU A 181 31.28 13.18 4.47
CA LEU A 181 32.18 13.73 5.47
C LEU A 181 32.83 12.62 6.32
N HIS A 182 32.06 11.64 6.74
CA HIS A 182 32.62 10.63 7.64
C HIS A 182 33.69 9.78 6.93
N GLY A 183 33.51 9.52 5.64
CA GLY A 183 34.45 8.71 4.87
C GLY A 183 34.02 7.28 4.69
N GLY A 184 32.76 6.97 4.97
CA GLY A 184 32.29 5.60 4.97
C GLY A 184 30.94 5.58 5.67
N THR A 185 30.34 4.40 5.68
CA THR A 185 29.04 4.20 6.30
C THR A 185 29.06 4.68 7.74
N LEU A 186 28.00 5.40 8.15
CA LEU A 186 27.84 5.79 9.55
C LEU A 186 26.56 5.15 10.07
N GLU A 187 26.67 4.41 11.17
CA GLU A 187 25.50 3.71 11.69
C GLU A 187 24.45 4.70 12.21
N LYS A 188 23.19 4.50 11.83
CA LYS A 188 22.10 5.32 12.35
C LYS A 188 21.65 4.75 13.70
N LEU A 189 21.93 5.48 14.78
CA LEU A 189 21.50 5.03 16.09
C LEU A 189 20.02 5.38 16.29
N LYS A 190 19.48 4.98 17.43
CA LYS A 190 18.12 5.39 17.71
C LYS A 190 18.10 6.89 18.05
N PHE A 191 16.93 7.50 17.90
CA PHE A 191 16.79 8.94 18.19
C PHE A 191 17.41 9.29 19.53
N PHE A 192 18.18 10.39 19.54
CA PHE A 192 18.82 10.99 20.70
C PHE A 192 19.93 10.14 21.31
N ASN A 193 20.40 9.11 20.62
CA ASN A 193 21.62 8.43 21.06
C ASN A 193 22.84 9.11 20.45
N MET A 194 23.92 9.12 21.20
CA MET A 194 25.11 9.87 20.86
C MET A 194 26.25 8.94 20.46
N ALA A 195 27.05 9.38 19.51
CA ALA A 195 28.26 8.68 19.12
C ALA A 195 29.25 9.70 18.55
N GLU A 196 29.95 9.35 17.48
CA GLU A 196 30.92 10.27 16.90
C GLU A 196 31.03 10.01 15.41
N MET A 197 31.72 10.93 14.74
CA MET A 197 31.92 10.87 13.30
C MET A 197 33.19 11.66 12.99
N ASN A 198 33.74 11.39 11.79
CA ASN A 198 34.87 12.18 11.29
C ASN A 198 34.37 13.38 10.51
N ILE A 199 34.95 14.55 10.77
CA ILE A 199 34.80 15.73 9.90
C ILE A 199 36.18 16.37 9.79
N ALA A 200 36.79 16.28 8.60
CA ALA A 200 38.07 16.95 8.31
C ALA A 200 39.14 16.61 9.35
N GLY A 201 39.26 15.32 9.67
CA GLY A 201 40.31 14.87 10.56
C GLY A 201 40.01 15.03 12.03
N MET A 202 38.81 15.49 12.38
CA MET A 202 38.43 15.67 13.77
C MET A 202 37.39 14.63 14.15
N LYS A 203 37.48 14.14 15.39
CA LYS A 203 36.40 13.32 15.92
C LYS A 203 35.32 14.26 16.47
N ILE A 204 34.17 14.28 15.81
CA ILE A 204 33.06 15.17 16.16
C ILE A 204 31.97 14.33 16.80
N ARG A 205 31.54 14.74 17.99
CA ARG A 205 30.46 14.02 18.65
C ARG A 205 29.13 14.32 17.99
N THR A 206 28.23 13.35 18.02
CA THR A 206 27.01 13.40 17.25
C THR A 206 25.84 13.04 18.14
N LEU A 207 24.67 13.53 17.73
CA LEU A 207 23.38 13.25 18.35
C LEU A 207 22.44 12.83 17.25
N ARG A 208 21.95 11.60 17.31
CA ARG A 208 21.01 11.12 16.30
C ARG A 208 19.76 11.99 16.32
N HIS A 209 19.37 12.47 15.16
CA HIS A 209 18.28 13.42 15.07
C HIS A 209 17.50 13.10 13.82
N GLY A 210 16.62 14.00 13.42
CA GLY A 210 15.97 13.84 12.13
C GLY A 210 14.83 14.83 11.95
N MET A 211 14.20 14.74 10.79
CA MET A 211 13.15 15.67 10.42
C MET A 211 12.34 15.06 9.28
N ALA A 212 11.02 15.05 9.43
CA ALA A 212 10.11 14.74 8.35
C ALA A 212 10.46 13.40 7.68
N GLY A 213 10.84 12.42 8.48
CA GLY A 213 11.05 11.08 7.99
C GLY A 213 12.43 10.79 7.45
N ALA A 214 13.36 11.75 7.50
CA ALA A 214 14.73 11.56 7.03
C ALA A 214 15.71 11.66 8.19
N PRO A 215 16.70 10.77 8.25
CA PRO A 215 17.65 10.81 9.37
C PRO A 215 18.61 11.98 9.26
N GLY A 216 18.99 12.50 10.43
CA GLY A 216 19.89 13.62 10.50
C GLY A 216 20.72 13.52 11.76
N LEU A 217 21.57 14.54 11.93
CA LEU A 217 22.48 14.62 13.06
C LEU A 217 22.55 16.03 13.59
N GLU A 218 22.67 16.14 14.90
CA GLU A 218 23.19 17.32 15.54
C GLU A 218 24.64 17.03 15.91
N ILE A 219 25.48 18.05 15.76
CA ILE A 219 26.92 17.91 15.97
C ILE A 219 27.39 19.13 16.71
N TRP A 220 28.49 18.99 17.43
CA TRP A 220 28.99 20.13 18.18
C TRP A 220 30.46 19.90 18.44
N GLY A 221 31.14 20.95 18.85
CA GLY A 221 32.54 20.86 19.19
C GLY A 221 33.00 22.16 19.81
N PRO A 222 34.28 22.26 20.16
CA PRO A 222 34.79 23.51 20.74
C PRO A 222 34.76 24.65 19.72
N TYR A 223 34.43 25.85 20.22
CA TYR A 223 34.20 27.00 19.37
C TYR A 223 35.32 27.23 18.35
N GLU A 224 36.57 26.94 18.72
CA GLU A 224 37.70 27.25 17.87
C GLU A 224 37.72 26.46 16.55
N THR A 225 37.06 25.30 16.50
CA THR A 225 37.03 24.48 15.30
C THR A 225 35.75 24.70 14.49
N GLN A 226 34.97 25.75 14.77
CA GLN A 226 33.73 25.98 14.05
C GLN A 226 33.98 26.10 12.55
N GLU A 227 34.88 26.99 12.16
CA GLU A 227 35.07 27.25 10.73
C GLU A 227 35.54 25.99 10.00
N LYS A 228 36.48 25.25 10.60
CA LYS A 228 36.97 24.04 9.98
C LYS A 228 35.84 23.06 9.71
N ALA A 229 34.95 22.89 10.69
CA ALA A 229 33.80 22.02 10.46
C ALA A 229 32.82 22.64 9.45
N ARG A 230 32.48 23.92 9.61
CA ARG A 230 31.48 24.53 8.73
CA ARG A 230 31.48 24.54 8.73
C ARG A 230 31.88 24.41 7.26
N ASN A 231 33.13 24.75 6.94
CA ASN A 231 33.56 24.76 5.56
C ASN A 231 33.62 23.33 4.99
N ALA A 232 34.01 22.36 5.82
CA ALA A 232 33.99 20.97 5.38
C ALA A 232 32.56 20.50 5.09
N ILE A 233 31.60 20.93 5.91
CA ILE A 233 30.21 20.54 5.70
C ILE A 233 29.68 21.12 4.41
N LEU A 234 29.92 22.42 4.19
CA LEU A 234 29.43 23.09 2.99
C LEU A 234 30.07 22.50 1.74
N GLU A 235 31.39 22.31 1.76
CA GLU A 235 32.05 21.76 0.58
C GLU A 235 31.52 20.38 0.24
N ALA A 236 31.46 19.47 1.22
CA ALA A 236 31.01 18.11 0.92
C ALA A 236 29.55 18.07 0.49
N GLY A 237 28.75 19.05 0.89
CA GLY A 237 27.33 18.96 0.60
C GLY A 237 26.86 19.57 -0.70
N LYS A 238 27.73 20.31 -1.40
CA LYS A 238 27.34 20.90 -2.69
C LYS A 238 26.86 19.83 -3.64
N GLU A 239 27.53 18.68 -3.68
CA GLU A 239 27.10 17.58 -4.53
C GLU A 239 25.62 17.28 -4.34
N PHE A 240 25.14 17.36 -3.10
CA PHE A 240 23.77 16.98 -2.77
C PHE A 240 22.83 18.19 -2.60
N GLY A 241 23.29 19.40 -2.91
CA GLY A 241 22.43 20.56 -2.87
C GLY A 241 22.23 21.13 -1.48
N LEU A 242 23.08 20.74 -0.53
CA LEU A 242 23.03 21.29 0.82
C LEU A 242 23.28 22.79 0.79
N ILE A 243 22.47 23.54 1.53
CA ILE A 243 22.73 24.96 1.65
C ILE A 243 22.63 25.39 3.10
N PRO A 244 23.33 26.44 3.51
CA PRO A 244 23.15 26.95 4.87
C PRO A 244 21.81 27.66 5.05
N VAL A 245 21.19 27.46 6.20
CA VAL A 245 19.95 28.16 6.54
C VAL A 245 20.30 29.34 7.45
N GLY A 246 19.63 30.48 7.22
CA GLY A 246 19.84 31.65 8.04
C GLY A 246 18.82 31.78 9.16
N SER A 247 18.98 32.83 9.96
CA SER A 247 18.17 32.98 11.16
C SER A 247 16.74 33.41 10.85
N ARG A 248 16.46 33.90 9.65
CA ARG A 248 15.08 34.25 9.34
C ARG A 248 14.24 33.00 9.11
N ALA A 249 14.72 32.08 8.25
CA ALA A 249 13.98 30.84 8.00
C ALA A 249 14.07 29.86 9.16
N TYR A 250 15.20 29.82 9.88
CA TYR A 250 15.45 28.76 10.84
C TYR A 250 14.34 28.55 11.89
N PRO A 251 13.97 29.54 12.70
CA PRO A 251 13.01 29.25 13.78
C PRO A 251 11.63 28.87 13.28
N SER A 252 11.35 29.04 12.00
CA SER A 252 10.09 28.58 11.45
C SER A 252 10.05 27.07 11.24
N ASN A 253 11.16 26.37 11.39
CA ASN A 253 11.15 24.93 11.16
C ASN A 253 10.17 24.24 12.10
N THR A 254 10.07 24.71 13.35
CA THR A 254 9.29 23.97 14.32
C THR A 254 7.80 24.04 14.08
N LEU A 255 7.34 24.92 13.19
CA LEU A 255 5.93 24.88 12.79
C LEU A 255 5.59 23.61 12.02
N GLU A 256 6.57 23.00 11.33
CA GLU A 256 6.36 21.73 10.64
C GLU A 256 6.60 20.54 11.56
N SER A 257 7.51 20.67 12.54
CA SER A 257 7.89 19.56 13.39
C SER A 257 6.96 19.41 14.60
N GLY A 258 6.55 20.52 15.23
CA GLY A 258 5.55 20.49 16.29
C GLY A 258 6.04 20.85 17.68
N TRP A 259 7.31 21.18 17.88
CA TRP A 259 7.76 21.53 19.22
C TRP A 259 7.40 23.00 19.51
N ILE A 260 6.76 23.23 20.66
CA ILE A 260 6.40 24.59 21.07
C ILE A 260 7.54 25.12 21.93
N PRO A 261 8.27 26.15 21.47
CA PRO A 261 9.47 26.58 22.21
C PRO A 261 9.18 27.56 23.34
N SER A 262 7.97 28.10 23.42
CA SER A 262 7.74 29.32 24.20
C SER A 262 6.66 29.21 25.26
N PRO A 263 6.61 28.13 26.05
CA PRO A 263 5.72 28.15 27.22
C PRO A 263 6.16 29.26 28.17
N LEU A 264 5.19 29.98 28.72
CA LEU A 264 5.48 30.95 29.77
C LEU A 264 6.04 30.24 30.98
N PRO A 265 7.18 30.65 31.50
CA PRO A 265 7.68 30.02 32.74
C PRO A 265 6.72 30.27 33.88
N ALA A 266 6.16 29.20 34.43
CA ALA A 266 4.98 29.34 35.29
C ALA A 266 5.35 29.59 36.74
N ILE A 267 6.15 30.63 36.98
CA ILE A 267 6.80 30.82 38.26
C ILE A 267 6.34 32.10 38.97
N TYR A 268 5.32 32.76 38.44
CA TYR A 268 4.95 34.11 38.89
C TYR A 268 4.05 34.13 40.12
N THR A 269 3.57 32.98 40.57
CA THR A 269 2.65 32.87 41.69
C THR A 269 2.99 31.61 42.44
N GLY A 270 2.38 31.45 43.63
CA GLY A 270 2.55 30.28 44.46
C GLY A 270 3.59 30.53 45.53
N ASP A 271 3.23 30.25 46.79
CA ASP A 271 4.15 30.43 47.91
C ASP A 271 5.40 29.58 47.76
N LYS A 272 5.25 28.39 47.17
CA LYS A 272 6.40 27.51 47.02
C LYS A 272 7.43 28.04 46.04
N LEU A 273 7.04 29.00 45.18
CA LEU A 273 7.95 29.57 44.20
C LEU A 273 8.50 30.93 44.62
N LYS A 274 8.16 31.41 45.83
CA LYS A 274 8.60 32.75 46.23
C LYS A 274 10.11 32.83 46.33
N ALA A 275 10.75 31.83 46.96
CA ALA A 275 12.20 31.83 47.02
C ALA A 275 12.86 31.80 45.63
N TYR A 276 12.18 31.24 44.62
CA TYR A 276 12.74 31.29 43.27
C TYR A 276 12.61 32.69 42.68
N ARG A 277 11.44 33.34 42.85
CA ARG A 277 11.27 34.73 42.43
C ARG A 277 12.30 35.67 43.09
N GLU A 278 12.71 35.39 44.34
CA GLU A 278 13.75 36.19 44.99
C GLU A 278 15.12 35.90 44.42
N TRP A 279 15.29 34.73 43.82
CA TRP A 279 16.57 34.39 43.26
C TRP A 279 16.72 34.94 41.83
N LEU A 280 15.65 34.93 41.05
CA LEU A 280 15.70 35.41 39.67
C LEU A 280 16.06 36.89 39.61
N PRO A 281 17.03 37.29 38.79
CA PRO A 281 17.39 38.71 38.70
C PRO A 281 16.29 39.56 38.10
N ALA A 282 16.38 40.86 38.39
CA ALA A 282 15.41 41.82 37.87
C ALA A 282 15.51 41.96 36.37
N ASN A 283 16.65 41.63 35.77
CA ASN A 283 16.78 41.66 34.33
C ASN A 283 16.80 40.27 33.71
N SER A 284 16.31 39.27 34.44
CA SER A 284 16.17 37.91 33.90
C SER A 284 15.15 37.87 32.75
N TYR A 285 15.24 36.80 31.95
CA TYR A 285 14.18 36.45 31.01
C TYR A 285 12.78 36.61 31.63
N GLU A 286 12.59 36.04 32.82
CA GLU A 286 11.26 35.99 33.41
C GLU A 286 10.75 37.39 33.78
N ALA A 287 11.65 38.29 34.21
CA ALA A 287 11.23 39.62 34.65
C ALA A 287 11.09 40.62 33.50
N SER A 288 11.90 40.49 32.45
CA SER A 288 12.00 41.54 31.43
C SER A 288 11.32 41.21 30.12
N GLY A 289 11.03 39.93 29.86
CA GLY A 289 10.45 39.50 28.60
C GLY A 289 9.01 39.97 28.49
N ALA A 290 8.35 39.48 27.43
CA ALA A 290 7.06 39.99 26.99
C ALA A 290 6.11 38.85 26.66
N ILE A 291 4.83 39.15 26.77
CA ILE A 291 3.75 38.28 26.29
C ILE A 291 3.00 39.04 25.21
N GLY A 292 2.77 38.41 24.06
CA GLY A 292 2.01 39.02 23.00
C GLY A 292 0.90 38.09 22.54
N GLY A 293 -0.11 38.70 21.94
CA GLY A 293 -1.25 37.94 21.43
C GLY A 293 -2.57 38.39 22.03
N SER A 294 -3.65 37.85 21.44
CA SER A 294 -5.01 38.25 21.74
C SER A 294 -5.57 37.69 23.04
N PHE A 295 -4.93 36.70 23.66
CA PHE A 295 -5.49 36.12 24.88
C PHE A 295 -5.28 37.07 26.04
N VAL A 296 -6.38 37.45 26.71
CA VAL A 296 -6.36 38.43 27.80
C VAL A 296 -6.91 37.80 29.06
N SER A 297 -6.16 37.90 30.14
CA SER A 297 -6.63 37.55 31.48
C SER A 297 -5.87 38.41 32.47
N SER A 298 -6.55 38.87 33.52
CA SER A 298 -5.79 39.54 34.56
C SER A 298 -5.12 38.56 35.51
N ASN A 299 -5.39 37.27 35.36
CA ASN A 299 -4.73 36.23 36.14
C ASN A 299 -3.61 35.63 35.30
N ILE A 300 -2.37 35.80 35.77
CA ILE A 300 -1.25 35.27 35.01
C ILE A 300 -1.29 33.75 34.94
N GLU A 301 -1.93 33.09 35.91
CA GLU A 301 -1.99 31.63 35.93
C GLU A 301 -2.71 31.07 34.71
N ASP A 302 -3.58 31.86 34.08
CA ASP A 302 -4.27 31.44 32.89
C ASP A 302 -3.33 31.25 31.70
N TYR A 303 -2.09 31.71 31.80
CA TYR A 303 -1.11 31.54 30.74
C TYR A 303 -0.25 30.31 30.93
N TYR A 304 -0.37 29.61 32.06
CA TYR A 304 0.48 28.45 32.32
C TYR A 304 0.02 27.24 31.50
N VAL A 305 0.92 26.27 31.34
CA VAL A 305 0.59 25.00 30.75
C VAL A 305 1.24 23.91 31.60
N ASN A 306 0.61 22.73 31.62
CA ASN A 306 1.21 21.57 32.24
C ASN A 306 1.76 20.65 31.15
N PRO A 307 2.59 19.68 31.50
CA PRO A 307 3.31 18.94 30.45
C PRO A 307 2.41 18.16 29.51
N TYR A 308 1.25 17.69 29.99
CA TYR A 308 0.32 16.96 29.14
C TYR A 308 -0.21 17.83 28.01
N GLU A 309 -0.31 19.13 28.24
CA GLU A 309 -1.01 20.02 27.31
C GLU A 309 -0.18 20.41 26.10
N ILE A 310 1.14 20.26 26.18
CA ILE A 310 1.96 20.64 25.05
C ILE A 310 2.77 19.43 24.60
N GLY A 311 2.27 18.22 24.89
CA GLY A 311 2.81 17.01 24.30
C GLY A 311 3.93 16.33 25.07
N TYR A 312 4.24 16.79 26.28
CA TYR A 312 5.23 16.10 27.09
C TYR A 312 4.61 15.02 27.97
N GLY A 313 3.33 14.74 27.81
CA GLY A 313 2.71 13.65 28.54
C GLY A 313 3.53 12.37 28.54
N PRO A 314 3.85 11.87 27.34
CA PRO A 314 4.65 10.63 27.25
C PRO A 314 5.97 10.63 28.03
N PHE A 315 6.52 11.80 28.38
CA PHE A 315 7.80 11.81 29.10
C PHE A 315 7.64 11.57 30.59
N VAL A 316 6.43 11.75 31.11
CA VAL A 316 6.19 11.71 32.56
C VAL A 316 6.30 10.27 33.05
N LYS A 317 7.30 10.03 33.90
CA LYS A 317 7.50 8.73 34.53
C LYS A 317 7.51 8.88 36.05
N PHE A 318 6.58 8.18 36.72
CA PHE A 318 6.48 8.19 38.17
C PHE A 318 7.38 7.15 38.82
N ASP A 319 8.61 7.04 38.37
CA ASP A 319 9.57 6.06 38.85
C ASP A 319 10.71 6.70 39.63
N HIS A 320 10.57 7.96 40.01
CA HIS A 320 11.63 8.67 40.72
C HIS A 320 10.99 9.84 41.43
N ASP A 321 11.71 10.41 42.38
CA ASP A 321 11.21 11.59 43.10
C ASP A 321 11.53 12.84 42.29
N PHE A 322 10.53 13.70 42.11
CA PHE A 322 10.83 14.96 41.45
C PHE A 322 9.82 16.03 41.87
N ILE A 323 10.28 17.29 41.81
CA ILE A 323 9.44 18.45 42.07
C ILE A 323 8.20 18.41 41.20
N GLY A 324 7.03 18.50 41.85
CA GLY A 324 5.75 18.50 41.18
C GLY A 324 5.18 17.13 40.91
N ARG A 325 5.85 16.07 41.36
CA ARG A 325 5.35 14.73 41.06
C ARG A 325 3.92 14.55 41.55
N ASP A 326 3.64 14.98 42.80
CA ASP A 326 2.31 14.79 43.36
C ASP A 326 1.27 15.57 42.57
N ALA A 327 1.60 16.78 42.12
CA ALA A 327 0.64 17.53 41.33
C ALA A 327 0.37 16.82 40.01
N LEU A 328 1.42 16.23 39.40
CA LEU A 328 1.24 15.50 38.16
C LEU A 328 0.44 14.20 38.36
N GLU A 329 0.67 13.49 39.47
CA GLU A 329 -0.10 12.26 39.67
C GLU A 329 -1.59 12.55 39.81
N ALA A 330 -1.96 13.72 40.37
CA ALA A 330 -3.37 14.05 40.57
C ALA A 330 -4.10 14.48 39.31
N ILE A 331 -3.38 14.77 38.23
CA ILE A 331 -3.99 15.16 36.96
C ILE A 331 -4.54 13.92 36.27
N ASP A 332 -5.65 14.08 35.56
CA ASP A 332 -6.10 13.03 34.67
C ASP A 332 -5.66 13.35 33.25
N PRO A 333 -4.69 12.62 32.67
CA PRO A 333 -4.24 12.96 31.31
C PRO A 333 -5.34 12.93 30.25
N ALA A 334 -6.45 12.22 30.50
CA ALA A 334 -7.47 12.12 29.46
C ALA A 334 -8.28 13.39 29.30
N THR A 335 -8.22 14.33 30.24
CA THR A 335 -9.02 15.54 30.13
C THR A 335 -8.21 16.79 29.80
N GLN A 336 -6.89 16.68 29.71
CA GLN A 336 -6.05 17.84 29.49
C GLN A 336 -6.17 18.38 28.07
N ARG A 337 -5.81 19.65 27.88
CA ARG A 337 -5.78 20.19 26.52
C ARG A 337 -4.71 19.44 25.72
N LYS A 338 -4.86 19.41 24.40
CA LYS A 338 -3.94 18.67 23.53
C LYS A 338 -3.25 19.59 22.53
N LYS A 339 -1.97 19.33 22.27
CA LYS A 339 -1.27 20.11 21.26
C LYS A 339 -1.70 19.69 19.86
N VAL A 340 -1.93 20.67 19.01
CA VAL A 340 -2.29 20.45 17.61
C VAL A 340 -1.57 21.50 16.76
N THR A 341 -1.59 21.29 15.44
CA THR A 341 -1.22 22.33 14.49
C THR A 341 -2.49 22.95 13.96
N LEU A 342 -2.48 24.27 13.78
CA LEU A 342 -3.62 24.99 13.21
C LEU A 342 -3.22 25.54 11.84
N ALA A 343 -3.95 25.12 10.81
CA ALA A 343 -3.71 25.56 9.44
C ALA A 343 -4.58 26.77 9.15
N TRP A 344 -3.95 27.91 8.91
CA TRP A 344 -4.69 29.17 8.80
C TRP A 344 -5.25 29.33 7.40
N ASN A 345 -6.47 29.85 7.32
CA ASN A 345 -7.20 29.98 6.06
C ASN A 345 -6.49 30.97 5.12
N GLY A 346 -6.16 30.50 3.92
CA GLY A 346 -5.40 31.33 3.00
C GLY A 346 -6.12 32.59 2.56
N ASP A 347 -7.45 32.56 2.49
CA ASP A 347 -8.17 33.79 2.16
C ASP A 347 -8.05 34.81 3.29
N ASP A 348 -8.05 34.34 4.54
CA ASP A 348 -7.91 35.26 5.68
C ASP A 348 -6.51 35.86 5.71
N MET A 349 -5.49 35.04 5.45
CA MET A 349 -4.12 35.55 5.28
C MET A 349 -4.07 36.61 4.19
N ALA A 350 -4.69 36.32 3.05
CA ALA A 350 -4.68 37.31 1.97
C ALA A 350 -5.33 38.60 2.43
N LYS A 351 -6.46 38.49 3.15
CA LYS A 351 -7.10 39.69 3.69
C LYS A 351 -6.16 40.44 4.63
N ILE A 352 -5.45 39.71 5.50
CA ILE A 352 -4.53 40.36 6.43
C ILE A 352 -3.49 41.18 5.68
N TYR A 353 -2.85 40.59 4.66
CA TYR A 353 -1.80 41.32 3.94
C TYR A 353 -2.39 42.47 3.13
N ALA A 354 -3.51 42.23 2.45
CA ALA A 354 -4.16 43.26 1.65
C ALA A 354 -4.29 44.58 2.41
N SER A 355 -4.61 44.51 3.71
CA SER A 355 -4.89 45.72 4.48
C SER A 355 -3.66 46.63 4.60
N LEU A 356 -2.45 46.08 4.45
CA LEU A 356 -1.27 46.93 4.43
C LEU A 356 -1.26 47.88 3.24
N PHE A 357 -2.04 47.59 2.19
CA PHE A 357 -2.04 48.39 0.98
C PHE A 357 -3.33 49.18 0.79
N ASP A 358 -4.11 49.36 1.86
CA ASP A 358 -5.35 50.13 1.80
C ASP A 358 -5.04 51.54 2.29
N THR A 359 -5.06 52.51 1.38
CA THR A 359 -4.75 53.90 1.70
C THR A 359 -5.93 54.65 2.29
N GLU A 360 -7.11 54.03 2.35
CA GLU A 360 -8.30 54.69 2.88
C GLU A 360 -8.67 54.25 4.29
N ALA A 361 -8.40 53.00 4.67
CA ALA A 361 -8.91 52.46 5.92
C ALA A 361 -8.19 53.04 7.15
N ASP A 362 -8.94 53.14 8.25
CA ASP A 362 -8.40 53.75 9.47
C ASP A 362 -7.37 52.86 10.15
N ALA A 363 -7.52 51.54 10.04
CA ALA A 363 -6.60 50.61 10.67
C ALA A 363 -6.43 49.40 9.75
N HIS A 364 -5.30 48.71 9.91
CA HIS A 364 -5.00 47.46 9.20
C HIS A 364 -4.85 46.33 10.22
N TYR A 365 -4.85 45.10 9.73
CA TYR A 365 -4.67 43.95 10.60
C TYR A 365 -3.21 43.81 11.01
N LYS A 366 -2.98 43.08 12.10
CA LYS A 366 -1.65 43.00 12.71
C LYS A 366 -0.62 42.46 11.71
N PHE A 367 0.52 43.12 11.61
CA PHE A 367 1.53 42.69 10.66
C PHE A 367 1.97 41.27 10.99
N PHE A 368 1.89 40.40 9.98
CA PHE A 368 2.23 38.98 10.05
C PHE A 368 3.55 38.80 9.30
N ASP A 369 4.67 38.79 10.01
CA ASP A 369 5.96 38.66 9.36
C ASP A 369 6.16 37.24 8.79
N LEU A 370 6.99 37.14 7.75
CA LEU A 370 7.27 35.89 7.05
C LEU A 370 8.76 35.59 7.14
N PRO A 371 9.16 34.35 7.48
CA PRO A 371 8.25 33.24 7.76
C PRO A 371 7.89 33.02 9.22
N LEU A 372 8.37 33.86 10.14
CA LEU A 372 7.98 33.80 11.55
C LEU A 372 7.23 35.07 11.92
N ALA A 373 6.06 34.92 12.55
CA ALA A 373 5.22 36.08 12.86
C ALA A 373 5.15 36.42 14.34
N ASN A 374 5.88 35.73 15.21
CA ASN A 374 5.82 36.03 16.63
C ASN A 374 6.30 37.46 16.87
N TYR A 375 5.75 38.09 17.91
CA TYR A 375 6.25 39.41 18.28
C TYR A 375 6.50 39.50 19.79
N ALA A 376 6.69 38.37 20.44
CA ALA A 376 7.12 38.36 21.83
C ALA A 376 7.93 37.11 22.04
N ASN A 377 8.51 36.99 23.20
CA ASN A 377 9.18 35.75 23.53
C ASN A 377 8.17 34.69 23.97
N THR A 378 7.03 35.10 24.53
CA THR A 378 5.91 34.21 24.84
C THR A 378 4.71 34.62 24.01
N ASN A 379 4.07 33.65 23.35
CA ASN A 379 2.94 33.92 22.47
C ASN A 379 1.65 33.31 23.02
N ALA A 380 0.55 34.07 22.95
CA ALA A 380 -0.73 33.62 23.51
C ALA A 380 -1.86 34.32 22.75
N ASP A 381 -2.29 33.71 21.66
CA ASP A 381 -3.47 34.12 20.91
C ASP A 381 -4.64 33.23 21.32
N ALA A 382 -5.83 33.81 21.40
CA ALA A 382 -7.03 33.06 21.76
C ALA A 382 -7.51 32.22 20.58
N VAL A 383 -7.85 30.97 20.86
CA VAL A 383 -8.53 30.09 19.91
C VAL A 383 -9.99 29.98 20.37
N LEU A 384 -10.91 30.26 19.45
CA LEU A 384 -12.34 30.30 19.76
C LEU A 384 -13.12 29.30 18.91
N ASP A 385 -14.22 28.80 19.49
CA ASP A 385 -15.18 27.99 18.75
C ASP A 385 -16.18 28.90 18.06
N ALA A 386 -17.25 28.31 17.51
CA ALA A 386 -18.19 29.07 16.71
C ALA A 386 -19.06 29.99 17.56
N ALA A 387 -19.26 29.66 18.84
CA ALA A 387 -20.02 30.51 19.74
C ALA A 387 -19.21 31.62 20.37
N GLY A 388 -17.88 31.55 20.29
CA GLY A 388 -17.02 32.56 20.86
C GLY A 388 -16.35 32.17 22.15
N ASN A 389 -16.49 30.92 22.59
CA ASN A 389 -15.83 30.51 23.81
C ASN A 389 -14.35 30.24 23.52
N VAL A 390 -13.50 30.70 24.43
CA VAL A 390 -12.08 30.38 24.37
C VAL A 390 -11.93 28.89 24.61
N VAL A 391 -11.37 28.17 23.63
CA VAL A 391 -11.17 26.73 23.72
C VAL A 391 -9.73 26.32 23.54
N GLY A 392 -8.79 27.27 23.51
CA GLY A 392 -7.39 26.92 23.39
C GLY A 392 -6.51 28.14 23.29
N MET A 393 -5.20 27.89 23.29
CA MET A 393 -4.19 28.93 23.23
C MET A 393 -3.19 28.62 22.11
N SER A 394 -3.07 29.52 21.13
CA SER A 394 -2.15 29.35 20.02
C SER A 394 -0.82 30.02 20.37
N MET A 395 0.30 29.28 20.23
CA MET A 395 1.54 29.64 20.92
C MET A 395 2.79 29.81 20.04
N PHE A 396 2.70 29.63 18.72
CA PHE A 396 3.86 29.83 17.85
C PHE A 396 3.35 29.93 16.42
N THR A 397 3.66 31.01 15.73
CA THR A 397 2.91 31.37 14.53
C THR A 397 3.86 31.76 13.40
N GLY A 398 3.59 31.25 12.21
CA GLY A 398 4.40 31.61 11.07
C GLY A 398 3.90 31.00 9.79
N TYR A 399 4.80 30.83 8.81
CA TYR A 399 4.43 30.39 7.47
C TYR A 399 5.44 29.35 6.97
N SER A 400 4.94 28.40 6.19
CA SER A 400 5.79 27.38 5.59
C SER A 400 5.67 27.47 4.08
N TYR A 401 6.79 27.78 3.42
CA TYR A 401 6.83 27.74 1.96
C TYR A 401 6.69 26.33 1.42
N ASN A 402 6.92 25.31 2.26
CA ASN A 402 6.72 23.95 1.79
C ASN A 402 5.24 23.63 1.64
N GLU A 403 4.40 24.21 2.51
CA GLU A 403 2.96 23.97 2.45
C GLU A 403 2.19 25.08 1.74
N LYS A 404 2.81 26.24 1.52
CA LYS A 404 2.09 27.46 1.12
C LYS A 404 0.96 27.76 2.12
N ARG A 405 1.27 27.67 3.40
CA ARG A 405 0.27 27.88 4.44
C ARG A 405 0.86 28.60 5.63
N ALA A 406 0.07 29.50 6.21
CA ALA A 406 0.35 29.97 7.57
C ALA A 406 -0.10 28.91 8.55
N LEU A 407 0.70 28.69 9.59
CA LEU A 407 0.46 27.64 10.57
C LEU A 407 0.71 28.20 11.95
N SER A 408 0.07 27.59 12.95
CA SER A 408 0.48 27.87 14.31
C SER A 408 0.37 26.59 15.12
N LEU A 409 1.16 26.53 16.19
CA LEU A 409 1.09 25.46 17.18
C LEU A 409 0.22 25.93 18.35
N ALA A 410 -0.69 25.06 18.81
CA ALA A 410 -1.66 25.45 19.83
C ALA A 410 -1.98 24.27 20.74
N THR A 411 -2.57 24.60 21.89
CA THR A 411 -3.13 23.61 22.81
C THR A 411 -4.62 23.91 22.96
N ILE A 412 -5.46 22.89 22.76
CA ILE A 412 -6.91 23.08 22.64
C ILE A 412 -7.64 21.98 23.40
N ASP A 413 -8.90 22.25 23.76
CA ASP A 413 -9.69 21.30 24.53
C ASP A 413 -9.69 19.93 23.86
N HIS A 414 -9.52 18.89 24.67
CA HIS A 414 -9.23 17.56 24.16
C HIS A 414 -10.38 16.98 23.34
N GLU A 415 -11.59 17.53 23.39
CA GLU A 415 -12.69 16.95 22.64
C GLU A 415 -12.85 17.55 21.25
N ILE A 416 -12.08 18.56 20.89
CA ILE A 416 -12.24 19.15 19.56
C ILE A 416 -11.64 18.18 18.55
N PRO A 417 -12.44 17.62 17.65
CA PRO A 417 -11.92 16.59 16.75
C PRO A 417 -11.02 17.19 15.68
N VAL A 418 -10.19 16.34 15.11
CA VAL A 418 -9.33 16.81 14.04
C VAL A 418 -10.19 17.15 12.82
N GLY A 419 -9.82 18.23 12.13
CA GLY A 419 -10.56 18.74 11.00
C GLY A 419 -11.52 19.86 11.32
N THR A 420 -11.76 20.12 12.60
CA THR A 420 -12.69 21.18 13.00
C THR A 420 -12.13 22.54 12.62
N GLU A 421 -13.01 23.42 12.14
CA GLU A 421 -12.62 24.79 11.84
C GLU A 421 -12.90 25.66 13.07
N LEU A 422 -11.84 26.16 13.70
CA LEU A 422 -11.91 27.11 14.80
C LEU A 422 -11.61 28.52 14.27
N THR A 423 -11.36 29.46 15.19
CA THR A 423 -10.79 30.74 14.81
C THR A 423 -9.68 31.09 15.79
N VAL A 424 -8.60 31.64 15.25
CA VAL A 424 -7.58 32.28 16.06
C VAL A 424 -7.82 33.77 15.98
N LEU A 425 -7.87 34.43 17.13
CA LEU A 425 -7.98 35.87 17.14
C LEU A 425 -6.57 36.44 16.96
N TRP A 426 -6.32 37.08 15.82
CA TRP A 426 -5.00 37.58 15.45
C TRP A 426 -4.93 39.08 15.72
N GLY A 427 -3.93 39.49 16.47
CA GLY A 427 -3.79 40.88 16.87
C GLY A 427 -4.17 41.10 18.33
N GLU A 428 -3.92 42.32 18.80
CA GLU A 428 -4.23 42.72 20.16
C GLU A 428 -5.35 43.74 20.20
N GLU A 429 -5.92 43.91 21.39
CA GLU A 429 -7.09 44.77 21.58
C GLU A 429 -6.72 46.24 21.65
N ASN A 430 -7.75 47.08 21.53
CA ASN A 430 -7.65 48.53 21.74
C ASN A 430 -6.49 49.14 20.95
N GLY A 431 -6.26 48.59 19.75
CA GLY A 431 -5.21 49.09 18.88
C GLY A 431 -3.82 48.57 19.18
N GLY A 432 -3.65 47.73 20.21
CA GLY A 432 -2.38 47.09 20.48
C GLY A 432 -1.75 47.49 21.80
N THR A 433 -0.98 46.59 22.39
CA THR A 433 -0.23 46.88 23.61
C THR A 433 0.89 47.87 23.30
N ARG A 434 1.67 48.23 24.32
CA ARG A 434 2.80 49.14 24.18
C ARG A 434 4.10 48.42 23.81
N LYS A 435 4.04 47.15 23.43
CA LYS A 435 5.26 46.45 23.00
C LYS A 435 5.85 47.20 21.81
N THR A 436 7.17 47.36 21.82
CA THR A 436 7.83 48.02 20.70
C THR A 436 7.82 47.17 19.43
N THR A 437 7.35 45.93 19.50
CA THR A 437 7.14 45.18 18.28
C THR A 437 5.78 45.43 17.63
N VAL A 438 4.88 46.17 18.28
CA VAL A 438 3.49 46.23 17.82
C VAL A 438 3.21 47.60 17.18
N GLU A 439 2.78 47.58 15.94
CA GLU A 439 2.25 48.77 15.31
C GLU A 439 0.75 48.88 15.59
N PRO A 440 0.17 50.08 15.43
CA PRO A 440 -1.28 50.20 15.58
C PRO A 440 -2.00 49.29 14.60
N HIS A 441 -3.07 48.63 15.05
CA HIS A 441 -3.76 47.65 14.20
C HIS A 441 -5.09 47.27 14.81
N LYS A 442 -5.95 46.67 14.00
CA LYS A 442 -7.19 46.06 14.46
C LYS A 442 -7.08 44.54 14.39
N GLN A 443 -7.93 43.85 15.15
CA GLN A 443 -7.85 42.41 15.23
C GLN A 443 -8.62 41.73 14.09
N MET A 444 -8.27 40.48 13.82
CA MET A 444 -9.06 39.63 12.94
C MET A 444 -9.23 38.26 13.60
N ALA A 445 -10.38 37.66 13.35
CA ALA A 445 -10.63 36.27 13.75
C ALA A 445 -10.27 35.39 12.56
N VAL A 446 -9.12 34.72 12.63
CA VAL A 446 -8.60 33.99 11.48
C VAL A 446 -9.09 32.54 11.56
N ARG A 447 -9.74 32.08 10.50
CA ARG A 447 -10.17 30.69 10.45
C ARG A 447 -8.96 29.76 10.44
N ALA A 448 -8.99 28.75 11.30
CA ALA A 448 -7.90 27.80 11.41
C ALA A 448 -8.45 26.38 11.60
N VAL A 449 -7.83 25.42 10.91
CA VAL A 449 -8.32 24.05 10.84
C VAL A 449 -7.42 23.17 11.70
N VAL A 450 -8.03 22.45 12.64
CA VAL A 450 -7.28 21.56 13.52
C VAL A 450 -6.62 20.46 12.70
N SER A 451 -5.34 20.22 12.95
CA SER A 451 -4.52 19.32 12.16
C SER A 451 -3.59 18.58 13.10
N PRO A 452 -3.01 17.46 12.66
CA PRO A 452 -2.09 16.71 13.52
C PRO A 452 -0.80 17.48 13.81
N VAL A 453 -0.06 16.95 14.78
CA VAL A 453 1.33 17.34 15.03
C VAL A 453 2.16 16.07 14.97
N PRO A 454 3.22 16.00 14.15
CA PRO A 454 3.64 16.98 13.14
C PRO A 454 2.54 17.31 12.13
N TYR A 455 2.57 18.51 11.56
CA TYR A 455 1.51 18.94 10.64
C TYR A 455 1.33 17.99 9.46
N SER A 456 0.07 17.83 9.03
CA SER A 456 -0.29 17.22 7.76
C SER A 456 -1.66 17.75 7.34
N VAL A 457 -1.83 17.93 6.03
CA VAL A 457 -3.03 18.58 5.51
C VAL A 457 -4.28 17.81 5.93
N THR A 458 -5.31 18.54 6.38
CA THR A 458 -6.54 17.95 6.90
C THR A 458 -7.77 18.56 6.22
N ALA A 459 -8.80 17.73 6.05
CA ALA A 459 -10.08 18.18 5.52
C ALA A 459 -10.82 19.03 6.55
N ARG A 460 -11.77 19.82 6.06
CA ARG A 460 -12.54 20.77 6.88
C ARG A 460 -13.96 20.24 7.06
N GLU A 461 -14.30 19.85 8.29
CA GLU A 461 -15.65 19.37 8.59
C GLU A 461 -16.66 20.51 8.58
N THR A 462 -17.87 20.21 8.11
CA THR A 462 -18.94 21.20 7.97
C THR A 462 -19.30 21.89 9.30
N SER B 5 23.97 -33.39 -9.93
CA SER B 5 24.95 -32.49 -9.33
C SER B 5 24.25 -31.34 -8.60
N ALA B 6 22.94 -31.31 -8.68
CA ALA B 6 22.22 -30.21 -8.06
C ALA B 6 22.17 -30.39 -6.55
N PRO B 7 22.11 -29.29 -5.80
CA PRO B 7 21.85 -29.39 -4.36
C PRO B 7 20.63 -30.25 -4.09
N THR B 8 20.70 -31.07 -3.04
CA THR B 8 19.54 -31.84 -2.63
C THR B 8 18.91 -31.35 -1.32
N ASN B 9 19.58 -30.47 -0.57
CA ASN B 9 19.00 -29.97 0.67
C ASN B 9 19.24 -28.47 0.77
N LEU B 10 18.54 -27.85 1.75
CA LEU B 10 18.62 -26.39 1.91
C LEU B 10 20.04 -25.95 2.25
N GLU B 11 20.73 -26.71 3.09
CA GLU B 11 22.09 -26.32 3.50
C GLU B 11 23.01 -26.21 2.30
N GLN B 12 22.91 -27.15 1.36
CA GLN B 12 23.71 -27.07 0.14
C GLN B 12 23.33 -25.85 -0.68
N VAL B 13 22.03 -25.58 -0.81
CA VAL B 13 21.60 -24.39 -1.54
C VAL B 13 22.20 -23.14 -0.91
N LEU B 14 22.24 -23.09 0.42
CA LEU B 14 22.75 -21.90 1.11
C LEU B 14 24.26 -21.79 0.97
N ALA B 15 24.96 -22.93 1.03
CA ALA B 15 26.42 -22.91 0.95
C ALA B 15 26.88 -22.46 -0.43
N ALA B 16 26.15 -22.84 -1.47
CA ALA B 16 26.46 -22.43 -2.82
C ALA B 16 25.74 -21.14 -3.23
N GLY B 17 24.97 -20.54 -2.35
CA GLY B 17 24.17 -19.40 -2.75
C GLY B 17 24.71 -18.05 -2.39
N GLY B 18 25.88 -17.97 -1.78
CA GLY B 18 26.25 -16.63 -1.35
C GLY B 18 25.36 -16.19 -0.19
N ASN B 19 25.35 -14.87 0.04
CA ASN B 19 24.58 -14.26 1.12
C ASN B 19 23.12 -14.68 1.05
N THR B 20 22.58 -15.14 2.20
CA THR B 20 21.23 -15.71 2.23
C THR B 20 20.15 -14.67 1.92
N VAL B 21 20.22 -13.48 2.52
CA VAL B 21 19.25 -12.42 2.21
C VAL B 21 19.24 -12.12 0.71
N GLU B 22 20.42 -11.87 0.15
CA GLU B 22 20.54 -11.57 -1.28
C GLU B 22 19.93 -12.68 -2.15
N MET B 23 20.16 -13.94 -1.79
CA MET B 23 19.55 -15.05 -2.51
C MET B 23 18.02 -15.01 -2.42
N LEU B 24 17.46 -14.89 -1.21
CA LEU B 24 16.01 -14.94 -1.10
C LEU B 24 15.34 -13.72 -1.72
N ARG B 25 16.01 -12.57 -1.69
CA ARG B 25 15.44 -11.37 -2.27
C ARG B 25 15.58 -11.32 -3.79
N ASN B 26 16.34 -12.23 -4.39
CA ASN B 26 16.44 -12.34 -5.84
C ASN B 26 15.96 -13.69 -6.35
N SER B 27 15.16 -14.39 -5.55
CA SER B 27 14.65 -15.69 -5.95
C SER B 27 13.82 -15.57 -7.22
N GLN B 28 13.83 -16.64 -8.02
CA GLN B 28 13.08 -16.71 -9.27
C GLN B 28 11.76 -17.45 -9.13
N ILE B 29 11.27 -17.64 -7.90
CA ILE B 29 10.09 -18.48 -7.71
C ILE B 29 8.81 -17.85 -8.25
N GLY B 30 8.78 -16.54 -8.46
CA GLY B 30 7.53 -15.93 -8.86
C GLY B 30 6.58 -15.70 -7.69
N ALA B 31 5.32 -15.41 -8.04
CA ALA B 31 4.37 -14.94 -7.04
C ALA B 31 3.92 -16.08 -6.14
N TYR B 32 3.51 -15.73 -4.93
CA TYR B 32 2.93 -16.72 -4.05
C TYR B 32 1.46 -16.83 -4.40
N VAL B 33 1.05 -18.01 -4.88
CA VAL B 33 -0.21 -18.21 -5.56
C VAL B 33 -1.21 -18.89 -4.64
N TYR B 34 -2.46 -18.44 -4.70
CA TYR B 34 -3.58 -19.11 -4.06
C TYR B 34 -4.28 -19.91 -5.16
N PRO B 35 -4.05 -21.21 -5.29
CA PRO B 35 -4.28 -21.90 -6.56
C PRO B 35 -5.66 -22.53 -6.70
N VAL B 36 -5.92 -22.99 -7.93
CA VAL B 36 -7.09 -23.75 -8.36
C VAL B 36 -8.37 -22.91 -8.35
N VAL B 37 -8.77 -22.42 -7.17
CA VAL B 37 -10.02 -21.68 -7.06
C VAL B 37 -10.05 -20.57 -8.08
N ALA B 38 -11.17 -20.43 -8.75
CA ALA B 38 -11.31 -19.39 -9.77
C ALA B 38 -10.95 -18.04 -9.17
N PRO B 39 -10.18 -17.21 -9.87
CA PRO B 39 -9.78 -15.92 -9.30
C PRO B 39 -10.95 -15.08 -8.81
N GLU B 40 -12.03 -15.01 -9.60
CA GLU B 40 -13.25 -14.31 -9.20
C GLU B 40 -14.46 -15.09 -9.68
N PHE B 41 -15.51 -15.10 -8.85
CA PHE B 41 -16.80 -15.60 -9.28
C PHE B 41 -17.70 -14.48 -9.79
N SER B 42 -17.88 -13.43 -9.00
CA SER B 42 -18.55 -12.21 -9.43
C SER B 42 -17.50 -11.14 -9.72
N ASN B 43 -17.06 -10.44 -8.69
CA ASN B 43 -15.88 -9.60 -8.78
C ASN B 43 -15.38 -9.41 -7.36
N TRP B 44 -14.11 -9.02 -7.24
CA TRP B 44 -13.49 -9.04 -5.92
C TRP B 44 -14.06 -7.96 -5.01
N ARG B 45 -14.40 -6.79 -5.57
CA ARG B 45 -15.02 -5.73 -4.77
C ARG B 45 -16.33 -6.22 -4.16
N THR B 46 -17.25 -6.73 -4.99
CA THR B 46 -18.50 -7.26 -4.45
C THR B 46 -18.23 -8.40 -3.47
N GLU B 47 -17.20 -9.20 -3.75
CA GLU B 47 -16.95 -10.34 -2.87
C GLU B 47 -16.42 -9.90 -1.51
N GLN B 48 -15.54 -8.90 -1.49
CA GLN B 48 -15.14 -8.32 -0.22
C GLN B 48 -16.36 -7.74 0.49
N TRP B 49 -17.18 -6.98 -0.23
CA TRP B 49 -18.38 -6.36 0.35
C TRP B 49 -19.28 -7.39 1.00
N ALA B 50 -19.33 -8.60 0.44
CA ALA B 50 -20.31 -9.59 0.87
C ALA B 50 -19.97 -10.24 2.20
N TRP B 51 -18.69 -10.36 2.55
CA TRP B 51 -18.39 -10.93 3.86
C TRP B 51 -18.60 -9.95 4.99
N ARG B 52 -18.73 -8.66 4.68
CA ARG B 52 -19.08 -7.68 5.69
C ARG B 52 -20.58 -7.42 5.73
N ASN B 53 -21.27 -7.52 4.59
CA ASN B 53 -22.64 -7.06 4.47
C ASN B 53 -23.67 -8.18 4.31
N SER B 54 -23.27 -9.38 3.89
CA SER B 54 -24.25 -10.44 3.69
C SER B 54 -23.70 -11.77 4.18
N ALA B 55 -23.10 -12.54 3.26
CA ALA B 55 -22.55 -13.85 3.57
C ALA B 55 -21.71 -14.32 2.38
N VAL B 56 -20.73 -15.17 2.68
CA VAL B 56 -19.80 -15.66 1.67
C VAL B 56 -19.47 -17.12 1.92
N LEU B 57 -19.00 -17.79 0.87
CA LEU B 57 -18.36 -19.09 0.98
C LEU B 57 -16.89 -18.93 0.62
N PHE B 58 -16.02 -19.19 1.58
CA PHE B 58 -14.58 -19.23 1.35
C PHE B 58 -14.19 -20.65 0.94
N ASP B 59 -13.49 -20.79 -0.18
CA ASP B 59 -13.01 -22.09 -0.62
C ASP B 59 -11.56 -22.21 -0.18
N GLN B 60 -11.35 -22.94 0.92
CA GLN B 60 -10.04 -23.09 1.54
C GLN B 60 -9.44 -24.47 1.25
N THR B 61 -9.80 -25.07 0.11
CA THR B 61 -9.44 -26.45 -0.14
C THR B 61 -8.01 -26.59 -0.70
N HIS B 62 -7.49 -25.56 -1.37
CA HIS B 62 -6.30 -25.74 -2.20
C HIS B 62 -5.04 -25.00 -1.76
N HIS B 63 -5.11 -24.05 -0.83
CA HIS B 63 -3.99 -23.15 -0.64
C HIS B 63 -3.17 -23.43 0.62
N MET B 64 -3.52 -24.44 1.41
CA MET B 64 -2.76 -24.81 2.60
C MET B 64 -2.29 -26.26 2.50
N VAL B 65 -1.21 -26.56 3.23
CA VAL B 65 -0.70 -27.90 3.45
C VAL B 65 -1.46 -28.56 4.59
N ASP B 66 -1.83 -29.83 4.44
CA ASP B 66 -2.44 -30.58 5.53
C ASP B 66 -1.50 -31.69 5.99
N LEU B 67 -1.43 -31.89 7.30
CA LEU B 67 -0.71 -33.01 7.91
C LEU B 67 -1.69 -33.83 8.73
N TYR B 68 -1.96 -35.07 8.31
CA TYR B 68 -2.76 -35.98 9.11
C TYR B 68 -1.82 -36.72 10.05
N ILE B 69 -2.05 -36.60 11.36
CA ILE B 69 -1.10 -37.04 12.36
C ILE B 69 -1.85 -37.97 13.30
N ARG B 70 -1.50 -39.25 13.29
CA ARG B 70 -2.15 -40.27 14.08
C ARG B 70 -1.09 -41.01 14.87
N GLY B 71 -1.39 -41.36 16.11
CA GLY B 71 -0.50 -42.27 16.82
C GLY B 71 -0.37 -42.01 18.30
N LYS B 72 0.26 -42.95 19.01
CA LYS B 72 0.38 -42.81 20.46
C LYS B 72 1.08 -41.51 20.84
N ASP B 73 2.09 -41.12 20.07
CA ASP B 73 2.97 -40.02 20.45
C ASP B 73 2.60 -38.70 19.76
N ALA B 74 1.41 -38.62 19.17
CA ALA B 74 1.06 -37.41 18.41
C ALA B 74 0.90 -36.20 19.33
N LEU B 75 0.29 -36.38 20.51
CA LEU B 75 0.11 -35.23 21.41
C LEU B 75 1.45 -34.78 21.95
N LYS B 76 2.33 -35.73 22.28
CA LYS B 76 3.64 -35.38 22.80
C LYS B 76 4.44 -34.59 21.77
N LEU B 77 4.28 -34.93 20.48
CA LEU B 77 5.03 -34.25 19.43
C LEU B 77 4.57 -32.80 19.30
N LEU B 78 3.26 -32.58 19.34
CA LEU B 78 2.73 -31.24 19.35
C LEU B 78 3.22 -30.47 20.59
N SER B 79 3.05 -31.08 21.77
CA SER B 79 3.43 -30.42 23.01
C SER B 79 4.93 -30.11 23.06
N ASP B 80 5.78 -31.01 22.54
CA ASP B 80 7.22 -30.81 22.57
C ASP B 80 7.68 -29.68 21.65
N THR B 81 6.91 -29.35 20.62
CA THR B 81 7.33 -28.33 19.67
C THR B 81 6.52 -27.02 19.71
N MET B 82 5.47 -26.91 20.53
CA MET B 82 4.64 -25.70 20.51
C MET B 82 4.78 -24.86 21.77
N ILE B 83 4.58 -23.54 21.61
CA ILE B 83 4.51 -22.65 22.77
C ILE B 83 3.16 -22.76 23.49
N ASN B 84 2.13 -23.23 22.80
CA ASN B 84 0.82 -23.32 23.41
C ASN B 84 0.86 -24.35 24.55
N SER B 85 0.03 -24.12 25.55
CA SER B 85 -0.09 -25.10 26.61
C SER B 85 -0.82 -26.33 26.09
N PRO B 86 -0.36 -27.52 26.46
CA PRO B 86 -1.15 -28.72 26.14
C PRO B 86 -2.25 -29.02 27.13
N LYS B 87 -2.20 -28.43 28.34
CA LYS B 87 -3.08 -28.84 29.42
C LYS B 87 -4.55 -28.62 29.06
N GLY B 88 -5.38 -29.63 29.35
CA GLY B 88 -6.80 -29.53 29.10
C GLY B 88 -7.22 -29.73 27.67
N TRP B 89 -6.27 -29.90 26.74
CA TRP B 89 -6.63 -30.10 25.35
C TRP B 89 -7.20 -31.51 25.17
N GLU B 90 -8.33 -31.61 24.48
CA GLU B 90 -9.09 -32.83 24.31
C GLU B 90 -9.72 -32.79 22.93
N PRO B 91 -10.14 -33.93 22.40
CA PRO B 91 -10.75 -33.94 21.06
C PRO B 91 -11.88 -32.93 20.95
N ASN B 92 -12.00 -32.35 19.75
CA ASN B 92 -13.02 -31.40 19.30
C ASN B 92 -12.76 -29.96 19.73
N LYS B 93 -11.54 -29.63 20.18
CA LYS B 93 -11.05 -28.26 20.27
C LYS B 93 -9.81 -28.09 19.39
N ALA B 94 -9.81 -27.08 18.53
CA ALA B 94 -8.62 -26.78 17.74
C ALA B 94 -7.70 -25.81 18.49
N LYS B 95 -6.52 -25.60 17.93
CA LYS B 95 -5.54 -24.66 18.46
C LYS B 95 -4.79 -24.02 17.30
N GLN B 96 -4.31 -22.80 17.52
CA GLN B 96 -3.39 -22.18 16.58
C GLN B 96 -1.98 -22.52 17.04
N TYR B 97 -1.45 -23.58 16.44
CA TYR B 97 -0.15 -24.14 16.82
C TYR B 97 0.97 -23.22 16.33
N VAL B 98 1.89 -22.87 17.23
CA VAL B 98 2.99 -21.98 16.90
C VAL B 98 4.29 -22.57 17.45
N PRO B 99 5.14 -23.14 16.61
CA PRO B 99 6.46 -23.55 17.06
C PRO B 99 7.50 -22.46 16.84
N VAL B 100 8.45 -22.39 17.75
CA VAL B 100 9.61 -21.51 17.63
C VAL B 100 10.86 -22.37 17.60
N THR B 101 11.97 -21.76 17.16
CA THR B 101 13.23 -22.51 17.07
C THR B 101 13.83 -22.61 18.48
N PRO B 102 14.93 -23.34 18.67
CA PRO B 102 15.62 -23.27 19.96
C PRO B 102 16.11 -21.87 20.30
N TYR B 103 16.15 -20.95 19.33
CA TYR B 103 16.56 -19.57 19.57
C TYR B 103 15.37 -18.63 19.79
N GLY B 104 14.15 -19.16 19.90
CA GLY B 104 13.01 -18.35 20.26
C GLY B 104 12.27 -17.70 19.12
N HIS B 105 12.61 -17.99 17.88
CA HIS B 105 12.00 -17.29 16.76
C HIS B 105 10.92 -18.15 16.11
N VAL B 106 9.90 -17.50 15.60
CA VAL B 106 8.79 -18.18 14.93
C VAL B 106 9.29 -18.91 13.68
N ILE B 107 8.90 -20.18 13.57
CA ILE B 107 9.06 -20.94 12.34
C ILE B 107 7.86 -20.73 11.44
N GLY B 108 6.68 -20.71 12.05
CA GLY B 108 5.46 -20.62 11.29
C GLY B 108 4.29 -20.90 12.21
N ASP B 109 3.13 -21.17 11.60
CA ASP B 109 1.97 -21.45 12.42
C ASP B 109 0.93 -22.12 11.54
N GLY B 110 0.01 -22.82 12.19
CA GLY B 110 -1.11 -23.46 11.51
C GLY B 110 -2.23 -23.71 12.50
N ILE B 111 -3.36 -24.17 11.97
CA ILE B 111 -4.46 -24.64 12.79
C ILE B 111 -4.34 -26.14 13.00
N ILE B 112 -4.35 -26.58 14.25
CA ILE B 112 -4.32 -28.00 14.57
C ILE B 112 -5.66 -28.41 15.19
N PHE B 113 -6.37 -29.31 14.49
CA PHE B 113 -7.62 -29.91 14.97
C PHE B 113 -7.32 -31.15 15.78
N TYR B 114 -7.84 -31.19 17.01
CA TYR B 114 -7.84 -32.42 17.80
C TYR B 114 -9.09 -33.19 17.39
N LEU B 115 -8.94 -34.12 16.43
CA LEU B 115 -10.10 -34.77 15.81
C LEU B 115 -10.66 -35.91 16.63
N ALA B 116 -9.82 -36.57 17.41
CA ALA B 116 -10.15 -37.77 18.14
C ALA B 116 -8.87 -38.18 18.85
N GLU B 117 -9.00 -39.08 19.81
CA GLU B 117 -7.84 -39.62 20.51
C GLU B 117 -6.78 -40.07 19.52
N GLU B 118 -5.56 -39.57 19.70
CA GLU B 118 -4.41 -39.90 18.86
C GLU B 118 -4.68 -39.64 17.39
N GLU B 119 -5.49 -38.62 17.09
CA GLU B 119 -5.73 -38.20 15.72
C GLU B 119 -5.81 -36.69 15.67
N PHE B 120 -4.89 -36.08 14.92
CA PHE B 120 -4.84 -34.64 14.74
C PHE B 120 -4.68 -34.33 13.26
N VAL B 121 -5.07 -33.11 12.88
CA VAL B 121 -4.77 -32.60 11.54
C VAL B 121 -4.19 -31.20 11.66
N TYR B 122 -3.03 -30.98 11.03
CA TYR B 122 -2.47 -29.65 10.82
C TYR B 122 -2.95 -29.09 9.50
N VAL B 123 -3.33 -27.81 9.52
CA VAL B 123 -3.67 -27.06 8.31
C VAL B 123 -2.95 -25.72 8.40
N GLY B 124 -2.11 -25.43 7.42
CA GLY B 124 -1.30 -24.23 7.47
C GLY B 124 -0.27 -24.21 6.35
N ARG B 125 0.53 -23.16 6.34
CA ARG B 125 1.55 -23.07 5.30
C ARG B 125 2.63 -24.13 5.53
N ALA B 126 3.50 -24.28 4.53
CA ALA B 126 4.51 -25.33 4.55
C ALA B 126 5.45 -25.29 5.76
N PRO B 127 5.97 -24.14 6.24
CA PRO B 127 7.12 -24.21 7.17
C PRO B 127 6.86 -24.96 8.46
N ALA B 128 5.67 -24.85 9.05
CA ALA B 128 5.40 -25.54 10.30
C ALA B 128 5.05 -27.02 10.06
N ALA B 129 4.50 -27.35 8.90
CA ALA B 129 4.34 -28.75 8.52
C ALA B 129 5.70 -29.44 8.42
N ASN B 130 6.65 -28.80 7.72
CA ASN B 130 7.98 -29.39 7.57
C ASN B 130 8.67 -29.61 8.92
N TRP B 131 8.49 -28.66 9.85
CA TRP B 131 9.09 -28.79 11.17
C TRP B 131 8.52 -29.99 11.92
N LEU B 132 7.20 -30.15 11.86
CA LEU B 132 6.53 -31.30 12.47
C LEU B 132 7.03 -32.62 11.90
N MET B 133 7.09 -32.73 10.56
CA MET B 133 7.59 -33.97 9.95
C MET B 133 9.02 -34.23 10.37
N TYR B 134 9.87 -33.19 10.35
CA TYR B 134 11.26 -33.35 10.76
C TYR B 134 11.36 -33.94 12.16
N HIS B 135 10.65 -33.35 13.13
CA HIS B 135 10.75 -33.87 14.49
C HIS B 135 10.05 -35.22 14.65
N ALA B 136 8.95 -35.44 13.93
CA ALA B 136 8.33 -36.77 13.91
C ALA B 136 9.32 -37.84 13.49
N GLN B 137 10.07 -37.58 12.42
CA GLN B 137 10.99 -38.56 11.83
C GLN B 137 12.19 -38.79 12.73
N THR B 138 12.92 -37.74 13.04
CA THR B 138 14.21 -37.83 13.72
C THR B 138 14.10 -37.78 15.24
N GLY B 139 12.92 -37.62 15.79
CA GLY B 139 12.80 -37.80 17.21
C GLY B 139 12.36 -39.17 17.64
N GLY B 140 12.06 -40.02 16.66
CA GLY B 140 11.57 -41.34 16.98
C GLY B 140 10.23 -41.34 17.68
N TYR B 141 9.34 -40.44 17.29
CA TYR B 141 7.99 -40.42 17.87
C TYR B 141 7.18 -41.56 17.29
N ASN B 142 6.40 -42.22 18.15
CA ASN B 142 5.50 -43.28 17.71
C ASN B 142 4.26 -42.64 17.10
N VAL B 143 4.40 -42.23 15.84
CA VAL B 143 3.34 -41.51 15.15
C VAL B 143 3.48 -41.84 13.67
N ASP B 144 2.39 -41.70 12.93
CA ASP B 144 2.42 -41.76 11.47
C ASP B 144 1.81 -40.49 10.91
N ILE B 145 2.42 -39.97 9.86
CA ILE B 145 2.08 -38.68 9.29
C ILE B 145 1.76 -38.88 7.82
N VAL B 146 0.65 -38.31 7.38
CA VAL B 146 0.33 -38.22 5.95
C VAL B 146 0.39 -36.76 5.57
N HIS B 147 1.27 -36.44 4.62
CA HIS B 147 1.46 -35.10 4.13
C HIS B 147 0.65 -34.93 2.85
N ASP B 148 -0.29 -34.00 2.86
CA ASP B 148 -1.15 -33.70 1.72
C ASP B 148 -0.84 -32.28 1.26
N ASP B 149 -0.09 -32.14 0.18
CA ASP B 149 0.45 -30.84 -0.19
C ASP B 149 -0.66 -29.86 -0.59
N ARG B 150 -0.36 -28.57 -0.45
CA ARG B 150 -1.15 -27.56 -1.12
C ARG B 150 -1.17 -27.84 -2.62
N SER B 151 -2.30 -27.52 -3.26
CA SER B 151 -2.48 -27.82 -4.66
C SER B 151 -1.46 -27.08 -5.51
N PRO B 152 -1.17 -27.59 -6.71
CA PRO B 152 -0.15 -26.95 -7.55
C PRO B 152 -0.56 -25.54 -7.92
N SER B 153 0.44 -24.64 -8.01
CA SER B 153 0.14 -23.24 -8.23
C SER B 153 -0.39 -23.00 -9.62
N ARG B 154 0.08 -23.78 -10.60
CA ARG B 154 -0.25 -23.63 -12.01
C ARG B 154 -0.57 -25.01 -12.57
N PRO B 155 -1.76 -25.53 -12.29
CA PRO B 155 -2.08 -26.89 -12.73
C PRO B 155 -2.04 -27.06 -14.24
N MET B 156 -2.41 -26.02 -15.00
CA MET B 156 -2.29 -26.02 -16.47
C MET B 156 -3.01 -27.21 -17.11
N GLY B 157 -4.21 -27.49 -16.64
CA GLY B 157 -5.04 -28.55 -17.19
C GLY B 157 -5.05 -29.84 -16.40
N LYS B 158 -4.00 -30.09 -15.61
CA LYS B 158 -3.88 -31.35 -14.90
C LYS B 158 -4.93 -31.44 -13.79
N PRO B 159 -5.41 -32.64 -13.48
CA PRO B 159 -6.34 -32.80 -12.35
C PRO B 159 -5.66 -32.52 -11.02
N VAL B 160 -6.49 -32.13 -10.04
CA VAL B 160 -6.05 -31.78 -8.70
C VAL B 160 -6.86 -32.59 -7.69
N GLN B 161 -6.18 -33.11 -6.67
CA GLN B 161 -6.81 -33.89 -5.61
C GLN B 161 -6.38 -33.34 -4.25
N ARG B 162 -7.22 -33.54 -3.25
CA ARG B 162 -6.86 -33.36 -1.85
C ARG B 162 -7.58 -34.44 -1.06
N ILE B 163 -7.15 -34.66 0.17
CA ILE B 163 -7.86 -35.61 1.02
C ILE B 163 -9.18 -35.01 1.53
N SER B 164 -9.19 -33.70 1.82
CA SER B 164 -10.38 -33.03 2.36
C SER B 164 -10.64 -31.75 1.58
N TRP B 165 -11.92 -31.42 1.41
CA TRP B 165 -12.29 -30.07 1.03
C TRP B 165 -12.51 -29.27 2.30
N ARG B 166 -12.32 -27.96 2.21
CA ARG B 166 -12.36 -27.09 3.39
C ARG B 166 -13.00 -25.77 3.01
N PHE B 167 -14.14 -25.47 3.63
CA PHE B 167 -14.90 -24.26 3.37
C PHE B 167 -15.02 -23.44 4.63
N GLN B 168 -15.32 -22.17 4.44
CA GLN B 168 -15.81 -21.32 5.51
C GLN B 168 -17.05 -20.59 5.00
N ILE B 169 -18.02 -20.41 5.90
CA ILE B 169 -19.20 -19.60 5.67
C ILE B 169 -19.13 -18.43 6.66
N GLN B 170 -19.00 -17.21 6.13
CA GLN B 170 -18.80 -16.04 6.98
C GLN B 170 -19.69 -14.89 6.52
N GLY B 171 -19.92 -13.96 7.43
CA GLY B 171 -20.71 -12.78 7.14
C GLY B 171 -21.78 -12.56 8.19
N PRO B 172 -22.40 -11.38 8.17
CA PRO B 172 -23.47 -11.11 9.15
C PRO B 172 -24.61 -12.12 9.08
N LYS B 173 -24.99 -12.54 7.88
CA LYS B 173 -26.04 -13.53 7.69
C LYS B 173 -25.54 -14.96 7.77
N ALA B 174 -24.26 -15.16 8.07
CA ALA B 174 -23.68 -16.49 7.95
C ALA B 174 -24.42 -17.52 8.79
N TRP B 175 -24.74 -17.18 10.04
CA TRP B 175 -25.42 -18.15 10.88
C TRP B 175 -26.84 -18.44 10.41
N ASP B 176 -27.40 -17.57 9.58
CA ASP B 176 -28.71 -17.84 9.01
C ASP B 176 -28.63 -18.88 7.91
N VAL B 177 -27.59 -18.81 7.08
CA VAL B 177 -27.34 -19.89 6.13
C VAL B 177 -27.03 -21.19 6.87
N ILE B 178 -26.23 -21.09 7.94
CA ILE B 178 -25.81 -22.29 8.66
C ILE B 178 -27.02 -23.06 9.18
N GLU B 179 -28.02 -22.36 9.70
CA GLU B 179 -29.18 -23.05 10.27
C GLU B 179 -30.16 -23.51 9.20
N LYS B 180 -30.30 -22.76 8.11
CA LYS B 180 -31.11 -23.23 6.99
C LYS B 180 -30.57 -24.54 6.43
N LEU B 181 -29.25 -24.63 6.25
CA LEU B 181 -28.65 -25.90 5.84
C LEU B 181 -28.82 -26.94 6.93
N HIS B 182 -28.55 -26.57 8.18
CA HIS B 182 -28.59 -27.55 9.25
C HIS B 182 -30.01 -28.05 9.51
N GLY B 183 -31.01 -27.21 9.27
CA GLY B 183 -32.39 -27.61 9.51
C GLY B 183 -32.82 -27.47 10.96
N GLY B 184 -32.54 -26.32 11.57
CA GLY B 184 -32.97 -26.06 12.93
C GLY B 184 -31.97 -25.18 13.65
N THR B 185 -32.15 -25.11 14.96
CA THR B 185 -31.29 -24.27 15.78
C THR B 185 -29.93 -24.94 15.95
N LEU B 186 -28.87 -24.20 15.65
CA LEU B 186 -27.50 -24.69 15.85
C LEU B 186 -26.83 -23.87 16.95
N GLU B 187 -26.38 -24.58 17.97
CA GLU B 187 -25.65 -23.96 19.09
C GLU B 187 -24.45 -23.16 18.58
N LYS B 188 -24.24 -21.99 19.16
CA LYS B 188 -23.01 -21.23 18.95
C LYS B 188 -22.02 -21.63 20.04
N LEU B 189 -20.96 -22.35 19.65
CA LEU B 189 -19.98 -22.80 20.64
C LEU B 189 -18.85 -21.78 20.77
N LYS B 190 -18.02 -21.95 21.79
CA LYS B 190 -16.89 -21.03 21.99
C LYS B 190 -15.89 -21.14 20.84
N PHE B 191 -15.15 -20.04 20.64
CA PHE B 191 -14.25 -19.94 19.52
C PHE B 191 -13.28 -21.11 19.48
N PHE B 192 -13.12 -21.69 18.28
CA PHE B 192 -12.25 -22.82 18.00
C PHE B 192 -12.68 -24.11 18.67
N ASN B 193 -13.95 -24.25 19.02
CA ASN B 193 -14.52 -25.52 19.44
C ASN B 193 -15.14 -26.20 18.23
N MET B 194 -15.02 -27.52 18.17
CA MET B 194 -15.51 -28.28 17.02
C MET B 194 -16.77 -29.07 17.38
N ALA B 195 -17.66 -29.20 16.41
CA ALA B 195 -18.83 -30.06 16.57
C ALA B 195 -19.24 -30.68 15.24
N GLU B 196 -20.53 -30.64 14.94
CA GLU B 196 -21.04 -31.17 13.69
C GLU B 196 -22.32 -30.42 13.32
N MET B 197 -22.70 -30.54 12.05
CA MET B 197 -23.93 -29.95 11.56
C MET B 197 -24.45 -30.81 10.42
N ASN B 198 -25.50 -30.35 9.76
CA ASN B 198 -26.11 -31.05 8.65
C ASN B 198 -25.96 -30.25 7.38
N ILE B 199 -25.56 -30.92 6.29
CA ILE B 199 -25.55 -30.33 4.96
C ILE B 199 -25.93 -31.43 3.99
N ALA B 200 -27.01 -31.23 3.24
CA ALA B 200 -27.42 -32.12 2.14
C ALA B 200 -27.42 -33.59 2.56
N GLY B 201 -27.98 -33.86 3.74
CA GLY B 201 -28.04 -35.20 4.26
C GLY B 201 -26.76 -35.68 4.92
N MET B 202 -25.63 -35.01 4.69
CA MET B 202 -24.37 -35.41 5.27
C MET B 202 -24.17 -34.83 6.66
N LYS B 203 -23.52 -35.61 7.53
CA LYS B 203 -23.05 -35.11 8.82
C LYS B 203 -21.66 -34.50 8.62
N ILE B 204 -21.58 -33.17 8.79
CA ILE B 204 -20.39 -32.38 8.45
C ILE B 204 -19.79 -31.81 9.72
N ARG B 205 -18.48 -31.96 9.87
CA ARG B 205 -17.79 -31.45 11.05
C ARG B 205 -17.56 -29.94 10.96
N THR B 206 -17.55 -29.28 12.12
CA THR B 206 -17.56 -27.82 12.18
C THR B 206 -16.47 -27.31 13.11
N LEU B 207 -15.98 -26.11 12.80
CA LEU B 207 -15.04 -25.39 13.65
C LEU B 207 -15.59 -23.99 13.82
N ARG B 208 -15.83 -23.59 15.07
CA ARG B 208 -16.45 -22.29 15.34
C ARG B 208 -15.47 -21.17 15.01
N HIS B 209 -15.86 -20.30 14.07
CA HIS B 209 -15.00 -19.22 13.61
C HIS B 209 -15.70 -17.86 13.55
N PRO B 215 -19.97 -14.32 13.66
CA PRO B 215 -20.19 -15.70 14.10
C PRO B 215 -20.34 -16.63 12.90
N GLY B 216 -19.31 -17.43 12.62
CA GLY B 216 -19.28 -18.27 11.43
C GLY B 216 -18.72 -19.64 11.75
N LEU B 217 -18.59 -20.45 10.70
CA LEU B 217 -18.08 -21.81 10.82
C LEU B 217 -17.04 -22.07 9.75
N GLU B 218 -16.14 -23.01 10.05
CA GLU B 218 -15.30 -23.67 9.05
C GLU B 218 -15.72 -25.12 8.96
N ILE B 219 -15.84 -25.63 7.74
CA ILE B 219 -16.35 -26.98 7.53
C ILE B 219 -15.41 -27.74 6.60
N TRP B 220 -15.38 -29.06 6.78
CA TRP B 220 -14.57 -29.95 5.97
C TRP B 220 -15.23 -31.32 5.86
N GLY B 221 -14.89 -32.03 4.79
CA GLY B 221 -15.36 -33.38 4.58
C GLY B 221 -14.53 -34.09 3.53
N PRO B 222 -14.78 -35.38 3.32
CA PRO B 222 -14.05 -36.13 2.30
C PRO B 222 -14.16 -35.47 0.93
N TYR B 223 -13.02 -35.41 0.23
CA TYR B 223 -12.97 -34.65 -1.03
C TYR B 223 -14.05 -35.09 -2.01
N GLU B 224 -14.49 -36.35 -1.91
CA GLU B 224 -15.58 -36.85 -2.76
C GLU B 224 -16.74 -35.87 -2.80
N THR B 225 -17.16 -35.41 -1.62
CA THR B 225 -18.41 -34.69 -1.46
C THR B 225 -18.24 -33.18 -1.54
N GLN B 226 -17.19 -32.69 -2.21
CA GLN B 226 -16.99 -31.24 -2.29
C GLN B 226 -18.07 -30.57 -3.13
N GLU B 227 -18.42 -31.17 -4.26
CA GLU B 227 -19.40 -30.54 -5.14
C GLU B 227 -20.79 -30.54 -4.52
N LYS B 228 -21.20 -31.67 -3.95
CA LYS B 228 -22.49 -31.74 -3.27
C LYS B 228 -22.59 -30.67 -2.20
N ALA B 229 -21.66 -30.68 -1.23
CA ALA B 229 -21.63 -29.69 -0.17
C ALA B 229 -21.71 -28.27 -0.72
N ARG B 230 -20.87 -27.95 -1.71
CA ARG B 230 -20.83 -26.59 -2.23
C ARG B 230 -22.15 -26.19 -2.87
N ASN B 231 -22.86 -27.14 -3.48
CA ASN B 231 -24.13 -26.80 -4.11
C ASN B 231 -25.20 -26.48 -3.07
N ALA B 232 -25.27 -27.27 -1.99
CA ALA B 232 -26.25 -27.01 -0.94
C ALA B 232 -26.01 -25.63 -0.31
N ILE B 233 -24.75 -25.25 -0.14
CA ILE B 233 -24.44 -23.96 0.47
C ILE B 233 -24.87 -22.83 -0.45
N LEU B 234 -24.42 -22.87 -1.71
CA LEU B 234 -24.77 -21.80 -2.65
C LEU B 234 -26.29 -21.69 -2.81
N GLU B 235 -26.98 -22.82 -2.92
CA GLU B 235 -28.44 -22.83 -3.10
C GLU B 235 -29.13 -22.22 -1.88
N ALA B 236 -29.02 -22.87 -0.73
CA ALA B 236 -29.65 -22.36 0.48
C ALA B 236 -29.27 -20.91 0.74
N GLY B 237 -28.05 -20.54 0.41
CA GLY B 237 -27.57 -19.19 0.68
C GLY B 237 -28.08 -18.12 -0.27
N LYS B 238 -28.68 -18.51 -1.41
CA LYS B 238 -29.26 -17.51 -2.30
C LYS B 238 -30.20 -16.59 -1.55
N GLU B 239 -30.90 -17.12 -0.54
CA GLU B 239 -31.94 -16.38 0.16
C GLU B 239 -31.37 -15.23 0.98
N PHE B 240 -30.10 -15.32 1.39
CA PHE B 240 -29.49 -14.33 2.28
C PHE B 240 -28.39 -13.54 1.60
N GLY B 241 -28.31 -13.59 0.27
CA GLY B 241 -27.29 -12.85 -0.46
C GLY B 241 -25.91 -13.48 -0.48
N LEU B 242 -25.78 -14.73 -0.03
CA LEU B 242 -24.48 -15.40 -0.07
C LEU B 242 -23.97 -15.51 -1.49
N ILE B 243 -22.72 -15.12 -1.70
CA ILE B 243 -22.01 -15.39 -2.93
C ILE B 243 -20.71 -16.13 -2.59
N PRO B 244 -20.15 -16.86 -3.55
CA PRO B 244 -18.85 -17.50 -3.32
C PRO B 244 -17.73 -16.51 -3.58
N VAL B 245 -16.67 -16.62 -2.79
CA VAL B 245 -15.49 -15.78 -2.99
C VAL B 245 -14.44 -16.57 -3.77
N GLY B 246 -13.79 -15.90 -4.71
CA GLY B 246 -12.68 -16.47 -5.44
C GLY B 246 -11.32 -16.14 -4.83
N SER B 247 -10.27 -16.62 -5.50
CA SER B 247 -8.92 -16.59 -4.95
C SER B 247 -8.26 -15.21 -5.07
N ARG B 248 -8.79 -14.31 -5.89
CA ARG B 248 -8.21 -12.98 -5.95
C ARG B 248 -8.57 -12.17 -4.72
N ALA B 249 -9.82 -12.29 -4.23
CA ALA B 249 -10.25 -11.54 -3.06
C ALA B 249 -10.02 -12.29 -1.77
N TYR B 250 -9.98 -13.63 -1.82
CA TYR B 250 -9.84 -14.42 -0.60
C TYR B 250 -8.67 -14.00 0.28
N PRO B 251 -7.42 -13.91 -0.22
CA PRO B 251 -6.30 -13.69 0.70
C PRO B 251 -6.33 -12.33 1.37
N SER B 252 -7.07 -11.37 0.81
CA SER B 252 -7.11 -10.04 1.38
C SER B 252 -7.94 -9.99 2.66
N ASN B 253 -8.73 -11.01 2.95
CA ASN B 253 -9.58 -10.97 4.13
C ASN B 253 -8.77 -10.73 5.40
N THR B 254 -7.51 -11.17 5.43
CA THR B 254 -6.79 -11.08 6.69
C THR B 254 -6.29 -9.67 6.98
N LEU B 255 -6.19 -8.80 5.98
CA LEU B 255 -5.88 -7.40 6.26
C LEU B 255 -6.92 -6.77 7.19
N GLU B 256 -8.16 -7.26 7.12
CA GLU B 256 -9.20 -6.76 8.00
C GLU B 256 -9.20 -7.47 9.35
N SER B 257 -9.01 -8.80 9.35
CA SER B 257 -9.07 -9.55 10.60
C SER B 257 -7.77 -9.45 11.40
N GLY B 258 -6.62 -9.36 10.74
CA GLY B 258 -5.37 -9.07 11.41
C GLY B 258 -4.37 -10.20 11.59
N TRP B 259 -4.54 -11.33 10.92
CA TRP B 259 -3.58 -12.43 11.06
C TRP B 259 -2.45 -12.25 10.04
N ILE B 260 -1.21 -12.32 10.50
CA ILE B 260 -0.04 -12.19 9.62
C ILE B 260 0.33 -13.60 9.13
N PRO B 261 0.17 -13.90 7.84
CA PRO B 261 0.44 -15.27 7.37
C PRO B 261 1.90 -15.58 7.12
N SER B 262 2.74 -14.57 6.94
CA SER B 262 3.98 -14.77 6.23
C SER B 262 5.27 -14.47 6.98
N PRO B 263 5.43 -14.85 8.25
CA PRO B 263 6.75 -14.66 8.88
C PRO B 263 7.79 -15.56 8.22
N LEU B 264 8.99 -15.03 8.07
CA LEU B 264 10.07 -15.82 7.52
C LEU B 264 10.37 -16.99 8.44
N PRO B 265 10.33 -18.24 7.95
CA PRO B 265 10.78 -19.36 8.80
C PRO B 265 12.18 -19.11 9.31
N ALA B 266 12.33 -18.94 10.62
CA ALA B 266 13.60 -18.43 11.17
C ALA B 266 14.61 -19.56 11.36
N ILE B 267 14.93 -20.26 10.27
CA ILE B 267 15.76 -21.45 10.39
C ILE B 267 17.07 -21.35 9.60
N TYR B 268 17.40 -20.17 9.06
CA TYR B 268 18.51 -20.05 8.12
C TYR B 268 19.88 -20.01 8.80
N THR B 269 19.93 -19.78 10.11
CA THR B 269 21.16 -19.61 10.87
C THR B 269 21.06 -20.41 12.16
N GLY B 270 22.21 -20.62 12.80
CA GLY B 270 22.26 -21.36 14.06
C GLY B 270 22.70 -22.80 13.91
N ASP B 271 23.73 -23.19 14.68
CA ASP B 271 24.25 -24.56 14.61
C ASP B 271 23.24 -25.59 15.08
N LYS B 272 22.33 -25.20 16.01
CA LYS B 272 21.23 -26.07 16.43
C LYS B 272 20.28 -26.35 15.29
N LEU B 273 20.28 -25.51 14.25
CA LEU B 273 19.36 -25.66 13.12
C LEU B 273 20.04 -26.23 11.88
N LYS B 274 21.34 -26.52 11.95
CA LYS B 274 22.01 -27.03 10.76
C LYS B 274 21.44 -28.38 10.34
N ALA B 275 21.19 -29.27 11.30
CA ALA B 275 20.60 -30.56 10.96
C ALA B 275 19.28 -30.39 10.23
N TYR B 276 18.45 -29.44 10.65
CA TYR B 276 17.19 -29.22 9.95
C TYR B 276 17.45 -28.69 8.54
N ARG B 277 18.43 -27.81 8.37
CA ARG B 277 18.73 -27.30 7.04
C ARG B 277 19.22 -28.42 6.12
N GLU B 278 20.01 -29.34 6.64
CA GLU B 278 20.43 -30.49 5.86
C GLU B 278 19.28 -31.45 5.54
N TRP B 279 18.20 -31.38 6.31
CA TRP B 279 17.03 -32.22 6.09
C TRP B 279 16.07 -31.63 5.05
N LEU B 280 15.85 -30.32 5.08
CA LEU B 280 14.91 -29.67 4.16
C LEU B 280 15.38 -29.85 2.72
N PRO B 281 14.50 -30.22 1.80
CA PRO B 281 14.91 -30.35 0.40
C PRO B 281 15.27 -29.02 -0.22
N ALA B 282 16.06 -29.10 -1.28
CA ALA B 282 16.47 -27.94 -2.06
C ALA B 282 15.30 -27.29 -2.78
N ASN B 283 14.19 -27.99 -2.97
CA ASN B 283 13.01 -27.38 -3.55
C ASN B 283 11.97 -27.01 -2.51
N SER B 284 12.33 -27.02 -1.23
CA SER B 284 11.37 -26.68 -0.19
C SER B 284 10.93 -25.22 -0.31
N TYR B 285 9.81 -24.91 0.36
CA TYR B 285 9.42 -23.53 0.59
C TYR B 285 10.60 -22.70 1.09
N GLU B 286 11.30 -23.21 2.11
CA GLU B 286 12.38 -22.45 2.75
C GLU B 286 13.55 -22.20 1.80
N ALA B 287 13.84 -23.16 0.90
CA ALA B 287 14.99 -22.99 0.03
C ALA B 287 14.67 -22.16 -1.20
N SER B 288 13.47 -22.30 -1.74
CA SER B 288 13.21 -21.76 -3.07
C SER B 288 12.39 -20.47 -3.05
N GLY B 289 11.82 -20.11 -1.89
CA GLY B 289 10.96 -18.96 -1.80
C GLY B 289 11.70 -17.64 -1.91
N ALA B 290 10.95 -16.57 -1.63
CA ALA B 290 11.42 -15.22 -1.89
C ALA B 290 11.04 -14.28 -0.76
N ILE B 291 11.92 -13.32 -0.51
CA ILE B 291 11.65 -12.14 0.31
C ILE B 291 11.53 -10.95 -0.62
N GLY B 292 10.52 -10.12 -0.40
CA GLY B 292 10.36 -8.90 -1.17
C GLY B 292 10.03 -7.72 -0.28
N GLY B 293 10.46 -6.54 -0.72
CA GLY B 293 10.11 -5.30 -0.07
C GLY B 293 11.33 -4.46 0.23
N SER B 294 11.07 -3.33 0.89
CA SER B 294 12.08 -2.29 1.08
C SER B 294 13.02 -2.58 2.24
N PHE B 295 12.69 -3.47 3.16
CA PHE B 295 13.60 -3.65 4.27
C PHE B 295 14.81 -4.46 3.80
N VAL B 296 16.00 -3.92 4.03
CA VAL B 296 17.24 -4.52 3.57
C VAL B 296 18.22 -4.63 4.73
N SER B 297 18.72 -5.82 4.95
CA SER B 297 19.83 -6.06 5.85
C SER B 297 20.69 -7.13 5.22
N SER B 298 21.98 -7.14 5.55
CA SER B 298 22.78 -8.26 5.07
C SER B 298 22.67 -9.48 5.99
N ASN B 299 22.05 -9.32 7.16
CA ASN B 299 21.91 -10.39 8.15
C ASN B 299 20.48 -10.93 8.09
N ILE B 300 20.32 -12.18 7.63
CA ILE B 300 19.01 -12.82 7.53
C ILE B 300 18.26 -12.78 8.86
N GLU B 301 18.98 -12.75 9.97
CA GLU B 301 18.32 -12.75 11.27
C GLU B 301 17.54 -11.49 11.54
N ASP B 302 17.83 -10.38 10.86
CA ASP B 302 17.00 -9.20 11.06
C ASP B 302 15.58 -9.37 10.52
N TYR B 303 15.30 -10.43 9.77
CA TYR B 303 13.94 -10.71 9.29
C TYR B 303 13.18 -11.68 10.19
N TYR B 304 13.79 -12.19 11.26
CA TYR B 304 13.10 -13.10 12.17
C TYR B 304 12.15 -12.34 13.08
N VAL B 305 11.03 -12.98 13.42
CA VAL B 305 10.14 -12.44 14.45
C VAL B 305 10.01 -13.47 15.55
N ASN B 306 9.86 -13.00 16.79
CA ASN B 306 9.46 -13.90 17.86
C ASN B 306 7.96 -13.82 18.06
N PRO B 307 7.33 -14.77 18.75
CA PRO B 307 5.86 -14.80 18.77
C PRO B 307 5.21 -13.58 19.45
N TYR B 308 5.89 -12.91 20.39
CA TYR B 308 5.30 -11.71 20.96
C TYR B 308 5.17 -10.58 19.94
N GLU B 309 5.94 -10.63 18.85
CA GLU B 309 5.98 -9.52 17.90
C GLU B 309 4.84 -9.56 16.90
N ILE B 310 4.27 -10.72 16.64
CA ILE B 310 3.20 -10.84 15.66
C ILE B 310 1.89 -11.28 16.30
N GLY B 311 1.75 -11.06 17.61
CA GLY B 311 0.49 -11.29 18.29
C GLY B 311 0.28 -12.65 18.93
N TYR B 312 1.31 -13.48 19.02
CA TYR B 312 1.11 -14.81 19.58
C TYR B 312 1.58 -14.90 21.03
N GLY B 313 2.11 -13.81 21.59
CA GLY B 313 2.48 -13.80 22.99
C GLY B 313 1.46 -14.34 23.96
N PRO B 314 0.18 -14.02 23.79
CA PRO B 314 -0.81 -14.59 24.71
C PRO B 314 -0.89 -16.12 24.66
N PHE B 315 -0.38 -16.78 23.60
CA PHE B 315 -0.36 -18.24 23.54
C PHE B 315 0.76 -18.86 24.36
N VAL B 316 1.82 -18.10 24.63
CA VAL B 316 2.97 -18.65 25.36
C VAL B 316 2.57 -19.04 26.76
N LYS B 317 2.79 -20.31 27.10
CA LYS B 317 2.57 -20.85 28.44
C LYS B 317 3.80 -21.67 28.82
N PHE B 318 4.32 -21.43 30.01
CA PHE B 318 5.52 -22.12 30.45
C PHE B 318 5.20 -23.29 31.37
N ASP B 319 3.99 -23.84 31.26
CA ASP B 319 3.54 -25.03 31.97
C ASP B 319 4.04 -26.33 31.34
N HIS B 320 4.87 -26.29 30.31
CA HIS B 320 5.38 -27.51 29.69
C HIS B 320 6.78 -27.28 29.17
N ASP B 321 7.49 -28.36 28.90
CA ASP B 321 8.76 -28.27 28.17
C ASP B 321 8.48 -28.14 26.68
N PHE B 322 9.29 -27.35 25.97
CA PHE B 322 9.15 -27.26 24.52
C PHE B 322 10.39 -26.64 23.91
N ILE B 323 10.61 -26.94 22.62
CA ILE B 323 11.74 -26.34 21.90
C ILE B 323 11.60 -24.83 21.91
N GLY B 324 12.69 -24.15 22.31
CA GLY B 324 12.69 -22.71 22.36
C GLY B 324 12.24 -22.12 23.69
N ARG B 325 11.91 -22.97 24.68
CA ARG B 325 11.40 -22.48 25.96
C ARG B 325 12.39 -21.53 26.63
N ASP B 326 13.65 -21.94 26.75
CA ASP B 326 14.64 -21.10 27.42
C ASP B 326 14.78 -19.73 26.73
N ALA B 327 14.69 -19.70 25.39
CA ALA B 327 14.87 -18.43 24.70
C ALA B 327 13.69 -17.50 24.92
N LEU B 328 12.47 -18.04 24.92
CA LEU B 328 11.32 -17.21 25.21
C LEU B 328 11.36 -16.69 26.64
N GLU B 329 11.85 -17.51 27.55
CA GLU B 329 12.01 -17.11 28.93
C GLU B 329 12.96 -15.93 29.05
N ALA B 330 13.98 -15.89 28.22
CA ALA B 330 14.93 -14.77 28.24
C ALA B 330 14.40 -13.55 27.53
N ILE B 331 13.24 -13.64 26.90
CA ILE B 331 12.63 -12.47 26.27
C ILE B 331 11.77 -11.74 27.30
N ASP B 332 11.90 -10.43 27.30
CA ASP B 332 11.06 -9.51 28.05
C ASP B 332 9.81 -9.16 27.25
N PRO B 333 8.65 -9.77 27.52
CA PRO B 333 7.46 -9.45 26.71
C PRO B 333 7.13 -7.96 26.67
N ALA B 334 7.37 -7.23 27.77
CA ALA B 334 6.97 -5.83 27.84
C ALA B 334 7.73 -4.94 26.87
N THR B 335 8.92 -5.34 26.40
CA THR B 335 9.69 -4.51 25.49
C THR B 335 9.58 -4.93 24.02
N GLN B 336 8.78 -5.95 23.70
CA GLN B 336 8.78 -6.47 22.34
C GLN B 336 7.92 -5.62 21.41
N ARG B 337 8.28 -5.63 20.13
CA ARG B 337 7.44 -5.01 19.10
CA ARG B 337 7.43 -4.96 19.16
C ARG B 337 6.03 -5.57 19.17
N LYS B 338 5.06 -4.85 18.62
CA LYS B 338 3.66 -5.26 18.65
C LYS B 338 3.06 -5.28 17.26
N LYS B 339 2.05 -6.15 17.08
CA LYS B 339 1.32 -6.19 15.83
C LYS B 339 0.27 -5.09 15.77
N VAL B 340 0.20 -4.41 14.62
CA VAL B 340 -0.76 -3.31 14.38
C VAL B 340 -1.24 -3.42 12.93
N THR B 341 -2.26 -2.64 12.61
CA THR B 341 -2.63 -2.38 11.23
C THR B 341 -2.17 -0.98 10.83
N LEU B 342 -1.61 -0.87 9.64
CA LEU B 342 -1.23 0.42 9.09
C LEU B 342 -2.27 0.82 8.05
N ALA B 343 -2.80 2.03 8.18
CA ALA B 343 -3.80 2.57 7.27
C ALA B 343 -3.09 3.52 6.32
N TRP B 344 -3.01 3.13 5.05
CA TRP B 344 -2.15 3.84 4.12
C TRP B 344 -2.85 5.07 3.59
N ASN B 345 -2.08 6.14 3.38
CA ASN B 345 -2.66 7.42 3.00
C ASN B 345 -3.25 7.33 1.59
N GLY B 346 -4.53 7.67 1.49
CA GLY B 346 -5.25 7.52 0.23
C GLY B 346 -4.69 8.36 -0.89
N ASP B 347 -4.20 9.57 -0.57
CA ASP B 347 -3.57 10.39 -1.62
C ASP B 347 -2.29 9.75 -2.12
N ASP B 348 -1.55 9.10 -1.21
CA ASP B 348 -0.31 8.45 -1.60
C ASP B 348 -0.59 7.25 -2.52
N MET B 349 -1.67 6.51 -2.25
CA MET B 349 -2.13 5.48 -3.17
C MET B 349 -2.45 6.06 -4.55
N ALA B 350 -3.32 7.07 -4.59
CA ALA B 350 -3.61 7.76 -5.85
C ALA B 350 -2.34 8.16 -6.58
N LYS B 351 -1.35 8.68 -5.84
CA LYS B 351 -0.09 9.01 -6.48
C LYS B 351 0.65 7.77 -6.98
N ILE B 352 0.52 6.64 -6.29
CA ILE B 352 1.16 5.41 -6.77
C ILE B 352 0.53 4.95 -8.07
N TYR B 353 -0.81 4.93 -8.12
CA TYR B 353 -1.47 4.45 -9.33
C TYR B 353 -1.33 5.43 -10.48
N ALA B 354 -1.34 6.73 -10.18
CA ALA B 354 -1.21 7.74 -11.23
C ALA B 354 0.09 7.59 -12.00
N SER B 355 1.16 7.10 -11.37
CA SER B 355 2.44 7.03 -12.06
C SER B 355 2.46 6.03 -13.21
N LEU B 356 1.56 5.05 -13.24
CA LEU B 356 1.54 4.09 -14.34
C LEU B 356 1.13 4.73 -15.66
N PHE B 357 0.48 5.91 -15.62
CA PHE B 357 -0.01 6.60 -16.80
C PHE B 357 0.81 7.83 -17.15
N ASP B 358 2.04 7.92 -16.67
CA ASP B 358 2.95 8.99 -17.02
C ASP B 358 3.86 8.51 -18.14
N THR B 359 3.78 9.19 -19.30
CA THR B 359 4.61 8.85 -20.45
C THR B 359 5.96 9.53 -20.45
N GLU B 360 6.12 10.61 -19.70
CA GLU B 360 7.38 11.34 -19.69
C GLU B 360 8.33 10.84 -18.59
N ALA B 361 7.79 10.38 -17.47
CA ALA B 361 8.62 10.00 -16.33
C ALA B 361 9.51 8.81 -16.68
N ASP B 362 10.74 8.83 -16.15
CA ASP B 362 11.65 7.71 -16.34
C ASP B 362 11.16 6.46 -15.62
N ALA B 363 10.53 6.61 -14.46
CA ALA B 363 10.11 5.46 -13.70
C ALA B 363 8.76 5.74 -13.05
N HIS B 364 8.08 4.66 -12.70
CA HIS B 364 6.86 4.73 -11.90
C HIS B 364 7.14 4.10 -10.54
N TYR B 365 6.16 4.21 -9.65
CA TYR B 365 6.27 3.55 -8.36
C TYR B 365 5.85 2.10 -8.47
N LYS B 366 6.39 1.27 -7.59
CA LYS B 366 6.12 -0.17 -7.61
C LYS B 366 4.63 -0.44 -7.72
N PHE B 367 4.28 -1.30 -8.67
CA PHE B 367 2.88 -1.64 -8.91
C PHE B 367 2.23 -2.26 -7.67
N PHE B 368 1.04 -1.78 -7.36
CA PHE B 368 0.30 -2.16 -6.16
C PHE B 368 -0.94 -2.90 -6.64
N ASP B 369 -0.89 -4.24 -6.63
CA ASP B 369 -1.99 -5.01 -7.19
C ASP B 369 -3.17 -5.01 -6.22
N LEU B 370 -4.36 -5.16 -6.77
CA LEU B 370 -5.53 -5.11 -5.89
C LEU B 370 -6.31 -6.40 -6.01
N PRO B 371 -6.92 -6.88 -4.91
CA PRO B 371 -6.88 -6.30 -3.57
C PRO B 371 -5.68 -6.76 -2.74
N LEU B 372 -4.77 -7.56 -3.30
CA LEU B 372 -3.59 -8.01 -2.58
C LEU B 372 -2.35 -7.61 -3.36
N ALA B 373 -1.38 -6.99 -2.68
CA ALA B 373 -0.23 -6.41 -3.35
C ALA B 373 1.10 -7.09 -3.04
N ASN B 374 1.11 -8.17 -2.27
CA ASN B 374 2.36 -8.87 -2.01
C ASN B 374 2.96 -9.41 -3.31
N TYR B 375 4.28 -9.34 -3.44
CA TYR B 375 4.98 -9.84 -4.62
C TYR B 375 6.10 -10.81 -4.23
N ALA B 376 5.96 -11.46 -3.10
CA ALA B 376 6.82 -12.55 -2.69
C ALA B 376 6.04 -13.33 -1.65
N ASN B 377 6.61 -14.42 -1.17
CA ASN B 377 5.90 -15.16 -0.15
C ASN B 377 6.29 -14.75 1.27
N THR B 378 7.42 -14.08 1.44
CA THR B 378 7.73 -13.34 2.66
C THR B 378 7.87 -11.86 2.31
N ASN B 379 7.14 -11.02 3.04
CA ASN B 379 7.04 -9.59 2.80
C ASN B 379 7.70 -8.82 3.93
N ALA B 380 8.50 -7.82 3.58
CA ALA B 380 9.31 -7.10 4.55
C ALA B 380 9.59 -5.69 4.01
N ASP B 381 8.67 -4.77 4.28
CA ASP B 381 8.87 -3.36 3.96
C ASP B 381 9.24 -2.61 5.24
N ALA B 382 10.24 -1.74 5.14
CA ALA B 382 10.66 -0.94 6.29
C ALA B 382 9.56 0.05 6.65
N VAL B 383 9.27 0.14 7.95
CA VAL B 383 8.39 1.14 8.54
C VAL B 383 9.26 2.14 9.28
N LEU B 384 9.11 3.41 8.98
CA LEU B 384 10.01 4.41 9.55
C LEU B 384 9.23 5.48 10.30
N ASP B 385 9.89 6.12 11.26
CA ASP B 385 9.27 7.21 12.01
C ASP B 385 9.73 8.55 11.44
N ALA B 386 9.34 9.64 12.11
CA ALA B 386 9.58 10.97 11.60
C ALA B 386 11.05 11.37 11.71
N ALA B 387 11.84 10.65 12.47
CA ALA B 387 13.28 10.83 12.46
C ALA B 387 13.96 9.88 11.50
N GLY B 388 13.19 9.23 10.62
CA GLY B 388 13.75 8.28 9.69
C GLY B 388 14.38 7.06 10.33
N ASN B 389 14.02 6.76 11.57
CA ASN B 389 14.51 5.55 12.22
C ASN B 389 13.57 4.40 11.88
N VAL B 390 14.15 3.24 11.57
CA VAL B 390 13.36 2.05 11.26
C VAL B 390 12.73 1.57 12.57
N VAL B 391 11.40 1.62 12.64
CA VAL B 391 10.67 1.27 13.85
C VAL B 391 9.87 -0.01 13.70
N GLY B 392 9.92 -0.67 12.54
CA GLY B 392 9.19 -1.91 12.41
C GLY B 392 9.21 -2.45 10.99
N MET B 393 8.37 -3.45 10.76
CA MET B 393 8.37 -4.19 9.52
C MET B 393 6.93 -4.44 9.08
N SER B 394 6.61 -4.06 7.85
CA SER B 394 5.28 -4.28 7.29
C SER B 394 5.29 -5.60 6.52
N MET B 395 4.34 -6.50 6.84
CA MET B 395 4.50 -7.90 6.47
C MET B 395 3.41 -8.47 5.56
N PHE B 396 2.36 -7.71 5.27
CA PHE B 396 1.25 -8.18 4.43
C PHE B 396 0.42 -6.98 3.99
N THR B 397 0.29 -6.74 2.69
CA THR B 397 -0.15 -5.47 2.13
C THR B 397 -1.26 -5.66 1.10
N GLY B 398 -2.32 -4.85 1.19
CA GLY B 398 -3.38 -4.90 0.20
C GLY B 398 -4.41 -3.77 0.30
N TYR B 399 -5.64 -4.01 -0.16
CA TYR B 399 -6.69 -2.99 -0.18
C TYR B 399 -8.03 -3.62 0.19
N SER B 400 -8.86 -2.87 0.92
CA SER B 400 -10.15 -3.36 1.41
C SER B 400 -11.27 -2.48 0.86
N TYR B 401 -12.06 -3.03 -0.06
CA TYR B 401 -13.17 -2.28 -0.64
C TYR B 401 -14.23 -1.91 0.39
N ASN B 402 -14.28 -2.61 1.52
CA ASN B 402 -15.18 -2.18 2.58
C ASN B 402 -14.69 -0.88 3.22
N GLU B 403 -13.38 -0.74 3.38
CA GLU B 403 -12.83 0.45 4.00
C GLU B 403 -12.43 1.50 2.99
N LYS B 404 -12.32 1.13 1.72
CA LYS B 404 -11.82 2.04 0.70
C LYS B 404 -10.46 2.60 1.11
N ARG B 405 -9.62 1.73 1.67
CA ARG B 405 -8.27 2.11 2.08
C ARG B 405 -7.28 0.99 1.78
N ALA B 406 -6.10 1.36 1.33
CA ALA B 406 -4.97 0.46 1.39
C ALA B 406 -4.61 0.20 2.86
N LEU B 407 -4.22 -1.04 3.14
CA LEU B 407 -3.91 -1.47 4.50
C LEU B 407 -2.74 -2.44 4.46
N SER B 408 -1.98 -2.49 5.55
CA SER B 408 -0.98 -3.53 5.73
C SER B 408 -0.91 -3.91 7.20
N LEU B 409 -0.38 -5.11 7.46
CA LEU B 409 -0.17 -5.62 8.81
C LEU B 409 1.32 -5.51 9.11
N ALA B 410 1.65 -5.02 10.30
CA ALA B 410 3.03 -4.69 10.60
C ALA B 410 3.31 -4.98 12.06
N THR B 411 4.59 -5.05 12.40
CA THR B 411 5.05 -5.14 13.78
C THR B 411 6.00 -3.98 14.04
N ILE B 412 5.73 -3.20 15.09
CA ILE B 412 6.42 -1.93 15.32
C ILE B 412 6.76 -1.78 16.79
N ASP B 413 7.73 -0.90 17.06
CA ASP B 413 8.11 -0.52 18.42
C ASP B 413 6.88 -0.34 19.30
N HIS B 414 6.89 -0.99 20.47
CA HIS B 414 5.71 -1.07 21.32
C HIS B 414 5.20 0.29 21.79
N GLU B 415 6.09 1.28 21.94
CA GLU B 415 5.65 2.51 22.58
C GLU B 415 4.97 3.47 21.63
N ILE B 416 4.93 3.19 20.33
CA ILE B 416 4.28 4.05 19.34
C ILE B 416 2.77 3.93 19.48
N PRO B 417 2.05 4.98 19.83
CA PRO B 417 0.61 4.86 20.03
C PRO B 417 -0.18 4.81 18.73
N VAL B 418 -1.40 4.29 18.86
CA VAL B 418 -2.38 4.37 17.80
C VAL B 418 -2.58 5.82 17.40
N GLY B 419 -2.74 6.05 16.10
CA GLY B 419 -2.88 7.37 15.54
C GLY B 419 -1.59 7.98 15.03
N THR B 420 -0.43 7.47 15.46
CA THR B 420 0.81 8.03 14.95
C THR B 420 0.92 7.82 13.44
N GLU B 421 1.38 8.85 12.74
CA GLU B 421 1.67 8.74 11.32
C GLU B 421 3.11 8.30 11.17
N LEU B 422 3.30 7.16 10.52
CA LEU B 422 4.59 6.60 10.17
C LEU B 422 4.73 6.63 8.65
N THR B 423 5.87 6.19 8.15
CA THR B 423 5.99 5.90 6.73
C THR B 423 6.29 4.43 6.54
N VAL B 424 5.64 3.83 5.54
CA VAL B 424 6.08 2.55 4.95
C VAL B 424 6.83 2.86 3.66
N LEU B 425 8.04 2.32 3.55
CA LEU B 425 8.82 2.46 2.34
C LEU B 425 8.35 1.39 1.35
N TRP B 426 7.73 1.82 0.25
CA TRP B 426 7.10 0.91 -0.69
C TRP B 426 7.93 0.82 -1.97
N GLY B 427 8.26 -0.40 -2.37
CA GLY B 427 9.15 -0.66 -3.48
C GLY B 427 10.55 -1.00 -3.01
N GLU B 428 11.34 -1.53 -3.93
CA GLU B 428 12.70 -1.94 -3.63
C GLU B 428 13.69 -0.98 -4.26
N GLU B 429 14.92 -1.01 -3.75
CA GLU B 429 15.98 -0.07 -4.11
C GLU B 429 16.57 -0.37 -5.49
N ASN B 430 17.23 0.64 -6.06
CA ASN B 430 18.10 0.50 -7.23
C ASN B 430 17.39 -0.15 -8.42
N GLY B 431 16.11 0.15 -8.60
CA GLY B 431 15.33 -0.36 -9.70
C GLY B 431 14.49 -1.56 -9.37
N GLY B 432 14.76 -2.22 -8.25
CA GLY B 432 14.07 -3.45 -7.88
C GLY B 432 15.02 -4.64 -7.93
N THR B 433 14.66 -5.69 -7.18
CA THR B 433 15.41 -6.94 -7.22
C THR B 433 15.08 -7.69 -8.51
N ARG B 434 15.77 -8.83 -8.69
CA ARG B 434 15.60 -9.66 -9.87
C ARG B 434 14.39 -10.59 -9.77
N LYS B 435 13.61 -10.51 -8.70
CA LYS B 435 12.40 -11.32 -8.61
C LYS B 435 11.53 -11.10 -9.85
N THR B 436 10.90 -12.19 -10.31
CA THR B 436 10.13 -12.17 -11.54
C THR B 436 8.81 -11.43 -11.39
N THR B 437 8.39 -11.17 -10.15
CA THR B 437 7.19 -10.39 -9.85
C THR B 437 7.44 -8.89 -9.82
N VAL B 438 8.67 -8.47 -10.05
CA VAL B 438 9.06 -7.08 -9.86
C VAL B 438 9.33 -6.46 -11.23
N GLU B 439 8.57 -5.44 -11.57
CA GLU B 439 8.90 -4.59 -12.70
C GLU B 439 9.84 -3.47 -12.25
N PRO B 440 10.61 -2.88 -13.17
CA PRO B 440 11.47 -1.75 -12.77
C PRO B 440 10.62 -0.63 -12.19
N HIS B 441 11.17 0.10 -11.21
CA HIS B 441 10.35 1.01 -10.43
C HIS B 441 11.23 1.76 -9.46
N LYS B 442 10.71 2.87 -8.96
CA LYS B 442 11.36 3.66 -7.93
C LYS B 442 10.54 3.56 -6.64
N GLN B 443 11.21 3.80 -5.52
CA GLN B 443 10.56 3.70 -4.22
C GLN B 443 9.78 4.95 -3.90
N MET B 444 8.72 4.76 -3.10
CA MET B 444 7.99 5.87 -2.49
C MET B 444 7.89 5.62 -0.99
N ALA B 445 7.98 6.69 -0.20
CA ALA B 445 7.65 6.65 1.22
C ALA B 445 6.16 6.89 1.37
N VAL B 446 5.41 5.84 1.71
CA VAL B 446 3.96 5.94 1.88
C VAL B 446 3.63 6.31 3.32
N ARG B 447 2.73 7.28 3.49
CA ARG B 447 2.29 7.69 4.82
C ARG B 447 1.30 6.67 5.35
N ALA B 448 1.47 6.29 6.61
CA ALA B 448 0.69 5.19 7.15
C ALA B 448 0.37 5.47 8.62
N VAL B 449 -0.89 5.31 9.00
CA VAL B 449 -1.34 5.62 10.35
C VAL B 449 -1.43 4.33 11.16
N VAL B 450 -0.74 4.28 12.30
CA VAL B 450 -0.90 3.16 13.24
C VAL B 450 -2.37 3.05 13.66
N SER B 451 -2.95 1.87 13.47
CA SER B 451 -4.35 1.62 13.72
C SER B 451 -4.52 0.31 14.48
N PRO B 452 -5.70 0.03 15.04
CA PRO B 452 -5.87 -1.21 15.81
C PRO B 452 -5.82 -2.43 14.90
N VAL B 453 -5.71 -3.60 15.54
CA VAL B 453 -5.81 -4.88 14.87
C VAL B 453 -6.72 -5.75 15.72
N PRO B 454 -7.83 -6.29 15.18
CA PRO B 454 -8.34 -6.14 13.80
C PRO B 454 -8.71 -4.70 13.47
N TYR B 455 -8.61 -4.33 12.19
CA TYR B 455 -8.67 -2.93 11.82
C TYR B 455 -10.02 -2.30 12.17
N SER B 456 -9.96 -1.09 12.74
CA SER B 456 -11.13 -0.29 13.06
C SER B 456 -10.82 1.19 12.81
N VAL B 457 -11.86 1.93 12.43
CA VAL B 457 -11.71 3.34 12.08
C VAL B 457 -11.84 4.23 13.31
N PRO C 7 -38.23 -22.78 -21.63
CA PRO C 7 -37.66 -22.49 -22.95
C PRO C 7 -36.55 -23.48 -23.32
N THR C 8 -36.61 -24.03 -24.53
CA THR C 8 -35.60 -24.97 -25.00
C THR C 8 -34.68 -24.36 -26.04
N ASN C 9 -34.78 -23.06 -26.30
CA ASN C 9 -34.03 -22.43 -27.37
C ASN C 9 -33.91 -20.93 -27.08
N LEU C 10 -33.30 -20.22 -28.04
CA LEU C 10 -33.10 -18.78 -27.92
C LEU C 10 -34.41 -18.02 -28.12
N GLU C 11 -35.07 -18.23 -29.27
CA GLU C 11 -36.32 -17.54 -29.56
C GLU C 11 -37.25 -17.55 -28.36
N GLN C 12 -37.36 -18.69 -27.67
CA GLN C 12 -38.24 -18.74 -26.50
C GLN C 12 -37.76 -17.82 -25.40
N VAL C 13 -36.45 -17.73 -25.20
CA VAL C 13 -35.95 -16.98 -24.06
C VAL C 13 -36.16 -15.47 -24.22
N LEU C 14 -36.19 -14.94 -25.45
CA LEU C 14 -36.60 -13.54 -25.61
C LEU C 14 -38.09 -13.36 -25.34
N ALA C 15 -38.89 -14.33 -25.77
CA ALA C 15 -40.33 -14.24 -25.57
C ALA C 15 -40.65 -14.05 -24.09
N ALA C 16 -40.18 -14.97 -23.25
CA ALA C 16 -40.40 -14.90 -21.81
C ALA C 16 -39.26 -14.19 -21.09
N GLY C 17 -38.76 -13.08 -21.63
CA GLY C 17 -37.64 -12.39 -21.03
C GLY C 17 -37.62 -10.90 -21.31
N GLY C 18 -38.73 -10.39 -21.84
CA GLY C 18 -38.90 -8.97 -22.03
C GLY C 18 -37.95 -8.39 -23.05
N ASN C 19 -37.75 -7.07 -22.94
CA ASN C 19 -36.81 -6.37 -23.80
C ASN C 19 -35.48 -7.08 -23.78
N THR C 20 -34.91 -7.31 -24.96
CA THR C 20 -33.73 -8.16 -25.04
C THR C 20 -32.46 -7.41 -24.64
N VAL C 21 -32.43 -6.09 -24.75
CA VAL C 21 -31.26 -5.36 -24.23
C VAL C 21 -31.28 -5.31 -22.70
N GLU C 22 -32.48 -5.34 -22.09
CA GLU C 22 -32.56 -5.29 -20.64
C GLU C 22 -32.22 -6.63 -19.98
N MET C 23 -32.38 -7.75 -20.69
CA MET C 23 -31.91 -9.02 -20.18
C MET C 23 -30.39 -9.17 -20.40
N LEU C 24 -29.89 -8.75 -21.57
CA LEU C 24 -28.48 -8.94 -21.90
C LEU C 24 -27.59 -8.05 -21.06
N ARG C 25 -27.98 -6.79 -20.87
CA ARG C 25 -27.19 -5.88 -20.04
C ARG C 25 -27.32 -6.17 -18.56
N ASN C 26 -28.28 -6.99 -18.14
CA ASN C 26 -28.40 -7.40 -16.75
C ASN C 26 -28.19 -8.90 -16.58
N SER C 27 -27.35 -9.49 -17.44
CA SER C 27 -27.07 -10.92 -17.37
C SER C 27 -26.04 -11.23 -16.30
N GLN C 28 -26.32 -12.25 -15.49
CA GLN C 28 -25.40 -12.73 -14.46
C GLN C 28 -24.32 -13.66 -15.01
N ILE C 29 -23.90 -13.44 -16.26
CA ILE C 29 -22.99 -14.37 -16.91
C ILE C 29 -21.59 -14.29 -16.31
N GLY C 30 -21.18 -13.13 -15.86
CA GLY C 30 -19.86 -12.96 -15.28
C GLY C 30 -18.90 -12.29 -16.25
N ALA C 31 -17.62 -12.35 -15.89
CA ALA C 31 -16.62 -11.83 -16.81
C ALA C 31 -16.38 -12.83 -17.94
N TYR C 32 -15.78 -12.32 -19.02
CA TYR C 32 -15.31 -13.18 -20.10
C TYR C 32 -13.94 -13.75 -19.71
N VAL C 33 -13.94 -14.97 -19.16
CA VAL C 33 -12.70 -15.58 -18.70
C VAL C 33 -11.90 -16.12 -19.87
N TYR C 34 -10.58 -16.09 -19.70
CA TYR C 34 -9.63 -16.71 -20.63
C TYR C 34 -8.98 -17.86 -19.89
N PRO C 35 -9.54 -19.06 -19.96
CA PRO C 35 -9.39 -20.05 -18.89
C PRO C 35 -8.05 -20.79 -18.88
N VAL C 36 -7.95 -21.70 -17.90
CA VAL C 36 -6.90 -22.70 -17.66
C VAL C 36 -5.51 -22.10 -17.53
N VAL C 37 -5.11 -21.24 -18.47
CA VAL C 37 -3.76 -20.70 -18.42
C VAL C 37 -3.53 -19.97 -17.09
N ALA C 38 -2.34 -20.18 -16.52
CA ALA C 38 -1.93 -19.39 -15.36
C ALA C 38 -2.20 -17.92 -15.63
N PRO C 39 -2.81 -17.18 -14.68
CA PRO C 39 -2.95 -15.74 -14.87
C PRO C 39 -1.64 -15.03 -15.12
N GLU C 40 -0.58 -15.39 -14.37
CA GLU C 40 0.73 -14.81 -14.59
C GLU C 40 1.80 -15.87 -14.36
N PHE C 41 2.90 -15.76 -15.10
CA PHE C 41 4.08 -16.58 -14.85
C PHE C 41 5.19 -15.77 -14.19
N SER C 42 5.37 -14.53 -14.65
CA SER C 42 6.27 -13.60 -14.00
C SER C 42 5.40 -12.48 -13.44
N ASN C 43 5.16 -11.41 -14.19
CA ASN C 43 4.07 -10.50 -13.87
C ASN C 43 3.56 -9.90 -15.18
N TRP C 44 2.30 -9.45 -15.17
CA TRP C 44 1.65 -9.08 -16.43
C TRP C 44 2.32 -7.90 -17.12
N ARG C 45 3.08 -7.08 -16.39
CA ARG C 45 3.81 -5.97 -16.99
C ARG C 45 5.05 -6.46 -17.71
N THR C 46 5.87 -7.26 -17.02
CA THR C 46 7.05 -7.84 -17.66
C THR C 46 6.65 -8.72 -18.86
N GLU C 47 5.52 -9.41 -18.77
CA GLU C 47 5.11 -10.26 -19.87
C GLU C 47 4.67 -9.41 -21.07
N GLN C 48 4.01 -8.28 -20.82
CA GLN C 48 3.71 -7.32 -21.89
C GLN C 48 5.00 -6.78 -22.50
N TRP C 49 5.95 -6.41 -21.65
CA TRP C 49 7.21 -5.86 -22.16
C TRP C 49 7.92 -6.86 -23.06
N ALA C 50 7.77 -8.15 -22.78
CA ALA C 50 8.59 -9.14 -23.48
C ALA C 50 8.19 -9.29 -24.95
N TRP C 51 6.89 -9.26 -25.24
CA TRP C 51 6.47 -9.37 -26.64
C TRP C 51 6.85 -8.16 -27.46
N ARG C 52 7.43 -7.14 -26.85
CA ARG C 52 7.97 -6.00 -27.59
C ARG C 52 9.48 -5.95 -27.59
N ASN C 53 10.15 -6.54 -26.60
CA ASN C 53 11.59 -6.37 -26.49
C ASN C 53 12.38 -7.66 -26.47
N SER C 54 11.73 -8.81 -26.30
CA SER C 54 12.46 -10.07 -26.30
C SER C 54 11.69 -11.11 -27.09
N ALA C 55 11.00 -12.02 -26.41
CA ALA C 55 10.17 -13.02 -27.08
C ALA C 55 9.23 -13.63 -26.06
N VAL C 56 8.13 -14.21 -26.55
CA VAL C 56 7.04 -14.65 -25.71
C VAL C 56 6.45 -15.95 -26.22
N LEU C 57 5.81 -16.68 -25.32
CA LEU C 57 5.07 -17.89 -25.65
C LEU C 57 3.60 -17.69 -25.27
N PHE C 58 2.76 -17.41 -26.27
CA PHE C 58 1.34 -17.27 -26.06
C PHE C 58 0.71 -18.64 -26.02
N ASP C 59 0.02 -18.96 -24.93
CA ASP C 59 -0.69 -20.23 -24.81
C ASP C 59 -2.15 -19.99 -25.20
N GLN C 60 -2.49 -20.34 -26.45
CA GLN C 60 -3.80 -20.11 -27.02
C GLN C 60 -4.66 -21.37 -27.06
N THR C 61 -4.42 -22.30 -26.13
CA THR C 61 -5.00 -23.62 -26.22
C THR C 61 -6.41 -23.70 -25.66
N HIS C 62 -6.80 -22.78 -24.80
CA HIS C 62 -8.01 -22.98 -24.01
C HIS C 62 -9.12 -21.98 -24.22
N HIS C 63 -8.88 -20.83 -24.86
CA HIS C 63 -9.91 -19.79 -24.87
C HIS C 63 -10.78 -19.77 -26.12
N MET C 64 -10.39 -20.45 -27.20
CA MET C 64 -11.15 -20.42 -28.45
C MET C 64 -11.98 -21.68 -28.62
N VAL C 65 -12.98 -21.60 -29.50
CA VAL C 65 -13.72 -22.76 -29.95
C VAL C 65 -13.05 -23.27 -31.23
N ASP C 66 -12.86 -24.59 -31.31
CA ASP C 66 -12.14 -25.19 -32.43
C ASP C 66 -13.11 -25.98 -33.29
N LEU C 67 -13.17 -25.63 -34.56
CA LEU C 67 -14.07 -26.27 -35.52
C LEU C 67 -13.24 -26.95 -36.60
N TYR C 68 -13.21 -28.29 -36.59
CA TYR C 68 -12.59 -29.10 -37.64
C TYR C 68 -13.66 -29.43 -38.66
N ILE C 69 -13.57 -28.80 -39.84
CA ILE C 69 -14.59 -28.92 -40.88
C ILE C 69 -13.98 -29.75 -42.02
N ARG C 70 -14.52 -30.95 -42.24
CA ARG C 70 -13.97 -31.87 -43.24
C ARG C 70 -15.11 -32.56 -43.98
N GLY C 71 -14.97 -32.66 -45.30
CA GLY C 71 -15.97 -33.29 -46.13
C GLY C 71 -15.83 -32.82 -47.57
N LYS C 72 -16.84 -33.15 -48.37
CA LYS C 72 -16.82 -32.70 -49.76
C LYS C 72 -17.29 -31.25 -49.86
N ASP C 73 -18.39 -30.93 -49.19
CA ASP C 73 -18.89 -29.55 -49.13
C ASP C 73 -18.11 -28.70 -48.13
N ALA C 74 -16.81 -28.91 -48.02
CA ALA C 74 -16.03 -28.17 -47.03
C ALA C 74 -15.84 -26.73 -47.49
N LEU C 75 -14.93 -26.50 -48.44
CA LEU C 75 -14.72 -25.15 -48.94
C LEU C 75 -16.02 -24.51 -49.38
N LYS C 76 -16.89 -25.29 -50.04
CA LYS C 76 -18.14 -24.73 -50.55
C LYS C 76 -18.92 -24.01 -49.46
N LEU C 77 -19.12 -24.68 -48.32
CA LEU C 77 -19.80 -24.04 -47.20
C LEU C 77 -19.05 -22.79 -46.75
N LEU C 78 -17.72 -22.80 -46.80
CA LEU C 78 -16.98 -21.61 -46.43
C LEU C 78 -17.24 -20.47 -47.40
N SER C 79 -17.26 -20.77 -48.71
CA SER C 79 -17.50 -19.75 -49.73
C SER C 79 -18.90 -19.17 -49.65
N ASP C 80 -19.88 -19.99 -49.22
CA ASP C 80 -21.26 -19.54 -49.10
C ASP C 80 -21.47 -18.55 -47.96
N THR C 81 -20.54 -18.48 -47.01
CA THR C 81 -20.77 -17.76 -45.76
C THR C 81 -19.75 -16.70 -45.44
N MET C 82 -18.70 -16.54 -46.22
CA MET C 82 -17.63 -15.60 -45.91
C MET C 82 -17.61 -14.46 -46.91
N ILE C 83 -17.36 -13.25 -46.39
CA ILE C 83 -17.17 -12.09 -47.24
C ILE C 83 -15.84 -12.11 -47.96
N ASN C 84 -14.97 -13.06 -47.65
CA ASN C 84 -13.67 -13.12 -48.28
C ASN C 84 -13.72 -14.04 -49.50
N SER C 85 -12.86 -13.74 -50.47
CA SER C 85 -12.84 -14.50 -51.71
C SER C 85 -12.57 -15.98 -51.45
N PRO C 86 -13.15 -16.89 -52.25
CA PRO C 86 -12.85 -18.33 -52.29
C PRO C 86 -12.03 -18.76 -53.50
N PRO C 91 -4.20 -25.42 -50.36
CA PRO C 91 -4.09 -25.37 -48.91
C PRO C 91 -2.75 -24.82 -48.47
N ASN C 92 -2.46 -24.89 -47.16
CA ASN C 92 -1.30 -24.25 -46.55
C ASN C 92 -1.37 -22.72 -46.67
N LYS C 93 -2.58 -22.17 -46.63
CA LYS C 93 -2.78 -20.73 -46.50
C LYS C 93 -4.14 -20.49 -45.86
N ALA C 94 -4.14 -19.81 -44.71
CA ALA C 94 -5.36 -19.52 -43.96
C ALA C 94 -5.76 -18.06 -44.14
N LYS C 95 -6.97 -17.74 -43.69
CA LYS C 95 -7.46 -16.38 -43.72
C LYS C 95 -8.47 -16.19 -42.59
N GLN C 96 -8.92 -14.96 -42.42
CA GLN C 96 -9.83 -14.58 -41.33
C GLN C 96 -11.27 -14.60 -41.82
N TYR C 97 -12.01 -15.63 -41.42
CA TYR C 97 -13.34 -15.91 -41.96
C TYR C 97 -14.40 -15.04 -41.27
N VAL C 98 -15.08 -14.22 -42.04
CA VAL C 98 -16.00 -13.21 -41.54
C VAL C 98 -17.40 -13.49 -42.09
N PRO C 99 -18.26 -14.15 -41.30
CA PRO C 99 -19.66 -14.35 -41.71
C PRO C 99 -20.59 -13.24 -41.23
N VAL C 100 -21.56 -12.91 -42.08
CA VAL C 100 -22.58 -11.91 -41.77
C VAL C 100 -23.95 -12.57 -41.84
N THR C 101 -24.95 -11.84 -41.37
CA THR C 101 -26.35 -12.23 -41.52
C THR C 101 -26.81 -11.87 -42.93
N PRO C 102 -27.98 -12.35 -43.36
CA PRO C 102 -28.54 -11.84 -44.62
C PRO C 102 -28.69 -10.33 -44.63
N TYR C 103 -29.00 -9.72 -43.48
CA TYR C 103 -29.17 -8.27 -43.39
C TYR C 103 -27.84 -7.51 -43.44
N GLY C 104 -26.70 -8.19 -43.46
CA GLY C 104 -25.43 -7.55 -43.77
C GLY C 104 -24.59 -7.11 -42.59
N HIS C 105 -24.82 -7.67 -41.41
CA HIS C 105 -24.07 -7.28 -40.23
C HIS C 105 -23.24 -8.46 -39.72
N VAL C 106 -22.07 -8.15 -39.17
CA VAL C 106 -21.10 -9.18 -38.80
C VAL C 106 -21.66 -10.10 -37.72
N ILE C 107 -21.51 -11.40 -37.93
CA ILE C 107 -21.93 -12.40 -36.95
C ILE C 107 -20.77 -12.88 -36.06
N GLY C 108 -19.54 -12.69 -36.50
CA GLY C 108 -18.39 -13.19 -35.77
C GLY C 108 -17.17 -13.15 -36.65
N ASP C 109 -16.16 -13.93 -36.28
CA ASP C 109 -14.98 -14.14 -37.13
C ASP C 109 -14.12 -15.26 -36.51
N GLY C 110 -12.95 -15.46 -37.11
CA GLY C 110 -12.03 -16.51 -36.70
C GLY C 110 -11.08 -16.82 -37.84
N ILE C 111 -10.00 -17.52 -37.51
CA ILE C 111 -9.07 -18.01 -38.51
C ILE C 111 -9.51 -19.40 -38.96
N ILE C 112 -9.63 -19.57 -40.27
CA ILE C 112 -9.99 -20.84 -40.88
C ILE C 112 -8.77 -21.38 -41.60
N PHE C 113 -8.32 -22.56 -41.18
CA PHE C 113 -7.07 -23.16 -41.67
C PHE C 113 -7.35 -24.05 -42.88
N TYR C 114 -6.68 -23.77 -44.00
CA TYR C 114 -6.65 -24.64 -45.18
C TYR C 114 -5.58 -25.71 -44.96
N LEU C 115 -5.99 -26.78 -44.26
CA LEU C 115 -5.03 -27.78 -43.82
C LEU C 115 -4.68 -28.74 -44.95
N ALA C 116 -5.70 -29.22 -45.66
CA ALA C 116 -5.52 -30.01 -46.87
C ALA C 116 -6.84 -30.01 -47.63
N GLU C 117 -6.80 -30.49 -48.87
CA GLU C 117 -8.02 -30.67 -49.65
C GLU C 117 -9.08 -31.38 -48.81
N GLU C 118 -10.26 -30.77 -48.71
CA GLU C 118 -11.39 -31.23 -47.91
C GLU C 118 -11.17 -31.13 -46.40
N GLU C 119 -10.10 -30.50 -45.94
CA GLU C 119 -9.77 -30.44 -44.52
C GLU C 119 -9.59 -28.98 -44.10
N PHE C 120 -10.46 -28.52 -43.19
CA PHE C 120 -10.36 -27.15 -42.67
C PHE C 120 -10.61 -27.13 -41.16
N VAL C 121 -9.85 -26.28 -40.46
CA VAL C 121 -10.01 -26.10 -39.02
C VAL C 121 -10.33 -24.63 -38.74
N TYR C 122 -11.43 -24.38 -38.05
CA TYR C 122 -11.79 -23.05 -37.58
C TYR C 122 -11.50 -22.91 -36.10
N VAL C 123 -10.81 -21.83 -35.73
CA VAL C 123 -10.52 -21.49 -34.33
C VAL C 123 -10.98 -20.07 -34.10
N GLY C 124 -11.82 -19.86 -33.10
CA GLY C 124 -12.27 -18.52 -32.76
C GLY C 124 -13.42 -18.56 -31.76
N ARG C 125 -14.03 -17.39 -31.59
CA ARG C 125 -15.13 -17.26 -30.64
C ARG C 125 -16.32 -18.12 -31.07
N ALA C 126 -17.23 -18.35 -30.13
CA ALA C 126 -18.34 -19.29 -30.27
C ALA C 126 -19.40 -18.84 -31.27
N PRO C 127 -19.65 -17.52 -31.40
CA PRO C 127 -20.74 -17.06 -32.29
C PRO C 127 -20.59 -17.53 -33.75
N ALA C 128 -19.46 -17.25 -34.38
CA ALA C 128 -19.23 -17.69 -35.76
C ALA C 128 -19.12 -19.21 -35.89
N ALA C 129 -18.85 -19.92 -34.80
CA ALA C 129 -18.85 -21.39 -34.86
C ALA C 129 -20.26 -21.94 -34.83
N ASN C 130 -21.16 -21.29 -34.08
CA ASN C 130 -22.56 -21.69 -34.09
C ASN C 130 -23.20 -21.44 -35.44
N TRP C 131 -22.65 -20.52 -36.23
CA TRP C 131 -23.20 -20.22 -37.55
C TRP C 131 -22.74 -21.25 -38.58
N LEU C 132 -21.45 -21.55 -38.62
CA LEU C 132 -20.98 -22.62 -39.50
C LEU C 132 -21.68 -23.94 -39.17
N MET C 133 -22.04 -24.13 -37.91
CA MET C 133 -22.85 -25.28 -37.54
C MET C 133 -24.29 -25.16 -38.00
N TYR C 134 -24.74 -23.97 -38.41
CA TYR C 134 -26.08 -23.82 -38.97
C TYR C 134 -26.14 -24.31 -40.40
N HIS C 135 -25.37 -23.69 -41.29
CA HIS C 135 -25.38 -24.08 -42.69
C HIS C 135 -24.93 -25.52 -42.89
N ALA C 136 -24.30 -26.14 -41.89
CA ALA C 136 -23.90 -27.55 -41.97
C ALA C 136 -24.97 -28.49 -41.41
N GLN C 137 -25.67 -28.08 -40.36
CA GLN C 137 -26.79 -28.89 -39.86
C GLN C 137 -28.13 -28.33 -40.36
N VAL C 143 -20.58 -32.47 -45.69
CA VAL C 143 -19.52 -32.01 -44.80
C VAL C 143 -19.73 -32.52 -43.37
N ASP C 144 -18.64 -32.81 -42.67
CA ASP C 144 -18.65 -33.30 -41.30
C ASP C 144 -17.97 -32.28 -40.40
N ILE C 145 -18.38 -32.24 -39.13
CA ILE C 145 -17.89 -31.24 -38.18
C ILE C 145 -17.87 -31.85 -36.78
N VAL C 146 -16.73 -31.72 -36.10
CA VAL C 146 -16.58 -32.12 -34.71
C VAL C 146 -16.34 -30.85 -33.89
N HIS C 147 -17.14 -30.62 -32.87
CA HIS C 147 -17.06 -29.38 -32.10
C HIS C 147 -16.15 -29.58 -30.89
N ASP C 148 -15.08 -28.79 -30.80
CA ASP C 148 -14.18 -28.78 -29.65
C ASP C 148 -14.33 -27.43 -28.94
N ASP C 149 -15.16 -27.42 -27.91
CA ASP C 149 -15.50 -26.19 -27.20
C ASP C 149 -14.27 -25.64 -26.47
N ARG C 150 -14.29 -24.31 -26.24
CA ARG C 150 -13.30 -23.67 -25.38
C ARG C 150 -13.33 -24.29 -23.98
N SER C 151 -12.20 -24.17 -23.28
CA SER C 151 -12.10 -24.81 -21.97
C SER C 151 -13.05 -24.14 -20.97
N PRO C 152 -13.48 -24.87 -19.95
CA PRO C 152 -14.39 -24.27 -18.95
C PRO C 152 -13.78 -23.02 -18.33
N SER C 153 -14.62 -22.00 -18.13
CA SER C 153 -14.14 -20.75 -17.58
C SER C 153 -13.60 -20.93 -16.16
N ARG C 154 -14.22 -21.81 -15.37
CA ARG C 154 -13.80 -22.08 -13.98
C ARG C 154 -13.68 -23.59 -13.77
N PRO C 155 -12.64 -24.22 -14.32
CA PRO C 155 -12.49 -25.67 -14.19
C PRO C 155 -12.50 -26.16 -12.76
N MET C 156 -11.99 -25.37 -11.82
CA MET C 156 -12.02 -25.66 -10.39
C MET C 156 -11.36 -27.01 -10.07
N GLY C 157 -10.35 -27.39 -10.86
CA GLY C 157 -9.59 -28.59 -10.64
C GLY C 157 -9.96 -29.75 -11.55
N LYS C 158 -11.13 -29.71 -12.17
CA LYS C 158 -11.53 -30.81 -13.04
C LYS C 158 -10.57 -30.89 -14.23
N PRO C 159 -10.37 -32.09 -14.79
CA PRO C 159 -9.40 -32.22 -15.89
C PRO C 159 -9.89 -31.52 -17.15
N VAL C 160 -8.97 -30.81 -17.81
CA VAL C 160 -9.25 -30.09 -19.05
C VAL C 160 -8.61 -30.84 -20.21
N GLN C 161 -9.31 -30.89 -21.34
CA GLN C 161 -8.80 -31.57 -22.53
C GLN C 161 -9.28 -30.85 -23.79
N ARG C 162 -8.38 -30.67 -24.74
CA ARG C 162 -8.73 -30.17 -26.07
C ARG C 162 -8.15 -31.13 -27.12
N ILE C 163 -8.51 -30.89 -28.38
CA ILE C 163 -8.00 -31.75 -29.44
C ILE C 163 -6.60 -31.32 -29.86
N SER C 164 -6.29 -30.03 -29.80
CA SER C 164 -4.97 -29.52 -30.14
C SER C 164 -4.50 -28.47 -29.15
N TRP C 165 -3.19 -28.32 -29.04
CA TRP C 165 -2.58 -27.19 -28.36
C TRP C 165 -2.20 -26.18 -29.41
N ARG C 166 -2.36 -24.90 -29.09
CA ARG C 166 -1.98 -23.84 -30.00
C ARG C 166 -1.09 -22.86 -29.26
N PHE C 167 0.08 -22.59 -29.82
CA PHE C 167 1.03 -21.64 -29.29
C PHE C 167 1.32 -20.59 -30.34
N GLN C 168 1.91 -19.48 -29.89
CA GLN C 168 2.46 -18.48 -30.77
C GLN C 168 3.80 -18.07 -30.21
N ILE C 169 4.71 -17.66 -31.09
CA ILE C 169 6.06 -17.27 -30.70
C ILE C 169 6.31 -15.92 -31.34
N GLN C 170 6.16 -14.86 -30.57
CA GLN C 170 6.23 -13.50 -31.09
C GLN C 170 7.35 -12.70 -30.42
N GLY C 171 7.79 -11.66 -31.11
CA GLY C 171 8.71 -10.71 -30.55
C GLY C 171 9.90 -10.45 -31.45
N PRO C 172 10.70 -9.43 -31.12
CA PRO C 172 11.88 -9.13 -31.95
C PRO C 172 12.91 -10.24 -31.96
N LYS C 173 12.79 -11.25 -31.10
CA LYS C 173 13.72 -12.38 -31.07
C LYS C 173 13.00 -13.69 -31.34
N ALA C 174 11.75 -13.63 -31.82
CA ALA C 174 11.00 -14.86 -32.03
C ALA C 174 11.66 -15.75 -33.09
N TRP C 175 12.14 -15.17 -34.19
CA TRP C 175 12.70 -16.01 -35.24
C TRP C 175 14.02 -16.66 -34.79
N ASP C 176 14.82 -15.97 -33.99
CA ASP C 176 16.01 -16.59 -33.41
C ASP C 176 15.63 -17.85 -32.64
N VAL C 177 14.61 -17.75 -31.78
CA VAL C 177 14.14 -18.92 -31.05
C VAL C 177 13.67 -19.98 -32.02
N ILE C 178 12.86 -19.59 -33.00
CA ILE C 178 12.23 -20.57 -33.91
C ILE C 178 13.30 -21.34 -34.66
N GLU C 179 14.31 -20.65 -35.19
CA GLU C 179 15.36 -21.33 -35.94
C GLU C 179 16.24 -22.18 -35.05
N LYS C 180 16.44 -21.75 -33.79
CA LYS C 180 17.13 -22.59 -32.82
C LYS C 180 16.39 -23.90 -32.63
N LEU C 181 15.06 -23.83 -32.47
CA LEU C 181 14.28 -25.05 -32.35
C LEU C 181 14.38 -25.89 -33.61
N HIS C 182 14.42 -25.23 -34.76
CA HIS C 182 14.28 -25.91 -36.05
C HIS C 182 15.55 -26.65 -36.45
N GLY C 183 16.70 -26.23 -35.94
CA GLY C 183 17.97 -26.81 -36.28
C GLY C 183 18.79 -25.98 -37.23
N GLY C 184 18.16 -25.06 -37.96
CA GLY C 184 18.84 -24.19 -38.90
C GLY C 184 17.92 -23.09 -39.41
N THR C 185 18.21 -22.57 -40.60
CA THR C 185 17.41 -21.47 -41.15
C THR C 185 16.01 -21.96 -41.51
N LEU C 186 15.00 -21.12 -41.24
CA LEU C 186 13.62 -21.40 -41.65
C LEU C 186 13.07 -20.23 -42.47
N GLU C 187 12.40 -20.57 -43.56
CA GLU C 187 11.94 -19.57 -44.52
C GLU C 187 10.77 -18.77 -43.96
N LYS C 188 10.83 -17.45 -44.15
CA LYS C 188 9.82 -16.53 -43.64
C LYS C 188 8.76 -16.35 -44.73
N LEU C 189 7.74 -17.21 -44.69
CA LEU C 189 6.72 -17.27 -45.73
C LEU C 189 5.88 -15.99 -45.74
N LYS C 190 4.90 -15.96 -46.64
CA LYS C 190 3.99 -14.83 -46.69
C LYS C 190 2.97 -14.95 -45.56
N PHE C 191 2.43 -13.82 -45.13
CA PHE C 191 1.56 -13.79 -43.97
C PHE C 191 0.39 -14.76 -44.14
N PHE C 192 0.08 -15.48 -43.07
CA PHE C 192 -0.99 -16.47 -43.03
C PHE C 192 -0.75 -17.64 -43.99
N ASN C 193 0.50 -17.82 -44.42
CA ASN C 193 0.93 -19.03 -45.11
C ASN C 193 1.42 -20.05 -44.09
N MET C 194 1.15 -21.32 -44.38
CA MET C 194 1.46 -22.42 -43.50
C MET C 194 2.64 -23.23 -44.03
N ALA C 195 3.37 -23.84 -43.10
CA ALA C 195 4.53 -24.65 -43.42
C ALA C 195 4.80 -25.62 -42.28
N GLU C 196 6.07 -25.84 -41.93
CA GLU C 196 6.40 -26.77 -40.86
C GLU C 196 7.80 -26.48 -40.34
N MET C 197 8.09 -27.02 -39.15
CA MET C 197 9.37 -26.83 -38.48
C MET C 197 9.60 -27.99 -37.50
N ASN C 198 10.84 -28.10 -37.01
CA ASN C 198 11.22 -29.13 -36.06
C ASN C 198 11.13 -28.59 -34.62
N ILE C 199 10.36 -29.28 -33.79
CA ILE C 199 10.36 -29.05 -32.34
C ILE C 199 10.64 -30.36 -31.64
N ALA C 200 11.80 -30.45 -30.98
CA ALA C 200 12.15 -31.62 -30.17
C ALA C 200 11.84 -32.92 -30.92
N GLY C 201 12.35 -33.01 -32.15
CA GLY C 201 12.15 -34.18 -32.98
C GLY C 201 10.75 -34.40 -33.51
N MET C 202 9.80 -33.50 -33.26
CA MET C 202 8.49 -33.60 -33.87
C MET C 202 8.41 -32.76 -35.13
N LYS C 203 7.42 -33.05 -35.96
CA LYS C 203 7.12 -32.22 -37.14
C LYS C 203 5.90 -31.37 -36.81
N ILE C 204 6.10 -30.07 -36.69
CA ILE C 204 5.08 -29.15 -36.20
C ILE C 204 4.70 -28.18 -37.32
N ARG C 205 3.40 -28.08 -37.59
CA ARG C 205 2.95 -27.17 -38.64
C ARG C 205 2.97 -25.73 -38.14
N THR C 206 3.12 -24.80 -39.07
CA THR C 206 3.34 -23.39 -38.75
C THR C 206 2.33 -22.51 -39.45
N LEU C 207 2.22 -21.26 -38.97
CA LEU C 207 1.42 -20.20 -39.59
C LEU C 207 2.18 -18.91 -39.39
N ARG C 208 2.68 -18.32 -40.48
CA ARG C 208 3.47 -17.10 -40.39
C ARG C 208 2.64 -15.97 -39.77
N HIS C 209 3.30 -15.13 -38.98
CA HIS C 209 2.61 -14.18 -38.11
C HIS C 209 3.59 -13.11 -37.64
N ALA C 214 7.88 -7.65 -36.94
CA ALA C 214 8.80 -8.70 -36.52
C ALA C 214 8.16 -10.09 -36.64
N PRO C 215 8.76 -10.94 -37.46
CA PRO C 215 8.10 -12.20 -37.84
C PRO C 215 7.99 -13.20 -36.69
N GLY C 216 6.87 -13.89 -36.64
CA GLY C 216 6.61 -14.93 -35.66
C GLY C 216 5.78 -16.06 -36.24
N LEU C 217 5.36 -17.02 -35.42
CA LEU C 217 4.63 -18.16 -35.93
C LEU C 217 3.53 -18.53 -34.95
N GLU C 218 2.45 -19.08 -35.47
CA GLU C 218 1.52 -19.83 -34.65
C GLU C 218 1.73 -21.31 -34.93
N ILE C 219 1.72 -22.12 -33.88
CA ILE C 219 1.98 -23.55 -34.02
C ILE C 219 0.86 -24.32 -33.33
N TRP C 220 0.73 -25.57 -33.73
CA TRP C 220 -0.30 -26.43 -33.17
C TRP C 220 0.10 -27.87 -33.35
N GLY C 221 -0.61 -28.75 -32.64
CA GLY C 221 -0.37 -30.16 -32.68
C GLY C 221 -1.28 -30.90 -31.72
N PRO C 222 -1.15 -32.22 -31.66
CA PRO C 222 -2.01 -33.01 -30.79
C PRO C 222 -1.80 -32.63 -29.33
N TYR C 223 -2.91 -32.54 -28.60
CA TYR C 223 -2.88 -32.09 -27.21
C TYR C 223 -1.93 -32.93 -26.36
N GLU C 224 -1.76 -34.19 -26.72
CA GLU C 224 -0.97 -35.10 -25.91
C GLU C 224 0.51 -34.73 -25.89
N THR C 225 0.99 -33.88 -26.81
CA THR C 225 2.38 -33.48 -26.84
C THR C 225 2.60 -32.06 -26.33
N GLN C 226 1.58 -31.41 -25.78
CA GLN C 226 1.69 -29.99 -25.45
C GLN C 226 2.88 -29.70 -24.54
N GLU C 227 3.02 -30.48 -23.46
CA GLU C 227 4.06 -30.20 -22.50
C GLU C 227 5.44 -30.41 -23.09
N LYS C 228 5.60 -31.44 -23.95
CA LYS C 228 6.89 -31.67 -24.57
C LYS C 228 7.29 -30.50 -25.46
N ALA C 229 6.34 -29.96 -26.22
CA ALA C 229 6.66 -28.84 -27.09
C ALA C 229 6.87 -27.56 -26.29
N ARG C 230 6.01 -27.30 -25.31
CA ARG C 230 6.20 -26.12 -24.45
C ARG C 230 7.58 -26.14 -23.83
N ASN C 231 7.96 -27.25 -23.20
CA ASN C 231 9.24 -27.30 -22.51
C ASN C 231 10.39 -27.06 -23.48
N ALA C 232 10.32 -27.64 -24.69
CA ALA C 232 11.36 -27.40 -25.68
C ALA C 232 11.47 -25.93 -26.04
N ILE C 233 10.33 -25.27 -26.29
CA ILE C 233 10.33 -23.85 -26.64
C ILE C 233 10.94 -23.01 -25.51
N LEU C 234 10.47 -23.23 -24.28
CA LEU C 234 10.98 -22.43 -23.17
C LEU C 234 12.46 -22.65 -22.99
N GLU C 235 12.89 -23.92 -23.08
CA GLU C 235 14.30 -24.25 -22.93
C GLU C 235 15.16 -23.57 -23.99
N ALA C 236 14.81 -23.76 -25.27
CA ALA C 236 15.61 -23.14 -26.32
C ALA C 236 15.56 -21.62 -26.23
N GLY C 237 14.42 -21.08 -25.81
CA GLY C 237 14.23 -19.64 -25.81
C GLY C 237 14.84 -18.90 -24.63
N LYS C 238 15.33 -19.61 -23.60
CA LYS C 238 16.00 -18.95 -22.48
C LYS C 238 17.18 -18.11 -22.96
N GLU C 239 17.87 -18.57 -24.00
CA GLU C 239 19.05 -17.85 -24.48
C GLU C 239 18.70 -16.46 -24.98
N PHE C 240 17.52 -16.30 -25.57
CA PHE C 240 17.07 -15.03 -26.10
C PHE C 240 16.08 -14.34 -25.20
N GLY C 241 15.96 -14.81 -23.96
CA GLY C 241 15.09 -14.17 -22.99
C GLY C 241 13.61 -14.36 -23.27
N LEU C 242 13.22 -15.45 -23.92
CA LEU C 242 11.80 -15.71 -24.07
C LEU C 242 11.20 -16.04 -22.72
N ILE C 243 9.97 -15.57 -22.49
CA ILE C 243 9.26 -15.91 -21.27
C ILE C 243 7.83 -16.27 -21.64
N PRO C 244 7.16 -17.08 -20.83
CA PRO C 244 5.75 -17.38 -21.09
C PRO C 244 4.86 -16.23 -20.66
N VAL C 245 3.67 -16.18 -21.24
CA VAL C 245 2.72 -15.10 -21.03
C VAL C 245 1.48 -15.70 -20.41
N GLY C 246 1.00 -15.09 -19.31
CA GLY C 246 -0.18 -15.60 -18.65
C GLY C 246 -1.47 -15.12 -19.29
N SER C 247 -2.57 -15.66 -18.79
CA SER C 247 -3.87 -15.28 -19.31
C SER C 247 -4.30 -13.89 -18.86
N ARG C 248 -3.69 -13.33 -17.82
CA ARG C 248 -4.03 -11.96 -17.43
C ARG C 248 -3.58 -10.97 -18.49
N ALA C 249 -2.32 -11.09 -18.94
CA ALA C 249 -1.76 -10.18 -19.92
C ALA C 249 -2.22 -10.48 -21.35
N TYR C 250 -2.41 -11.76 -21.69
CA TYR C 250 -2.62 -12.12 -23.09
C TYR C 250 -3.76 -11.36 -23.77
N PRO C 251 -5.00 -11.34 -23.24
CA PRO C 251 -6.08 -10.66 -23.98
C PRO C 251 -5.85 -9.18 -24.17
N SER C 252 -4.94 -8.58 -23.41
CA SER C 252 -4.66 -7.17 -23.64
C SER C 252 -3.87 -6.95 -24.93
N ASN C 253 -3.27 -8.01 -25.49
CA ASN C 253 -2.32 -7.82 -26.60
C ASN C 253 -2.97 -7.15 -27.82
N THR C 254 -4.26 -7.38 -28.03
CA THR C 254 -4.94 -6.82 -29.20
C THR C 254 -5.09 -5.30 -29.14
N LEU C 255 -4.91 -4.69 -27.97
CA LEU C 255 -5.03 -3.24 -27.87
C LEU C 255 -3.96 -2.55 -28.68
N GLU C 256 -2.80 -3.19 -28.85
CA GLU C 256 -1.72 -2.57 -29.59
C GLU C 256 -1.73 -2.90 -31.07
N SER C 257 -2.59 -3.84 -31.51
CA SER C 257 -2.59 -4.30 -32.90
C SER C 257 -3.86 -3.92 -33.64
N GLY C 258 -5.04 -4.26 -33.13
CA GLY C 258 -6.25 -3.64 -33.61
C GLY C 258 -7.49 -4.51 -33.65
N TRP C 259 -7.35 -5.80 -33.38
CA TRP C 259 -8.43 -6.73 -33.68
C TRP C 259 -9.47 -6.71 -32.56
N ILE C 260 -10.72 -6.38 -32.89
CA ILE C 260 -11.80 -6.30 -31.93
C ILE C 260 -12.36 -7.70 -31.74
N PRO C 261 -12.28 -8.29 -30.54
CA PRO C 261 -12.75 -9.66 -30.36
C PRO C 261 -14.21 -9.80 -29.98
N SER C 262 -14.97 -8.69 -29.90
CA SER C 262 -16.29 -8.81 -29.27
C SER C 262 -17.45 -8.05 -29.93
N PRO C 263 -17.55 -7.96 -31.26
CA PRO C 263 -18.78 -7.38 -31.82
C PRO C 263 -19.97 -8.29 -31.56
N LEU C 264 -21.08 -7.69 -31.14
CA LEU C 264 -22.24 -8.48 -30.78
C LEU C 264 -22.72 -9.30 -31.97
N PRO C 265 -23.17 -10.53 -31.77
CA PRO C 265 -23.70 -11.33 -32.89
C PRO C 265 -25.02 -10.78 -33.40
N ALA C 266 -25.04 -10.26 -34.63
CA ALA C 266 -26.18 -9.51 -35.14
C ALA C 266 -27.39 -10.40 -35.43
N ILE C 267 -27.70 -11.32 -34.52
CA ILE C 267 -28.67 -12.36 -34.79
C ILE C 267 -30.00 -12.05 -34.13
N LEU C 273 -34.32 -14.68 -39.86
CA LEU C 273 -33.31 -15.26 -38.98
C LEU C 273 -33.96 -15.95 -37.80
N LYS C 274 -35.29 -16.00 -37.82
CA LYS C 274 -36.02 -16.68 -36.75
C LYS C 274 -35.72 -18.17 -36.70
N ALA C 275 -35.20 -18.72 -37.79
CA ALA C 275 -34.84 -20.15 -37.83
C ALA C 275 -33.54 -20.42 -37.10
N TYR C 276 -32.53 -19.56 -37.29
CA TYR C 276 -31.32 -19.65 -36.49
C TYR C 276 -31.65 -19.64 -35.00
N ARG C 277 -32.39 -18.62 -34.55
CA ARG C 277 -32.64 -18.42 -33.12
C ARG C 277 -33.54 -19.51 -32.52
N GLU C 278 -34.40 -20.12 -33.33
CA GLU C 278 -35.23 -21.20 -32.80
C GLU C 278 -34.42 -22.46 -32.51
N TRP C 279 -33.19 -22.55 -33.00
CA TRP C 279 -32.34 -23.72 -32.81
C TRP C 279 -31.28 -23.52 -31.73
N LEU C 280 -30.56 -22.38 -31.76
CA LEU C 280 -29.56 -21.95 -30.77
C LEU C 280 -30.10 -22.24 -29.37
N PRO C 281 -29.41 -23.06 -28.57
CA PRO C 281 -30.01 -23.52 -27.32
C PRO C 281 -30.17 -22.37 -26.33
N ALA C 282 -30.94 -22.65 -25.27
CA ALA C 282 -31.19 -21.65 -24.25
C ALA C 282 -29.90 -21.25 -23.53
N ASN C 283 -28.98 -22.19 -23.36
CA ASN C 283 -27.72 -21.95 -22.68
C ASN C 283 -26.60 -21.52 -23.64
N SER C 284 -26.94 -21.03 -24.82
CA SER C 284 -25.90 -20.67 -25.77
C SER C 284 -25.20 -19.39 -25.33
N TYR C 285 -24.07 -19.12 -26.01
CA TYR C 285 -23.37 -17.85 -25.84
C TYR C 285 -24.34 -16.68 -26.02
N GLU C 286 -25.23 -16.79 -27.00
CA GLU C 286 -26.08 -15.67 -27.40
C GLU C 286 -27.21 -15.43 -26.42
N ALA C 287 -27.80 -16.50 -25.88
CA ALA C 287 -28.87 -16.37 -24.92
C ALA C 287 -28.38 -16.14 -23.49
N SER C 288 -27.07 -16.25 -23.25
CA SER C 288 -26.51 -16.10 -21.92
C SER C 288 -25.46 -15.02 -21.82
N GLY C 289 -24.96 -14.52 -22.94
CA GLY C 289 -23.91 -13.51 -22.98
C GLY C 289 -24.31 -12.21 -22.31
N ALA C 290 -23.42 -11.21 -22.36
CA ALA C 290 -23.68 -9.94 -21.68
C ALA C 290 -23.20 -8.78 -22.53
N ILE C 291 -24.06 -7.79 -22.70
CA ILE C 291 -23.68 -6.51 -23.29
C ILE C 291 -23.26 -5.60 -22.14
N GLY C 292 -22.21 -4.81 -22.36
CA GLY C 292 -21.68 -4.02 -21.27
C GLY C 292 -21.06 -2.70 -21.63
N GLY C 293 -21.32 -1.67 -20.83
CA GLY C 293 -20.74 -0.36 -21.06
C GLY C 293 -21.79 0.73 -21.02
N SER C 294 -21.46 1.87 -21.62
CA SER C 294 -22.27 3.08 -21.46
C SER C 294 -23.19 3.39 -22.63
N PHE C 295 -23.00 2.78 -23.80
CA PHE C 295 -23.91 3.01 -24.93
C PHE C 295 -25.21 2.24 -24.69
N VAL C 296 -26.30 2.97 -24.44
CA VAL C 296 -27.59 2.36 -24.11
C VAL C 296 -28.62 2.72 -25.18
N SER C 297 -29.54 1.79 -25.42
CA SER C 297 -30.66 1.90 -26.33
C SER C 297 -31.59 0.73 -26.05
N SER C 298 -32.89 0.93 -26.31
CA SER C 298 -33.87 -0.12 -26.09
C SER C 298 -33.91 -1.15 -27.21
N ASN C 299 -33.10 -0.99 -28.27
CA ASN C 299 -33.19 -1.81 -29.48
C ASN C 299 -31.81 -2.33 -29.83
N ILE C 300 -31.63 -3.66 -29.78
CA ILE C 300 -30.30 -4.25 -29.90
C ILE C 300 -29.65 -3.92 -31.23
N GLU C 301 -30.46 -3.75 -32.29
CA GLU C 301 -29.92 -3.46 -33.61
C GLU C 301 -29.04 -2.21 -33.62
N ASP C 302 -29.23 -1.31 -32.65
CA ASP C 302 -28.38 -0.14 -32.53
C ASP C 302 -26.94 -0.53 -32.18
N TYR C 303 -26.75 -1.71 -31.58
CA TYR C 303 -25.44 -2.21 -31.22
C TYR C 303 -24.83 -3.15 -32.25
N TYR C 304 -25.47 -3.34 -33.41
CA TYR C 304 -24.87 -4.15 -34.46
C TYR C 304 -23.77 -3.36 -35.17
N VAL C 305 -22.94 -4.08 -35.92
CA VAL C 305 -21.90 -3.45 -36.73
C VAL C 305 -21.73 -4.24 -38.02
N ASN C 306 -21.16 -3.59 -39.02
CA ASN C 306 -20.95 -4.16 -40.34
C ASN C 306 -19.46 -4.23 -40.66
N PRO C 307 -19.05 -5.08 -41.61
CA PRO C 307 -17.61 -5.31 -41.85
C PRO C 307 -16.78 -4.06 -42.17
N TYR C 308 -17.40 -2.97 -42.62
CA TYR C 308 -16.60 -1.78 -42.86
C TYR C 308 -16.36 -0.99 -41.59
N GLU C 309 -17.16 -1.24 -40.54
CA GLU C 309 -17.09 -0.47 -39.31
C GLU C 309 -15.99 -0.98 -38.37
N ILE C 310 -15.79 -2.30 -38.34
CA ILE C 310 -14.80 -2.91 -37.46
C ILE C 310 -13.52 -3.27 -38.23
N GLY C 311 -13.26 -2.62 -39.37
CA GLY C 311 -11.99 -2.74 -40.07
C GLY C 311 -11.88 -3.81 -41.13
N TYR C 312 -12.94 -4.57 -41.40
CA TYR C 312 -12.85 -5.72 -42.28
C TYR C 312 -13.15 -5.41 -43.74
N GLY C 313 -13.16 -4.14 -44.12
CA GLY C 313 -13.43 -3.74 -45.49
C GLY C 313 -12.67 -4.53 -46.53
N PRO C 314 -11.34 -4.42 -46.54
CA PRO C 314 -10.55 -5.12 -47.55
C PRO C 314 -10.60 -6.64 -47.38
N ASP C 319 -17.04 -11.68 -55.33
CA ASP C 319 -16.45 -12.67 -56.23
C ASP C 319 -17.12 -14.03 -56.04
N HIS C 320 -18.22 -14.04 -55.30
CA HIS C 320 -18.93 -15.30 -55.03
C HIS C 320 -20.28 -14.96 -54.41
N ASP C 321 -21.17 -15.95 -54.43
CA ASP C 321 -22.51 -15.81 -53.86
C ASP C 321 -22.47 -16.24 -52.40
N PHE C 322 -22.74 -15.30 -51.49
CA PHE C 322 -22.65 -15.55 -50.06
C PHE C 322 -23.78 -14.82 -49.34
N ILE C 323 -24.11 -15.32 -48.14
CA ILE C 323 -25.22 -14.75 -47.38
C ILE C 323 -24.92 -13.30 -47.05
N GLY C 324 -25.93 -12.45 -47.17
CA GLY C 324 -25.78 -11.03 -46.97
C GLY C 324 -25.06 -10.28 -48.07
N ARG C 325 -24.77 -10.92 -49.20
CA ARG C 325 -24.06 -10.23 -50.28
C ARG C 325 -24.89 -9.12 -50.89
N ASP C 326 -26.21 -9.30 -50.95
CA ASP C 326 -27.09 -8.23 -51.42
C ASP C 326 -27.03 -7.03 -50.47
N ALA C 327 -27.12 -7.28 -49.16
CA ALA C 327 -27.07 -6.20 -48.18
C ALA C 327 -25.70 -5.51 -48.20
N LEU C 328 -24.63 -6.28 -48.13
CA LEU C 328 -23.28 -5.72 -48.16
C LEU C 328 -23.05 -4.90 -49.44
N GLU C 329 -23.72 -5.27 -50.54
CA GLU C 329 -23.65 -4.50 -51.77
C GLU C 329 -24.28 -3.12 -51.63
N ALA C 330 -25.02 -2.85 -50.55
CA ALA C 330 -25.71 -1.57 -50.37
C ALA C 330 -25.19 -0.80 -49.16
N ILE C 331 -23.87 -0.67 -49.03
CA ILE C 331 -23.26 0.09 -47.94
C ILE C 331 -22.08 0.86 -48.53
N ASP C 332 -22.20 2.18 -48.60
CA ASP C 332 -21.09 3.00 -49.07
C ASP C 332 -19.92 2.88 -48.10
N PRO C 333 -18.82 2.23 -48.50
CA PRO C 333 -17.72 2.06 -47.54
C PRO C 333 -17.14 3.39 -47.07
N ALA C 334 -16.97 4.36 -47.97
CA ALA C 334 -16.34 5.63 -47.60
C ALA C 334 -17.19 6.49 -46.66
N THR C 335 -18.43 6.08 -46.34
CA THR C 335 -19.30 6.84 -45.45
C THR C 335 -19.64 6.09 -44.16
N GLN C 336 -19.07 4.91 -43.93
CA GLN C 336 -19.29 4.17 -42.70
C GLN C 336 -18.22 4.52 -41.68
N ARG C 337 -18.55 4.32 -40.40
CA ARG C 337 -17.62 4.66 -39.34
C ARG C 337 -16.41 3.74 -39.35
N LYS C 338 -15.24 4.32 -39.07
CA LYS C 338 -13.96 3.62 -39.15
C LYS C 338 -13.55 3.08 -37.78
N LYS C 339 -12.74 2.02 -37.79
CA LYS C 339 -12.18 1.48 -36.56
C LYS C 339 -10.96 2.31 -36.15
N VAL C 340 -10.86 2.61 -34.87
CA VAL C 340 -9.82 3.50 -34.35
C VAL C 340 -9.34 2.99 -33.00
N THR C 341 -8.07 3.24 -32.70
CA THR C 341 -7.54 3.09 -31.35
C THR C 341 -7.65 4.42 -30.61
N LEU C 342 -8.23 4.39 -29.40
CA LEU C 342 -8.43 5.58 -28.58
C LEU C 342 -7.40 5.63 -27.47
N ALA C 343 -6.56 6.66 -27.47
CA ALA C 343 -5.58 6.88 -26.41
C ALA C 343 -6.26 7.61 -25.25
N TRP C 344 -6.47 6.93 -24.14
CA TRP C 344 -7.16 7.58 -23.02
C TRP C 344 -6.21 8.52 -22.28
N ASN C 345 -6.80 9.51 -21.63
CA ASN C 345 -6.01 10.54 -20.95
C ASN C 345 -5.49 10.05 -19.61
N GLY C 346 -4.22 10.32 -19.34
CA GLY C 346 -3.61 9.84 -18.11
C GLY C 346 -4.23 10.40 -16.85
N ASP C 347 -4.42 11.72 -16.79
CA ASP C 347 -4.95 12.32 -15.57
C ASP C 347 -6.35 11.81 -15.31
N ASP C 348 -7.14 11.61 -16.37
CA ASP C 348 -8.45 10.98 -16.20
C ASP C 348 -8.31 9.57 -15.64
N MET C 349 -7.31 8.82 -16.11
CA MET C 349 -7.03 7.49 -15.57
C MET C 349 -6.66 7.58 -14.09
N ALA C 350 -5.72 8.49 -13.76
CA ALA C 350 -5.40 8.79 -12.36
C ALA C 350 -6.65 9.15 -11.56
N LYS C 351 -7.50 10.00 -12.13
CA LYS C 351 -8.69 10.42 -11.40
C LYS C 351 -9.62 9.23 -11.16
N ILE C 352 -9.70 8.30 -12.12
CA ILE C 352 -10.55 7.12 -11.93
C ILE C 352 -10.02 6.27 -10.79
N TYR C 353 -8.70 6.09 -10.73
CA TYR C 353 -8.15 5.19 -9.71
C TYR C 353 -8.13 5.86 -8.34
N ALA C 354 -7.84 7.17 -8.30
CA ALA C 354 -7.91 7.90 -7.03
C ALA C 354 -9.22 7.66 -6.31
N SER C 355 -10.34 7.67 -7.04
CA SER C 355 -11.63 7.55 -6.38
C SER C 355 -11.80 6.23 -5.62
N LEU C 356 -10.94 5.24 -5.87
CA LEU C 356 -11.04 3.99 -5.10
C LEU C 356 -10.50 4.15 -3.68
N PHE C 357 -9.61 5.11 -3.46
CA PHE C 357 -9.04 5.38 -2.15
C PHE C 357 -9.62 6.64 -1.50
N ASP C 358 -10.90 6.95 -1.75
CA ASP C 358 -11.55 8.16 -1.21
C ASP C 358 -12.53 7.73 -0.12
N THR C 359 -12.09 7.85 1.13
CA THR C 359 -12.90 7.50 2.29
C THR C 359 -14.18 8.31 2.40
N GLU C 360 -14.33 9.39 1.64
CA GLU C 360 -15.46 10.30 1.82
C GLU C 360 -16.56 10.10 0.78
N ALA C 361 -16.21 10.07 -0.51
CA ALA C 361 -17.20 10.18 -1.58
C ALA C 361 -18.27 9.11 -1.46
N ASP C 362 -19.47 9.44 -1.95
CA ASP C 362 -20.59 8.51 -1.94
C ASP C 362 -20.54 7.53 -3.09
N ALA C 363 -19.61 7.69 -4.02
CA ALA C 363 -19.47 6.80 -5.15
C ALA C 363 -18.08 7.00 -5.73
N HIS C 364 -17.62 6.00 -6.47
CA HIS C 364 -16.33 6.06 -7.15
C HIS C 364 -16.53 5.73 -8.63
N TYR C 365 -15.51 6.01 -9.43
CA TYR C 365 -15.59 5.69 -10.85
C TYR C 365 -15.41 4.18 -11.06
N LYS C 366 -15.99 3.68 -12.16
CA LYS C 366 -15.98 2.25 -12.47
C LYS C 366 -14.58 1.66 -12.34
N PHE C 367 -14.47 0.58 -11.58
CA PHE C 367 -13.20 -0.14 -11.53
C PHE C 367 -12.71 -0.43 -12.93
N PHE C 368 -11.45 -0.08 -13.16
CA PHE C 368 -10.77 -0.23 -14.45
C PHE C 368 -9.60 -1.21 -14.27
N ASP C 369 -9.90 -2.51 -14.37
CA ASP C 369 -8.92 -3.58 -14.15
C ASP C 369 -7.73 -3.44 -15.10
N LEU C 370 -6.61 -4.06 -14.72
CA LEU C 370 -5.43 -3.98 -15.56
C LEU C 370 -4.85 -5.37 -15.84
N PRO C 371 -4.34 -5.61 -17.06
CA PRO C 371 -4.29 -4.60 -18.13
C PRO C 371 -5.47 -4.68 -19.08
N LEU C 372 -6.51 -5.42 -18.72
CA LEU C 372 -7.71 -5.53 -19.52
C LEU C 372 -8.90 -5.13 -18.66
N ALA C 373 -9.73 -4.22 -19.17
CA ALA C 373 -10.77 -3.58 -18.38
C ALA C 373 -12.19 -4.07 -18.70
N ASN C 374 -12.39 -4.80 -19.80
CA ASN C 374 -13.73 -5.21 -20.20
C ASN C 374 -14.42 -5.95 -19.06
N TYR C 375 -15.73 -5.77 -18.94
CA TYR C 375 -16.46 -6.46 -17.89
C TYR C 375 -17.62 -7.30 -18.41
N ALA C 376 -17.73 -7.53 -19.72
CA ALA C 376 -18.75 -8.43 -20.23
C ALA C 376 -18.24 -9.09 -21.51
N ASN C 377 -19.07 -9.99 -22.05
CA ASN C 377 -18.73 -10.67 -23.30
C ASN C 377 -18.78 -9.73 -24.50
N THR C 378 -19.64 -8.70 -24.43
CA THR C 378 -19.74 -7.66 -25.46
C THR C 378 -19.58 -6.29 -24.78
N ASN C 379 -18.62 -5.50 -25.26
CA ASN C 379 -18.33 -4.18 -24.72
C ASN C 379 -18.88 -3.09 -25.63
N ALA C 380 -19.44 -2.05 -25.01
CA ALA C 380 -20.16 -1.01 -25.75
C ALA C 380 -20.21 0.26 -24.91
N ASP C 381 -19.28 1.18 -25.17
CA ASP C 381 -19.20 2.46 -24.49
C ASP C 381 -19.41 3.59 -25.50
N ALA C 382 -20.23 4.57 -25.13
CA ALA C 382 -20.49 5.69 -26.01
C ALA C 382 -19.25 6.57 -26.18
N VAL C 383 -19.06 7.07 -27.39
CA VAL C 383 -18.00 8.01 -27.74
C VAL C 383 -18.68 9.31 -28.21
N LEU C 384 -18.40 10.42 -27.51
CA LEU C 384 -19.18 11.65 -27.68
C LEU C 384 -18.29 12.83 -28.05
N ASP C 385 -18.81 13.69 -28.95
CA ASP C 385 -18.12 14.89 -29.40
C ASP C 385 -18.19 15.98 -28.34
N ALA C 386 -17.57 17.13 -28.64
CA ALA C 386 -17.56 18.27 -27.72
C ALA C 386 -18.98 18.70 -27.35
N ALA C 387 -19.96 18.46 -28.22
CA ALA C 387 -21.35 18.81 -27.94
C ALA C 387 -22.12 17.68 -27.24
N GLY C 388 -21.51 16.51 -27.07
CA GLY C 388 -22.19 15.43 -26.39
C GLY C 388 -23.07 14.57 -27.26
N ASN C 389 -22.78 14.46 -28.55
CA ASN C 389 -23.50 13.57 -29.44
C ASN C 389 -22.73 12.26 -29.60
N VAL C 390 -23.43 11.14 -29.44
CA VAL C 390 -22.86 9.82 -29.68
C VAL C 390 -22.26 9.78 -31.08
N VAL C 391 -20.95 9.57 -31.18
CA VAL C 391 -20.22 9.62 -32.43
C VAL C 391 -19.45 8.34 -32.72
N GLY C 392 -19.57 7.33 -31.87
CA GLY C 392 -18.85 6.08 -32.06
C GLY C 392 -19.21 5.10 -30.97
N MET C 393 -18.56 3.94 -31.01
CA MET C 393 -18.75 2.92 -29.99
C MET C 393 -17.40 2.32 -29.63
N SER C 394 -17.13 2.22 -28.32
CA SER C 394 -15.88 1.66 -27.81
C SER C 394 -16.13 0.22 -27.41
N MET C 395 -15.35 -0.71 -27.98
CA MET C 395 -15.66 -2.13 -27.90
C MET C 395 -14.57 -3.00 -27.29
N PHE C 396 -13.37 -2.49 -27.05
CA PHE C 396 -12.35 -3.26 -26.34
C PHE C 396 -11.39 -2.34 -25.60
N THR C 397 -11.26 -2.53 -24.28
CA THR C 397 -10.64 -1.53 -23.42
C THR C 397 -9.62 -2.13 -22.47
N GLY C 398 -8.42 -1.56 -22.47
CA GLY C 398 -7.42 -1.91 -21.48
C GLY C 398 -6.23 -0.97 -21.39
N TYR C 399 -5.08 -1.49 -20.94
CA TYR C 399 -3.89 -0.69 -20.69
C TYR C 399 -2.68 -1.43 -21.24
N SER C 400 -1.72 -0.66 -21.76
CA SER C 400 -0.50 -1.22 -22.33
C SER C 400 0.68 -0.69 -21.54
N TYR C 401 1.39 -1.60 -20.86
CA TYR C 401 2.62 -1.24 -20.17
C TYR C 401 3.70 -0.78 -21.13
N ASN C 402 3.60 -1.23 -22.39
CA ASN C 402 4.59 -0.84 -23.40
C ASN C 402 4.51 0.65 -23.71
N GLU C 403 3.31 1.18 -23.92
CA GLU C 403 3.15 2.61 -24.18
C GLU C 403 2.82 3.43 -22.94
N LYS C 404 2.61 2.80 -21.77
CA LYS C 404 2.23 3.50 -20.54
C LYS C 404 0.93 4.27 -20.70
N ARG C 405 -0.03 3.69 -21.42
CA ARG C 405 -1.31 4.37 -21.63
C ARG C 405 -2.45 3.38 -21.55
N ALA C 406 -3.57 3.84 -21.03
CA ALA C 406 -4.82 3.12 -21.21
C ALA C 406 -5.29 3.29 -22.65
N LEU C 407 -5.81 2.22 -23.25
CA LEU C 407 -6.18 2.21 -24.65
C LEU C 407 -7.54 1.55 -24.81
N SER C 408 -8.25 1.95 -25.88
CA SER C 408 -9.46 1.26 -26.28
C SER C 408 -9.50 1.15 -27.80
N LEU C 409 -10.32 0.23 -28.28
CA LEU C 409 -10.59 0.09 -29.70
C LEU C 409 -12.05 0.44 -29.96
N ALA C 410 -12.29 1.17 -31.05
CA ALA C 410 -13.61 1.77 -31.25
C ALA C 410 -13.84 2.08 -32.72
N THR C 411 -15.11 2.03 -33.12
CA THR C 411 -15.54 2.44 -34.45
C THR C 411 -16.25 3.79 -34.34
N ILE C 412 -15.75 4.80 -35.07
CA ILE C 412 -16.26 6.16 -34.97
C ILE C 412 -16.41 6.79 -36.36
N ASP C 413 -17.31 7.78 -36.44
CA ASP C 413 -17.69 8.43 -37.70
C ASP C 413 -16.47 8.81 -38.53
N HIS C 414 -16.61 8.68 -39.86
CA HIS C 414 -15.46 8.62 -40.75
C HIS C 414 -14.79 9.97 -40.98
N GLU C 415 -15.44 11.09 -40.63
CA GLU C 415 -14.88 12.40 -40.95
C GLU C 415 -13.87 12.89 -39.90
N ILE C 416 -13.93 12.36 -38.69
CA ILE C 416 -13.09 12.81 -37.56
C ILE C 416 -11.62 12.57 -37.87
N PRO C 417 -10.78 13.59 -37.81
CA PRO C 417 -9.38 13.43 -38.22
C PRO C 417 -8.54 12.78 -37.13
N VAL C 418 -7.28 12.51 -37.48
CA VAL C 418 -6.33 11.90 -36.56
C VAL C 418 -5.82 12.95 -35.59
N GLY C 419 -5.80 12.60 -34.30
CA GLY C 419 -5.43 13.53 -33.27
C GLY C 419 -6.59 14.30 -32.66
N THR C 420 -7.82 13.94 -33.00
CA THR C 420 -8.98 14.68 -32.53
C THR C 420 -9.37 14.17 -31.14
N GLU C 421 -9.33 15.05 -30.14
CA GLU C 421 -9.65 14.66 -28.79
C GLU C 421 -11.16 14.50 -28.65
N LEU C 422 -11.59 13.30 -28.29
CA LEU C 422 -12.98 12.97 -28.01
C LEU C 422 -13.12 12.70 -26.52
N THR C 423 -14.26 12.12 -26.14
CA THR C 423 -14.47 11.64 -24.77
C THR C 423 -15.15 10.28 -24.84
N VAL C 424 -14.79 9.39 -23.91
CA VAL C 424 -15.43 8.08 -23.78
C VAL C 424 -16.12 8.02 -22.43
N LEU C 425 -17.42 7.78 -22.45
CA LEU C 425 -18.22 7.68 -21.23
C LEU C 425 -17.89 6.35 -20.56
N TRP C 426 -17.10 6.41 -19.48
CA TRP C 426 -16.68 5.21 -18.77
C TRP C 426 -17.62 4.95 -17.60
N GLY C 427 -18.31 3.81 -17.63
CA GLY C 427 -19.21 3.41 -16.57
C GLY C 427 -20.63 3.27 -17.08
N GLU C 428 -21.45 2.67 -16.22
CA GLU C 428 -22.87 2.45 -16.49
C GLU C 428 -23.73 3.35 -15.61
N GLU C 429 -24.94 3.61 -16.08
CA GLU C 429 -25.78 4.65 -15.52
C GLU C 429 -26.50 4.18 -14.26
N ASN C 430 -27.01 5.16 -13.49
CA ASN C 430 -27.83 4.95 -12.29
C ASN C 430 -27.19 3.97 -11.30
N GLY C 431 -25.86 3.97 -11.22
CA GLY C 431 -25.18 3.07 -10.30
C GLY C 431 -24.83 1.70 -10.84
N GLY C 432 -24.88 1.51 -12.16
CA GLY C 432 -24.41 0.32 -12.85
C GLY C 432 -25.49 -0.74 -13.02
N THR C 433 -25.32 -1.54 -14.08
CA THR C 433 -26.26 -2.62 -14.34
C THR C 433 -26.19 -3.67 -13.22
N ARG C 434 -27.16 -4.59 -13.24
CA ARG C 434 -27.22 -5.62 -12.21
C ARG C 434 -26.25 -6.77 -12.46
N LYS C 435 -25.34 -6.62 -13.42
CA LYS C 435 -24.36 -7.65 -13.71
C LYS C 435 -23.45 -7.88 -12.52
N THR C 436 -22.97 -9.12 -12.38
CA THR C 436 -22.10 -9.51 -11.28
C THR C 436 -20.68 -8.97 -11.46
N THR C 437 -20.37 -8.40 -12.60
CA THR C 437 -19.11 -7.73 -12.85
C THR C 437 -19.14 -6.25 -12.48
N VAL C 438 -20.29 -5.72 -12.09
CA VAL C 438 -20.48 -4.28 -11.94
C VAL C 438 -20.70 -3.98 -10.46
N GLU C 439 -19.70 -3.35 -9.85
CA GLU C 439 -19.81 -2.79 -8.51
C GLU C 439 -20.45 -1.40 -8.58
N PRO C 440 -21.06 -0.95 -7.49
CA PRO C 440 -21.66 0.40 -7.50
C PRO C 440 -20.61 1.45 -7.85
N HIS C 441 -20.96 2.32 -8.79
CA HIS C 441 -20.01 3.30 -9.30
C HIS C 441 -20.75 4.45 -9.98
N LYS C 442 -19.98 5.49 -10.30
CA LYS C 442 -20.47 6.63 -11.07
C LYS C 442 -19.58 6.80 -12.29
N GLN C 443 -20.17 7.33 -13.37
CA GLN C 443 -19.51 7.35 -14.67
C GLN C 443 -18.54 8.53 -14.77
N MET C 444 -17.86 8.61 -15.90
CA MET C 444 -16.90 9.69 -16.13
C MET C 444 -16.68 9.87 -17.62
N ALA C 445 -16.69 11.13 -18.06
CA ALA C 445 -16.31 11.44 -19.43
C ALA C 445 -14.79 11.45 -19.48
N VAL C 446 -14.21 10.33 -19.93
CA VAL C 446 -12.76 10.22 -20.09
C VAL C 446 -12.37 10.78 -21.45
N ARG C 447 -11.42 11.72 -21.44
CA ARG C 447 -10.86 12.21 -22.70
C ARG C 447 -10.22 11.05 -23.46
N ALA C 448 -10.34 11.07 -24.79
CA ALA C 448 -9.73 10.03 -25.62
C ALA C 448 -9.31 10.66 -26.94
N VAL C 449 -8.09 10.35 -27.38
CA VAL C 449 -7.53 10.90 -28.61
C VAL C 449 -7.63 9.86 -29.73
N VAL C 450 -8.15 10.29 -30.88
CA VAL C 450 -8.20 9.44 -32.07
C VAL C 450 -6.77 9.14 -32.52
N SER C 451 -6.44 7.86 -32.59
CA SER C 451 -5.09 7.41 -32.89
C SER C 451 -5.13 6.32 -33.96
N PRO C 452 -4.02 6.10 -34.67
CA PRO C 452 -3.98 5.03 -35.68
C PRO C 452 -4.22 3.65 -35.05
N VAL C 453 -4.54 2.70 -35.92
CA VAL C 453 -4.74 1.31 -35.52
C VAL C 453 -3.98 0.47 -36.53
N PRO C 454 -2.99 -0.35 -36.11
CA PRO C 454 -2.39 -0.56 -34.78
C PRO C 454 -1.89 0.73 -34.17
N TYR C 455 -2.02 0.88 -32.85
CA TYR C 455 -1.78 2.16 -32.21
C TYR C 455 -0.35 2.66 -32.43
N SER C 456 -0.22 3.95 -32.70
CA SER C 456 1.02 4.69 -32.55
C SER C 456 0.69 5.99 -31.81
N VAL C 457 1.73 6.73 -31.40
CA VAL C 457 1.54 7.89 -30.53
C VAL C 457 1.07 9.05 -31.39
N THR C 458 -0.25 9.26 -31.45
CA THR C 458 -0.84 10.27 -32.32
C THR C 458 -0.46 11.69 -31.90
C01 7WR D . 15.96 24.33 18.63
C03 7WR D . 14.89 26.42 18.17
C04 7WR D . 14.50 27.40 19.06
C05 7WR D . 13.33 28.12 18.87
C06 7WR D . 12.49 27.87 17.79
C07 7WR D . 12.89 26.87 16.89
C09 7WR D . 14.06 26.16 17.08
C11 7WR D . 13.00 29.18 19.94
O02 7WR D . 16.08 25.70 18.36
O08 7WR D . 12.16 26.52 15.76
O10 7WR D . 14.39 25.18 16.14
O12 7WR D . 12.02 29.96 19.79
O13 7WR D . 13.77 29.23 20.96
C TRS E . 1.59 51.01 20.03
C1 TRS E . 0.22 50.34 20.00
C2 TRS E . 1.82 51.60 18.63
C3 TRS E . 2.69 50.00 20.33
N TRS E . 1.59 52.01 21.14
O1 TRS E . 0.09 49.55 18.84
O2 TRS E . 3.18 51.94 18.42
O3 TRS E . 3.85 50.67 20.84
C1 PEG F . 37.48 22.37 5.28
O1 PEG F . 37.11 23.11 6.42
C2 PEG F . 36.65 22.68 4.03
O2 PEG F . 36.62 24.02 3.62
C3 PEG F . 35.94 24.28 2.40
C4 PEG F . 36.50 23.40 1.29
O4 PEG F . 35.87 23.60 0.05
C1 EDO G . 1.23 36.67 18.89
O1 EDO G . 1.01 35.26 19.09
C2 EDO G . 2.51 37.10 19.63
O2 EDO G . 3.67 36.56 18.98
C1 EDO H . 30.77 33.24 25.90
O1 EDO H . 31.77 32.25 25.58
C2 EDO H . 31.12 34.09 27.12
O2 EDO H . 31.99 35.14 26.71
C1 EDO I . 8.58 36.29 30.37
O1 EDO I . 9.76 36.68 29.68
C2 EDO I . 7.37 36.61 29.50
O2 EDO I . 7.52 35.98 28.20
C01 7WR J . -6.33 -19.10 6.22
C03 7WR J . -5.38 -17.77 4.46
C04 7WR J . -4.04 -17.94 4.10
C05 7WR J . -3.26 -16.85 3.73
C06 7WR J . -3.83 -15.59 3.70
C07 7WR J . -5.16 -15.42 4.07
C09 7WR J . -5.94 -16.50 4.44
C11 7WR J . -1.79 -17.04 3.33
O02 7WR J . -6.15 -18.88 4.84
O08 7WR J . -5.72 -14.14 4.05
O10 7WR J . -7.29 -16.30 4.81
O12 7WR J . -1.19 -16.09 2.75
O13 7WR J . -1.18 -18.11 3.62
C TRS K . 13.60 -6.32 -13.41
C1 TRS K . 13.40 -4.87 -12.94
C2 TRS K . 13.31 -7.29 -12.27
C3 TRS K . 15.04 -6.59 -13.80
N TRS K . 12.67 -6.56 -14.52
O1 TRS K . 13.72 -4.73 -11.57
O2 TRS K . 12.18 -6.78 -11.62
O3 TRS K . 15.70 -6.86 -12.58
C1 EDO L . 6.44 -6.25 -0.24
O1 EDO L . 5.85 -6.23 1.09
C2 EDO L . 6.68 -7.68 -0.71
O2 EDO L . 5.45 -8.42 -0.85
C01 7WR M . -7.00 -14.47 -30.64
C03 7WR M . -7.80 -13.56 -28.61
C04 7WR M . -9.07 -13.77 -28.09
C05 7WR M . -9.75 -12.75 -27.44
C06 7WR M . -9.14 -11.50 -27.29
C07 7WR M . -7.86 -11.30 -27.80
C09 7WR M . -7.19 -12.33 -28.45
C11 7WR M . -11.17 -13.04 -26.89
O02 7WR M . -7.12 -14.61 -29.25
O08 7WR M . -7.21 -10.08 -27.67
O10 7WR M . -5.91 -12.08 -28.95
O12 7WR M . -11.94 -12.09 -26.59
O13 7WR M . -11.54 -14.24 -26.76
#